data_7ZDY
#
_entry.id   7ZDY
#
_cell.length_a   178.620
_cell.length_b   97.680
_cell.length_c   100.690
_cell.angle_alpha   90.000
_cell.angle_beta   90.000
_cell.angle_gamma   90.000
#
_symmetry.space_group_name_H-M   'P 21 21 2'
#
loop_
_entity.id
_entity.type
_entity.pdbx_description
1 polymer Beta-xylosidase
2 non-polymer (4S)-2-METHYL-2,4-PENTANEDIOL
3 non-polymer 'methyl beta-D-xylopyranoside'
4 water water
#
_entity_poly.entity_id   1
_entity_poly.type   'polypeptide(L)'
_entity_poly.pdbx_seq_one_letter_code
;MELYRDPSQPIEVRVRDLLSRMTLEEKVAQLGSVWGYELIDERGKFSREKAKELLKNGIGQITRPGGSTNLEPQEAAELV
NEIQRFLVEETRLGIPAMIHEECLTGYMGLGGTNFPQAIAMASTWDPDLIEKMTTAVREDMRKIGAHQGLAPVLDVARDP
RWGRTEETFGESPYLVARMGVSYVKGLQGEDIKKGVVATVKHFAGYSASEGGKNWAPTNIPEREFKEVFLFPFEAAVKEA
NVLSVMNSYSEIDGVPCAANRKLLTDILRKDWGFEGIVVSDYFAVKVLEDYHRIARDKSEAARLALEAGIDVELPKTECY
QYLKDLVEKGIISEALIDEAVTRVLRLKFMLGLFENPYVEVEKAKIESHRDIALEIARKSIILLKNDGILPLQKNKKVAL
IGPNAGEVRNLLGDYMYLAHIRALLDNIDDVFGNPQIPRENYERLKKSIEEHMKSIPSVLDAFKEEGIEFEYAKGCEVTG
EDRSGFEEAIEIAKKSDVAIVVVGDKSGLTLDCTTGESRDMANLKLPGVQEELVLEVAKTGKPVVLVLITGRPYSLKNVV
DKVNAILQVWLPGEAGGRAIVDIIYGKVNPSGKLPISFPRSAGQIPVFHYVKPSGGRSHWHGDYVDESTKPLFPFGHGLS
YTKFEYSNLRIEPKEVPPAGEVVIKVDVENIGDRDGDEVVQLYIGREFASVTRPVKELKGFKRVSLKAKEKKTVVFRLHM
DVLAYYNRDMKLVVEPGEFKVMVGSSSEDIRLTGSFSVVGEKREVVGMRKFFTEACEEAAALEENLYFQGAHHHHHHHHH
H
;
_entity_poly.pdbx_strand_id   W,Y
#
loop_
_chem_comp.id
_chem_comp.type
_chem_comp.name
_chem_comp.formula
6MJ D-saccharide 'methyl beta-D-xylopyranoside' 'C6 H12 O5'
MPD non-polymer (4S)-2-METHYL-2,4-PENTANEDIOL 'C6 H14 O2'
#
# COMPACT_ATOMS: atom_id res chain seq x y z
N MET A 1 -60.62 1.34 -0.13
CA MET A 1 -59.38 0.99 -0.86
C MET A 1 -58.47 0.21 0.10
N GLU A 2 -57.62 -0.66 -0.47
CA GLU A 2 -56.54 -1.31 0.26
C GLU A 2 -55.75 -0.30 1.08
N LEU A 3 -55.30 -0.70 2.29
CA LEU A 3 -54.55 0.24 3.11
C LEU A 3 -53.34 0.81 2.37
N TYR A 4 -52.66 -0.03 1.57
CA TYR A 4 -51.42 0.48 0.99
C TYR A 4 -51.68 1.63 0.03
N ARG A 5 -52.91 1.74 -0.48
CA ARG A 5 -53.22 2.78 -1.46
C ARG A 5 -53.65 4.05 -0.75
N ASP A 6 -53.82 3.99 0.58
CA ASP A 6 -54.45 5.09 1.30
C ASP A 6 -53.39 6.03 1.89
N PRO A 7 -53.22 7.26 1.36
CA PRO A 7 -52.21 8.19 1.87
C PRO A 7 -52.45 8.72 3.29
N SER A 8 -53.65 8.47 3.86
CA SER A 8 -53.88 8.88 5.25
C SER A 8 -53.26 7.92 6.25
N GLN A 9 -52.86 6.73 5.78
CA GLN A 9 -52.26 5.77 6.68
C GLN A 9 -50.76 6.01 6.78
N PRO A 10 -50.15 5.69 7.93
CA PRO A 10 -48.70 5.89 8.09
C PRO A 10 -47.96 4.95 7.14
N ILE A 11 -46.77 5.36 6.71
CA ILE A 11 -46.05 4.60 5.72
C ILE A 11 -45.79 3.17 6.24
N GLU A 12 -45.51 3.00 7.54
CA GLU A 12 -45.22 1.64 8.01
C GLU A 12 -46.41 0.71 7.77
N VAL A 13 -47.63 1.26 7.94
CA VAL A 13 -48.85 0.49 7.75
C VAL A 13 -49.03 0.14 6.27
N ARG A 14 -48.73 1.12 5.38
CA ARG A 14 -48.92 0.87 3.95
C ARG A 14 -47.92 -0.18 3.49
N VAL A 15 -46.67 -0.07 3.98
CA VAL A 15 -45.65 -1.08 3.63
C VAL A 15 -46.08 -2.50 4.05
N ARG A 16 -46.54 -2.64 5.30
N ARG A 16 -46.53 -2.64 5.30
N ARG A 16 -46.53 -2.64 5.28
CA ARG A 16 -46.91 -3.94 5.81
CA ARG A 16 -46.94 -3.92 5.86
CA ARG A 16 -46.92 -3.94 5.82
C ARG A 16 -48.09 -4.50 5.04
C ARG A 16 -48.08 -4.50 5.03
C ARG A 16 -48.09 -4.51 5.02
N ASP A 17 -49.06 -3.64 4.71
CA ASP A 17 -50.23 -4.09 3.96
C ASP A 17 -49.80 -4.55 2.58
N LEU A 18 -48.99 -3.73 1.89
CA LEU A 18 -48.57 -4.12 0.55
C LEU A 18 -47.74 -5.40 0.57
N LEU A 19 -46.79 -5.51 1.52
CA LEU A 19 -45.98 -6.72 1.57
C LEU A 19 -46.84 -7.97 1.78
N SER A 20 -47.88 -7.84 2.60
CA SER A 20 -48.74 -8.99 2.90
C SER A 20 -49.49 -9.46 1.67
N ARG A 21 -49.62 -8.59 0.64
CA ARG A 21 -50.46 -8.89 -0.50
C ARG A 21 -49.63 -9.47 -1.66
N MET A 22 -48.29 -9.45 -1.53
CA MET A 22 -47.44 -9.75 -2.67
C MET A 22 -47.09 -11.23 -2.75
N THR A 23 -46.95 -11.75 -3.97
CA THR A 23 -46.42 -13.09 -4.16
C THR A 23 -44.89 -13.04 -4.04
N LEU A 24 -44.30 -14.22 -3.92
CA LEU A 24 -42.84 -14.30 -3.90
C LEU A 24 -42.23 -13.68 -5.16
N GLU A 25 -42.79 -13.97 -6.34
CA GLU A 25 -42.32 -13.43 -7.59
C GLU A 25 -42.39 -11.90 -7.59
N GLU A 26 -43.50 -11.34 -7.10
CA GLU A 26 -43.60 -9.88 -7.04
C GLU A 26 -42.59 -9.27 -6.06
N LYS A 27 -42.33 -9.95 -4.93
CA LYS A 27 -41.33 -9.45 -3.99
C LYS A 27 -39.96 -9.41 -4.66
N VAL A 28 -39.58 -10.51 -5.29
CA VAL A 28 -38.23 -10.60 -5.86
C VAL A 28 -38.08 -9.55 -6.95
N ALA A 29 -39.17 -9.30 -7.72
CA ALA A 29 -39.10 -8.27 -8.76
C ALA A 29 -38.74 -6.88 -8.23
N GLN A 30 -39.16 -6.56 -7.00
CA GLN A 30 -38.86 -5.25 -6.43
C GLN A 30 -37.37 -5.13 -6.07
N LEU A 31 -36.63 -6.24 -6.12
CA LEU A 31 -35.22 -6.18 -5.77
C LEU A 31 -34.38 -6.12 -7.05
N GLY A 32 -35.03 -5.98 -8.21
CA GLY A 32 -34.25 -5.93 -9.44
C GLY A 32 -34.49 -4.68 -10.26
N SER A 33 -34.08 -4.74 -11.52
CA SER A 33 -33.98 -3.54 -12.34
C SER A 33 -34.01 -3.92 -13.81
N VAL A 34 -34.26 -2.89 -14.62
CA VAL A 34 -34.23 -3.04 -16.09
C VAL A 34 -33.61 -1.76 -16.66
N TRP A 35 -32.82 -1.93 -17.74
CA TRP A 35 -32.29 -0.74 -18.41
C TRP A 35 -33.37 0.06 -19.12
N GLY A 36 -33.24 1.40 -19.11
CA GLY A 36 -34.14 2.25 -19.89
C GLY A 36 -34.19 1.78 -21.36
N TYR A 37 -33.02 1.46 -21.92
CA TYR A 37 -32.97 1.15 -23.36
C TYR A 37 -33.71 -0.14 -23.69
N GLU A 38 -33.97 -1.00 -22.70
CA GLU A 38 -34.66 -2.25 -22.96
C GLU A 38 -36.16 -2.02 -23.11
N LEU A 39 -36.64 -0.80 -22.87
CA LEU A 39 -38.09 -0.53 -22.84
C LEU A 39 -38.51 0.40 -23.96
N ILE A 40 -37.62 0.64 -24.93
CA ILE A 40 -37.96 1.57 -26.01
C ILE A 40 -37.91 0.86 -27.36
N ASP A 41 -38.63 1.43 -28.36
CA ASP A 41 -38.47 1.02 -29.76
C ASP A 41 -37.33 1.81 -30.38
N GLU A 42 -37.09 1.64 -31.68
CA GLU A 42 -35.93 2.25 -32.32
C GLU A 42 -36.07 3.77 -32.43
N ARG A 43 -37.24 4.33 -32.13
CA ARG A 43 -37.38 5.78 -32.15
C ARG A 43 -37.38 6.38 -30.75
N GLY A 44 -37.08 5.55 -29.73
CA GLY A 44 -36.99 6.03 -28.36
C GLY A 44 -38.35 6.23 -27.73
N LYS A 45 -39.37 5.56 -28.27
CA LYS A 45 -40.69 5.61 -27.62
C LYS A 45 -40.93 4.34 -26.80
N PHE A 46 -41.65 4.49 -25.69
CA PHE A 46 -41.97 3.35 -24.84
C PHE A 46 -42.56 2.22 -25.68
N SER A 47 -42.06 1.00 -25.48
CA SER A 47 -42.56 -0.18 -26.16
C SER A 47 -43.34 -1.06 -25.19
N ARG A 48 -44.65 -1.09 -25.35
CA ARG A 48 -45.52 -1.91 -24.52
C ARG A 48 -45.15 -3.38 -24.72
N GLU A 49 -44.74 -3.77 -25.95
CA GLU A 49 -44.44 -5.18 -26.21
C GLU A 49 -43.23 -5.62 -25.35
N LYS A 50 -42.24 -4.71 -25.21
CA LYS A 50 -41.06 -5.07 -24.42
C LYS A 50 -41.39 -5.07 -22.93
N ALA A 51 -42.19 -4.09 -22.49
CA ALA A 51 -42.63 -3.98 -21.11
C ALA A 51 -43.42 -5.22 -20.66
N LYS A 52 -44.30 -5.77 -21.54
CA LYS A 52 -45.13 -6.88 -21.12
C LYS A 52 -44.24 -8.02 -20.59
N GLU A 53 -43.05 -8.20 -21.18
CA GLU A 53 -42.19 -9.29 -20.73
C GLU A 53 -41.39 -8.83 -19.49
N LEU A 54 -40.84 -7.61 -19.51
CA LEU A 54 -39.85 -7.24 -18.48
C LEU A 54 -40.51 -6.69 -17.20
N LEU A 55 -41.69 -6.07 -17.33
CA LEU A 55 -42.28 -5.37 -16.20
C LEU A 55 -43.55 -6.08 -15.69
N LYS A 56 -43.84 -7.28 -16.21
CA LYS A 56 -45.15 -7.89 -15.95
C LYS A 56 -45.43 -8.11 -14.47
N ASN A 57 -44.39 -8.38 -13.67
CA ASN A 57 -44.59 -8.57 -12.25
C ASN A 57 -44.06 -7.37 -11.44
N GLY A 58 -43.96 -6.22 -12.07
CA GLY A 58 -43.42 -5.03 -11.41
C GLY A 58 -41.88 -5.03 -11.47
N ILE A 59 -41.27 -3.96 -10.94
CA ILE A 59 -39.81 -3.83 -10.97
C ILE A 59 -39.37 -2.90 -9.86
N GLY A 60 -38.15 -3.16 -9.34
CA GLY A 60 -37.58 -2.22 -8.37
C GLY A 60 -37.22 -0.88 -9.01
N GLN A 61 -36.22 -0.92 -9.92
CA GLN A 61 -35.75 0.33 -10.51
C GLN A 61 -35.65 0.25 -12.03
N ILE A 62 -35.75 1.42 -12.66
CA ILE A 62 -35.32 1.57 -14.04
C ILE A 62 -33.97 2.24 -14.05
N THR A 63 -33.00 1.61 -14.74
CA THR A 63 -31.64 2.12 -14.79
C THR A 63 -31.53 3.12 -15.96
N ARG A 64 -31.25 4.39 -15.64
CA ARG A 64 -30.87 5.40 -16.63
C ARG A 64 -31.84 5.47 -17.81
N PRO A 65 -33.13 5.78 -17.57
CA PRO A 65 -34.05 6.02 -18.70
C PRO A 65 -33.62 7.17 -19.59
N GLY A 66 -32.93 8.16 -19.02
CA GLY A 66 -32.31 9.21 -19.82
C GLY A 66 -30.88 8.88 -20.24
N GLY A 67 -30.05 8.47 -19.29
CA GLY A 67 -28.66 8.24 -19.59
C GLY A 67 -28.35 7.05 -20.50
N SER A 68 -29.28 6.11 -20.66
CA SER A 68 -28.97 4.93 -21.45
C SER A 68 -29.66 4.91 -22.82
N THR A 69 -30.49 5.93 -23.07
CA THR A 69 -31.35 5.94 -24.25
C THR A 69 -31.00 7.10 -25.20
N ASN A 70 -30.12 8.01 -24.76
CA ASN A 70 -29.75 9.19 -25.55
C ASN A 70 -31.01 9.99 -25.90
N LEU A 71 -32.02 10.02 -25.01
CA LEU A 71 -33.17 10.86 -25.26
C LEU A 71 -32.98 12.25 -24.65
N GLU A 72 -33.58 13.26 -25.29
CA GLU A 72 -33.63 14.59 -24.72
C GLU A 72 -34.56 14.61 -23.53
N PRO A 73 -34.46 15.63 -22.63
CA PRO A 73 -35.24 15.62 -21.40
C PRO A 73 -36.75 15.35 -21.53
N GLN A 74 -37.41 16.02 -22.48
CA GLN A 74 -38.86 15.84 -22.54
C GLN A 74 -39.20 14.43 -23.04
N GLU A 75 -38.36 13.86 -23.91
CA GLU A 75 -38.63 12.52 -24.41
C GLU A 75 -38.35 11.51 -23.28
N ALA A 76 -37.30 11.78 -22.48
CA ALA A 76 -37.02 10.91 -21.34
C ALA A 76 -38.20 10.95 -20.37
N ALA A 77 -38.72 12.15 -20.09
CA ALA A 77 -39.88 12.28 -19.18
C ALA A 77 -41.08 11.50 -19.71
N GLU A 78 -41.29 11.59 -21.04
CA GLU A 78 -42.43 10.88 -21.64
C GLU A 78 -42.23 9.37 -21.47
N LEU A 79 -40.98 8.88 -21.67
CA LEU A 79 -40.72 7.46 -21.54
C LEU A 79 -40.97 7.02 -20.09
N VAL A 80 -40.48 7.82 -19.14
CA VAL A 80 -40.67 7.44 -17.75
C VAL A 80 -42.16 7.45 -17.38
N ASN A 81 -42.93 8.45 -17.85
CA ASN A 81 -44.35 8.46 -17.53
C ASN A 81 -45.03 7.24 -18.13
N GLU A 82 -44.61 6.80 -19.32
CA GLU A 82 -45.26 5.63 -19.89
C GLU A 82 -44.90 4.34 -19.12
N ILE A 83 -43.62 4.24 -18.68
CA ILE A 83 -43.22 3.13 -17.84
C ILE A 83 -44.09 3.10 -16.58
N GLN A 84 -44.19 4.26 -15.91
CA GLN A 84 -44.96 4.32 -14.67
C GLN A 84 -46.43 3.95 -14.95
N ARG A 85 -46.99 4.46 -16.06
CA ARG A 85 -48.40 4.17 -16.27
C ARG A 85 -48.58 2.67 -16.50
N PHE A 86 -47.67 2.03 -17.24
CA PHE A 86 -47.75 0.57 -17.40
C PHE A 86 -47.71 -0.15 -16.04
N LEU A 87 -46.77 0.26 -15.16
CA LEU A 87 -46.71 -0.36 -13.84
C LEU A 87 -47.96 -0.10 -13.02
N VAL A 88 -48.47 1.13 -13.05
CA VAL A 88 -49.57 1.52 -12.18
C VAL A 88 -50.84 0.83 -12.68
N GLU A 89 -50.98 0.74 -14.00
CA GLU A 89 -52.29 0.37 -14.55
C GLU A 89 -52.31 -1.06 -15.07
N GLU A 90 -51.15 -1.66 -15.38
CA GLU A 90 -51.18 -2.98 -16.01
C GLU A 90 -50.40 -4.04 -15.23
N THR A 91 -50.04 -3.75 -13.98
CA THR A 91 -49.56 -4.85 -13.14
C THR A 91 -50.61 -5.10 -12.04
N ARG A 92 -50.59 -6.30 -11.44
CA ARG A 92 -51.61 -6.60 -10.43
C ARG A 92 -51.68 -5.57 -9.29
N LEU A 93 -50.51 -5.18 -8.72
CA LEU A 93 -50.54 -4.38 -7.50
C LEU A 93 -50.25 -2.90 -7.78
N GLY A 94 -49.77 -2.57 -8.99
CA GLY A 94 -49.62 -1.15 -9.36
C GLY A 94 -48.46 -0.45 -8.64
N ILE A 95 -47.41 -1.19 -8.30
CA ILE A 95 -46.28 -0.56 -7.65
C ILE A 95 -45.45 0.18 -8.70
N PRO A 96 -45.22 1.50 -8.53
CA PRO A 96 -44.41 2.25 -9.48
C PRO A 96 -42.91 1.92 -9.35
N ALA A 97 -42.13 2.35 -10.35
CA ALA A 97 -40.69 2.11 -10.29
C ALA A 97 -40.00 3.29 -9.63
N MET A 98 -38.82 3.04 -9.05
CA MET A 98 -37.88 4.14 -8.78
C MET A 98 -36.96 4.26 -9.98
N ILE A 99 -36.65 5.49 -10.42
CA ILE A 99 -35.73 5.71 -11.53
C ILE A 99 -34.40 6.23 -10.97
N HIS A 100 -33.29 5.64 -11.45
CA HIS A 100 -32.01 6.26 -11.10
C HIS A 100 -31.31 6.75 -12.36
N GLU A 101 -30.41 7.73 -12.17
CA GLU A 101 -29.49 8.19 -13.20
C GLU A 101 -28.14 8.45 -12.55
N GLU A 102 -27.08 8.54 -13.36
CA GLU A 102 -25.86 9.13 -12.84
C GLU A 102 -26.04 10.64 -12.73
N CYS A 103 -25.43 11.28 -11.71
CA CYS A 103 -25.56 12.73 -11.62
C CYS A 103 -24.36 13.38 -10.92
N LEU A 104 -23.21 12.69 -10.88
CA LEU A 104 -22.06 13.21 -10.11
C LEU A 104 -21.80 14.67 -10.46
N THR A 105 -21.65 14.94 -11.78
CA THR A 105 -21.31 16.29 -12.24
C THR A 105 -22.55 16.86 -12.95
N GLY A 106 -23.72 16.57 -12.39
CA GLY A 106 -25.00 16.93 -12.99
C GLY A 106 -25.61 15.69 -13.63
N TYR A 107 -26.93 15.75 -13.77
CA TYR A 107 -27.66 14.70 -14.49
C TYR A 107 -26.88 14.29 -15.74
N MET A 108 -26.57 12.99 -15.83
CA MET A 108 -25.77 12.49 -16.93
C MET A 108 -26.70 11.99 -18.04
N GLY A 109 -27.13 12.95 -18.87
CA GLY A 109 -28.00 12.67 -20.01
C GLY A 109 -28.00 13.93 -20.88
N LEU A 110 -28.56 13.82 -22.08
CA LEU A 110 -28.62 14.97 -22.97
C LEU A 110 -29.40 16.09 -22.28
N GLY A 111 -28.89 17.33 -22.43
CA GLY A 111 -29.63 18.51 -22.00
C GLY A 111 -29.23 19.01 -20.61
N GLY A 112 -28.43 18.23 -19.87
CA GLY A 112 -28.02 18.62 -18.52
C GLY A 112 -26.68 19.35 -18.54
N THR A 113 -26.52 20.33 -17.64
CA THR A 113 -25.26 21.07 -17.50
C THR A 113 -24.13 20.13 -17.09
N ASN A 114 -22.94 20.34 -17.66
CA ASN A 114 -21.73 19.62 -17.26
C ASN A 114 -20.97 20.45 -16.24
N PHE A 115 -21.17 20.16 -14.94
CA PHE A 115 -20.45 20.88 -13.90
C PHE A 115 -19.01 20.39 -13.78
N PRO A 116 -18.08 21.16 -13.20
CA PRO A 116 -16.71 20.67 -13.00
C PRO A 116 -16.71 19.35 -12.21
N GLN A 117 -15.63 18.56 -12.41
CA GLN A 117 -15.54 17.25 -11.76
C GLN A 117 -15.50 17.40 -10.24
N ALA A 118 -15.76 16.27 -9.55
CA ALA A 118 -15.79 16.26 -8.09
C ALA A 118 -14.50 16.77 -7.46
N ILE A 119 -13.36 16.44 -8.06
CA ILE A 119 -12.10 16.86 -7.46
C ILE A 119 -11.98 18.39 -7.57
N ALA A 120 -12.63 18.98 -8.61
CA ALA A 120 -12.69 20.44 -8.70
C ALA A 120 -13.66 20.98 -7.65
N MET A 121 -14.83 20.33 -7.47
CA MET A 121 -15.73 20.75 -6.40
C MET A 121 -15.01 20.84 -5.05
N ALA A 122 -14.23 19.79 -4.74
CA ALA A 122 -13.51 19.83 -3.47
C ALA A 122 -12.51 20.97 -3.40
N SER A 123 -11.87 21.25 -4.54
CA SER A 123 -10.85 22.30 -4.57
C SER A 123 -11.46 23.68 -4.29
N THR A 124 -12.79 23.85 -4.40
CA THR A 124 -13.40 25.11 -3.99
C THR A 124 -13.37 25.31 -2.48
N TRP A 125 -13.32 24.21 -1.70
CA TRP A 125 -13.51 24.29 -0.25
C TRP A 125 -14.75 25.12 0.09
N ASP A 126 -15.81 24.96 -0.72
CA ASP A 126 -17.01 25.77 -0.56
C ASP A 126 -18.23 24.85 -0.50
N PRO A 127 -18.47 24.21 0.65
CA PRO A 127 -19.56 23.24 0.74
C PRO A 127 -20.93 23.84 0.44
N ASP A 128 -21.16 25.09 0.84
CA ASP A 128 -22.44 25.68 0.48
C ASP A 128 -22.66 25.78 -1.02
N LEU A 129 -21.60 26.07 -1.81
CA LEU A 129 -21.74 26.17 -3.24
C LEU A 129 -22.07 24.80 -3.82
N ILE A 130 -21.47 23.75 -3.26
CA ILE A 130 -21.78 22.41 -3.74
C ILE A 130 -23.23 22.03 -3.40
N GLU A 131 -23.72 22.45 -2.23
CA GLU A 131 -25.14 22.25 -1.89
C GLU A 131 -26.06 23.00 -2.88
N LYS A 132 -25.62 24.20 -3.32
CA LYS A 132 -26.40 24.96 -4.29
C LYS A 132 -26.44 24.20 -5.62
N MET A 133 -25.26 23.70 -6.03
CA MET A 133 -25.18 22.87 -7.22
C MET A 133 -26.15 21.69 -7.17
N THR A 134 -26.12 20.89 -6.09
CA THR A 134 -26.94 19.68 -6.11
C THR A 134 -28.44 20.00 -5.88
N THR A 135 -28.75 21.15 -5.29
CA THR A 135 -30.14 21.60 -5.26
C THR A 135 -30.64 21.87 -6.68
N ALA A 136 -29.77 22.39 -7.56
CA ALA A 136 -30.16 22.55 -8.97
C ALA A 136 -30.27 21.20 -9.68
N VAL A 137 -29.33 20.28 -9.39
CA VAL A 137 -29.39 18.97 -10.02
C VAL A 137 -30.69 18.25 -9.59
N ARG A 138 -31.05 18.42 -8.31
CA ARG A 138 -32.30 17.83 -7.82
C ARG A 138 -33.49 18.20 -8.73
N GLU A 139 -33.58 19.49 -9.07
CA GLU A 139 -34.73 19.96 -9.86
C GLU A 139 -34.65 19.39 -11.28
N ASP A 140 -33.44 19.32 -11.86
CA ASP A 140 -33.25 18.75 -13.20
C ASP A 140 -33.74 17.30 -13.21
N MET A 141 -33.36 16.56 -12.15
CA MET A 141 -33.67 15.14 -12.10
C MET A 141 -35.18 14.93 -11.94
N ARG A 142 -35.80 15.66 -11.02
CA ARG A 142 -37.21 15.45 -10.75
C ARG A 142 -38.03 15.82 -11.98
N LYS A 143 -37.50 16.73 -12.83
CA LYS A 143 -38.28 17.15 -14.01
C LYS A 143 -38.46 15.99 -14.97
N ILE A 144 -37.50 15.07 -14.99
CA ILE A 144 -37.56 13.99 -15.97
C ILE A 144 -38.07 12.70 -15.32
N GLY A 145 -38.47 12.77 -14.03
CA GLY A 145 -39.05 11.60 -13.36
C GLY A 145 -37.99 10.72 -12.69
N ALA A 146 -36.77 11.25 -12.48
CA ALA A 146 -35.70 10.48 -11.83
C ALA A 146 -35.74 10.73 -10.32
N HIS A 147 -35.53 9.66 -9.53
CA HIS A 147 -35.70 9.78 -8.09
C HIS A 147 -34.39 9.56 -7.34
N GLN A 148 -33.35 9.06 -8.01
CA GLN A 148 -32.15 8.67 -7.29
C GLN A 148 -30.97 9.01 -8.18
N GLY A 149 -29.98 9.69 -7.60
CA GLY A 149 -28.74 9.92 -8.35
C GLY A 149 -27.60 9.11 -7.75
N LEU A 150 -26.74 8.54 -8.60
CA LEU A 150 -25.68 7.67 -8.05
C LEU A 150 -24.45 8.50 -7.71
N ALA A 151 -24.61 9.36 -6.69
CA ALA A 151 -23.51 10.24 -6.30
C ALA A 151 -23.86 10.70 -4.88
N PRO A 152 -22.91 11.19 -4.06
CA PRO A 152 -21.51 11.44 -4.46
C PRO A 152 -20.56 10.29 -4.18
N VAL A 153 -19.35 10.39 -4.75
CA VAL A 153 -18.29 9.44 -4.43
C VAL A 153 -17.62 9.93 -3.15
N LEU A 154 -17.61 9.08 -2.08
CA LEU A 154 -16.99 9.45 -0.81
C LEU A 154 -15.71 8.65 -0.59
N ASP A 155 -15.20 8.00 -1.64
CA ASP A 155 -13.93 7.31 -1.55
C ASP A 155 -12.81 8.34 -1.29
N VAL A 156 -11.98 8.07 -0.29
CA VAL A 156 -10.87 8.94 0.06
C VAL A 156 -9.63 8.51 -0.74
N ALA A 157 -9.09 9.46 -1.53
CA ALA A 157 -8.05 9.11 -2.50
C ALA A 157 -6.69 9.60 -2.04
N ARG A 158 -5.77 8.65 -1.82
CA ARG A 158 -4.37 8.99 -1.57
C ARG A 158 -3.47 8.33 -2.60
N ASP A 159 -4.08 7.78 -3.67
CA ASP A 159 -3.23 7.11 -4.67
C ASP A 159 -3.62 7.66 -6.05
N PRO A 160 -2.91 8.69 -6.54
CA PRO A 160 -3.26 9.32 -7.81
C PRO A 160 -3.03 8.48 -9.05
N ARG A 161 -2.41 7.29 -8.92
CA ARG A 161 -2.42 6.37 -10.05
C ARG A 161 -3.84 6.03 -10.46
N TRP A 162 -4.75 5.98 -9.46
CA TRP A 162 -6.08 5.45 -9.71
C TRP A 162 -6.87 6.38 -10.62
N GLY A 163 -7.47 5.81 -11.67
CA GLY A 163 -8.14 6.62 -12.68
C GLY A 163 -9.39 7.33 -12.19
N ARG A 164 -9.92 6.94 -11.01
CA ARG A 164 -11.15 7.57 -10.52
C ARG A 164 -10.85 8.63 -9.48
N THR A 165 -9.57 9.04 -9.35
CA THR A 165 -9.22 10.14 -8.46
C THR A 165 -10.11 11.36 -8.74
N GLU A 166 -10.34 11.66 -10.02
CA GLU A 166 -11.10 12.85 -10.42
C GLU A 166 -12.52 12.84 -9.86
N GLU A 167 -13.09 11.62 -9.61
CA GLU A 167 -14.47 11.58 -9.11
C GLU A 167 -14.54 11.73 -7.57
N THR A 168 -13.39 11.86 -6.91
CA THR A 168 -13.36 11.93 -5.44
C THR A 168 -13.23 13.38 -5.00
N PHE A 169 -13.36 13.57 -3.69
CA PHE A 169 -13.11 14.88 -3.08
C PHE A 169 -11.71 14.95 -2.46
N GLY A 170 -10.85 14.02 -2.85
CA GLY A 170 -9.44 14.04 -2.44
C GLY A 170 -9.07 13.22 -1.20
N GLU A 171 -7.96 13.61 -0.58
CA GLU A 171 -7.27 12.72 0.37
C GLU A 171 -7.77 12.86 1.82
N SER A 172 -8.53 13.92 2.15
CA SER A 172 -8.77 14.23 3.55
C SER A 172 -10.12 13.70 4.00
N PRO A 173 -10.21 12.81 5.00
CA PRO A 173 -11.53 12.31 5.42
C PRO A 173 -12.45 13.48 5.86
N TYR A 174 -11.84 14.49 6.49
CA TYR A 174 -12.65 15.64 6.92
C TYR A 174 -13.24 16.39 5.72
N LEU A 175 -12.39 16.76 4.74
CA LEU A 175 -12.93 17.55 3.64
C LEU A 175 -13.90 16.68 2.81
N VAL A 176 -13.54 15.41 2.59
CA VAL A 176 -14.46 14.52 1.86
C VAL A 176 -15.81 14.45 2.57
N ALA A 177 -15.76 14.25 3.89
CA ALA A 177 -17.02 14.12 4.64
C ALA A 177 -17.82 15.43 4.54
N ARG A 178 -17.13 16.58 4.67
CA ARG A 178 -17.88 17.85 4.74
C ARG A 178 -18.46 18.18 3.37
N MET A 179 -17.70 17.95 2.29
CA MET A 179 -18.26 18.22 0.96
C MET A 179 -19.38 17.21 0.70
N GLY A 180 -19.19 15.96 1.15
CA GLY A 180 -20.20 14.92 0.92
C GLY A 180 -21.55 15.25 1.57
N VAL A 181 -21.53 15.79 2.79
CA VAL A 181 -22.78 16.05 3.49
C VAL A 181 -23.52 17.20 2.78
N SER A 182 -22.77 18.22 2.32
CA SER A 182 -23.41 19.30 1.56
C SER A 182 -23.99 18.79 0.25
N TYR A 183 -23.22 17.95 -0.43
CA TYR A 183 -23.69 17.35 -1.69
C TYR A 183 -25.02 16.62 -1.46
N VAL A 184 -25.05 15.72 -0.48
CA VAL A 184 -26.25 14.94 -0.17
C VAL A 184 -27.43 15.85 0.20
N LYS A 185 -27.18 16.85 1.06
CA LYS A 185 -28.25 17.71 1.53
C LYS A 185 -28.87 18.45 0.35
N GLY A 186 -28.06 18.87 -0.64
CA GLY A 186 -28.64 19.57 -1.77
C GLY A 186 -29.51 18.63 -2.61
N LEU A 187 -29.03 17.41 -2.85
CA LEU A 187 -29.81 16.53 -3.70
C LEU A 187 -31.11 16.14 -3.01
N GLN A 188 -31.04 15.76 -1.73
CA GLN A 188 -32.21 15.17 -1.07
C GLN A 188 -33.21 16.22 -0.59
N GLY A 189 -32.72 17.36 -0.06
CA GLY A 189 -33.56 18.32 0.63
C GLY A 189 -34.14 17.72 1.93
N GLU A 190 -35.17 18.35 2.50
CA GLU A 190 -35.65 17.88 3.81
C GLU A 190 -36.71 16.79 3.63
N ASP A 191 -37.61 16.99 2.67
CA ASP A 191 -38.65 15.98 2.42
C ASP A 191 -38.35 15.31 1.10
N ILE A 192 -38.00 14.02 1.10
CA ILE A 192 -37.52 13.35 -0.10
C ILE A 192 -38.62 13.23 -1.15
N LYS A 193 -39.90 13.39 -0.78
CA LYS A 193 -40.92 13.41 -1.81
C LYS A 193 -40.70 14.55 -2.80
N LYS A 194 -39.92 15.57 -2.38
CA LYS A 194 -39.66 16.69 -3.29
C LYS A 194 -38.20 16.68 -3.75
N GLY A 195 -37.46 15.61 -3.42
CA GLY A 195 -36.02 15.62 -3.66
C GLY A 195 -35.57 14.36 -4.41
N VAL A 196 -34.27 14.14 -4.35
CA VAL A 196 -33.66 13.04 -5.08
C VAL A 196 -32.80 12.29 -4.07
N VAL A 197 -32.98 10.95 -4.04
CA VAL A 197 -32.16 10.11 -3.16
C VAL A 197 -30.71 10.19 -3.61
N ALA A 198 -29.79 10.52 -2.68
CA ALA A 198 -28.36 10.47 -2.98
C ALA A 198 -27.85 9.07 -2.69
N THR A 199 -26.75 8.71 -3.39
CA THR A 199 -26.20 7.36 -3.25
C THR A 199 -24.71 7.54 -3.01
N VAL A 200 -24.31 7.38 -1.75
CA VAL A 200 -22.89 7.47 -1.46
C VAL A 200 -22.19 6.19 -1.91
N LYS A 201 -21.04 6.36 -2.56
CA LYS A 201 -20.34 5.23 -3.11
C LYS A 201 -18.83 5.46 -2.99
N HIS A 202 -17.99 4.40 -3.00
CA HIS A 202 -18.33 2.99 -3.21
C HIS A 202 -17.95 2.29 -1.90
N PHE A 203 -18.97 1.85 -1.15
CA PHE A 203 -18.75 1.45 0.25
C PHE A 203 -18.07 0.08 0.38
N ALA A 204 -16.82 0.01 0.91
CA ALA A 204 -15.94 1.14 1.23
C ALA A 204 -14.51 0.69 1.02
N GLY A 205 -13.61 1.65 0.73
CA GLY A 205 -12.18 1.32 0.59
C GLY A 205 -11.72 1.31 -0.88
N TYR A 206 -12.62 1.57 -1.82
CA TYR A 206 -12.45 1.30 -3.26
C TYR A 206 -11.31 2.11 -3.88
N SER A 207 -10.99 3.27 -3.24
CA SER A 207 -9.91 4.15 -3.70
C SER A 207 -8.52 3.71 -3.21
N ALA A 208 -8.41 2.59 -2.49
CA ALA A 208 -7.09 2.16 -1.98
C ALA A 208 -6.70 0.80 -2.52
N SER A 209 -6.96 0.55 -3.80
CA SER A 209 -6.64 -0.75 -4.37
C SER A 209 -5.13 -0.92 -4.50
N GLU A 210 -4.74 -2.20 -4.45
CA GLU A 210 -3.36 -2.62 -4.65
C GLU A 210 -2.83 -1.95 -5.93
N GLY A 211 -1.72 -1.21 -5.77
CA GLY A 211 -1.05 -0.61 -6.95
C GLY A 211 -1.87 0.48 -7.66
N GLY A 212 -2.98 0.94 -7.05
CA GLY A 212 -3.84 1.95 -7.70
C GLY A 212 -4.68 1.35 -8.81
N LYS A 213 -4.86 0.01 -8.83
CA LYS A 213 -5.48 -0.67 -9.97
C LYS A 213 -6.97 -0.90 -9.74
N ASN A 214 -7.78 -0.52 -10.73
CA ASN A 214 -9.24 -0.60 -10.56
C ASN A 214 -9.70 -2.03 -10.25
N TRP A 215 -10.54 -2.15 -9.19
CA TRP A 215 -11.15 -3.35 -8.63
C TRP A 215 -10.15 -4.21 -7.86
N ALA A 216 -8.87 -3.81 -7.73
CA ALA A 216 -7.91 -4.70 -7.08
C ALA A 216 -8.10 -4.62 -5.55
N PRO A 217 -7.53 -5.56 -4.76
CA PRO A 217 -7.86 -5.63 -3.34
C PRO A 217 -7.55 -4.34 -2.62
N THR A 218 -8.42 -4.00 -1.66
CA THR A 218 -8.25 -2.81 -0.84
C THR A 218 -8.04 -3.26 0.60
N ASN A 219 -6.76 -3.46 0.95
CA ASN A 219 -6.46 -4.22 2.16
C ASN A 219 -6.10 -3.28 3.29
N ILE A 220 -7.12 -2.90 4.05
CA ILE A 220 -7.00 -1.75 4.95
C ILE A 220 -7.29 -2.30 6.35
N PRO A 221 -6.44 -2.02 7.36
CA PRO A 221 -6.67 -2.48 8.72
C PRO A 221 -7.74 -1.61 9.39
N GLU A 222 -8.18 -2.06 10.58
CA GLU A 222 -9.44 -1.57 11.14
C GLU A 222 -9.44 -0.11 11.55
N ARG A 223 -8.41 0.40 12.29
CA ARG A 223 -8.50 1.78 12.74
C ARG A 223 -8.46 2.71 11.52
N GLU A 224 -7.55 2.42 10.56
CA GLU A 224 -7.47 3.27 9.37
C GLU A 224 -8.79 3.17 8.61
N PHE A 225 -9.37 1.96 8.58
CA PHE A 225 -10.64 1.81 7.87
C PHE A 225 -11.72 2.72 8.45
N LYS A 226 -11.84 2.70 9.79
CA LYS A 226 -12.86 3.49 10.45
C LYS A 226 -12.58 4.97 10.35
N GLU A 227 -11.32 5.40 10.53
CA GLU A 227 -11.02 6.83 10.61
C GLU A 227 -10.87 7.50 9.24
N VAL A 228 -10.37 6.77 8.23
CA VAL A 228 -10.15 7.38 6.92
C VAL A 228 -11.32 7.04 5.98
N PHE A 229 -11.57 5.75 5.77
CA PHE A 229 -12.46 5.35 4.68
C PHE A 229 -13.94 5.43 5.09
N LEU A 230 -14.27 4.91 6.27
CA LEU A 230 -15.69 4.85 6.65
C LEU A 230 -16.22 6.21 7.06
N PHE A 231 -15.36 7.03 7.68
CA PHE A 231 -15.77 8.27 8.32
C PHE A 231 -16.68 9.12 7.41
N PRO A 232 -16.33 9.42 6.14
CA PRO A 232 -17.23 10.27 5.36
C PRO A 232 -18.60 9.61 5.17
N PHE A 233 -18.63 8.27 4.99
CA PHE A 233 -19.94 7.62 4.83
C PHE A 233 -20.73 7.71 6.14
N GLU A 234 -20.03 7.59 7.27
CA GLU A 234 -20.67 7.65 8.60
C GLU A 234 -21.35 9.02 8.75
N ALA A 235 -20.64 10.09 8.35
CA ALA A 235 -21.19 11.44 8.42
C ALA A 235 -22.38 11.56 7.48
N ALA A 236 -22.28 10.97 6.28
CA ALA A 236 -23.39 11.11 5.32
C ALA A 236 -24.64 10.41 5.88
N VAL A 237 -24.42 9.25 6.51
CA VAL A 237 -25.56 8.50 7.07
C VAL A 237 -26.16 9.25 8.27
N LYS A 238 -25.32 9.68 9.19
CA LYS A 238 -25.84 10.17 10.47
C LYS A 238 -26.20 11.65 10.38
N GLU A 239 -25.39 12.46 9.70
CA GLU A 239 -25.67 13.89 9.69
C GLU A 239 -26.53 14.30 8.49
N ALA A 240 -26.33 13.67 7.34
CA ALA A 240 -27.06 14.07 6.14
C ALA A 240 -28.22 13.12 5.81
N ASN A 241 -28.43 12.07 6.62
CA ASN A 241 -29.56 11.15 6.43
C ASN A 241 -29.61 10.63 4.98
N VAL A 242 -28.45 10.25 4.43
CA VAL A 242 -28.40 9.77 3.06
C VAL A 242 -29.27 8.52 2.91
N LEU A 243 -30.00 8.40 1.76
CA LEU A 243 -30.97 7.32 1.65
C LEU A 243 -30.53 6.15 0.79
N SER A 244 -29.34 6.24 0.17
CA SER A 244 -28.83 5.05 -0.52
C SER A 244 -27.31 4.97 -0.38
N VAL A 245 -26.81 3.73 -0.42
CA VAL A 245 -25.38 3.43 -0.41
C VAL A 245 -25.14 2.39 -1.50
N MET A 246 -24.04 2.54 -2.26
CA MET A 246 -23.67 1.54 -3.26
C MET A 246 -22.36 0.90 -2.76
N ASN A 247 -22.20 -0.44 -2.95
CA ASN A 247 -20.98 -1.11 -2.48
C ASN A 247 -19.80 -0.93 -3.44
N SER A 248 -18.61 -1.32 -2.92
CA SER A 248 -17.36 -1.35 -3.68
C SER A 248 -17.17 -2.69 -4.41
N TYR A 249 -16.63 -2.59 -5.65
CA TYR A 249 -16.27 -3.79 -6.41
C TYR A 249 -15.17 -4.62 -5.77
N SER A 250 -14.37 -3.98 -4.90
CA SER A 250 -13.15 -4.65 -4.42
C SER A 250 -13.41 -5.54 -3.21
N GLU A 251 -12.47 -6.47 -2.99
CA GLU A 251 -12.40 -7.19 -1.75
C GLU A 251 -11.64 -6.35 -0.73
N ILE A 252 -11.97 -6.57 0.54
CA ILE A 252 -11.12 -6.11 1.65
C ILE A 252 -10.58 -7.40 2.28
N ASP A 253 -9.28 -7.67 2.06
CA ASP A 253 -8.59 -8.73 2.79
C ASP A 253 -9.35 -10.06 2.65
N GLY A 254 -9.73 -10.42 1.42
CA GLY A 254 -10.31 -11.74 1.14
C GLY A 254 -11.84 -11.73 0.99
N VAL A 255 -12.51 -10.61 1.35
CA VAL A 255 -13.98 -10.58 1.35
C VAL A 255 -14.43 -9.48 0.40
N PRO A 256 -15.02 -9.82 -0.77
CA PRO A 256 -15.66 -8.82 -1.64
C PRO A 256 -16.71 -8.04 -0.87
N CYS A 257 -16.73 -6.71 -1.06
CA CYS A 257 -17.70 -5.90 -0.32
C CYS A 257 -19.16 -6.29 -0.65
N ALA A 258 -19.43 -6.74 -1.89
CA ALA A 258 -20.81 -7.14 -2.22
C ALA A 258 -21.23 -8.43 -1.48
N ALA A 259 -20.30 -9.15 -0.88
CA ALA A 259 -20.64 -10.36 -0.12
C ALA A 259 -20.36 -10.19 1.37
N ASN A 260 -20.20 -8.94 1.85
CA ASN A 260 -19.71 -8.75 3.21
C ASN A 260 -20.84 -8.21 4.11
N ARG A 261 -21.48 -9.12 4.88
CA ARG A 261 -22.56 -8.71 5.77
C ARG A 261 -22.00 -7.86 6.91
N LYS A 262 -20.73 -8.14 7.31
CA LYS A 262 -20.19 -7.34 8.39
C LYS A 262 -20.09 -5.86 8.00
N LEU A 263 -19.90 -5.59 6.69
CA LEU A 263 -19.80 -4.22 6.23
C LEU A 263 -21.18 -3.65 5.87
N LEU A 264 -21.92 -4.29 4.96
CA LEU A 264 -23.13 -3.65 4.43
C LEU A 264 -24.31 -3.70 5.40
N THR A 265 -24.27 -4.63 6.38
CA THR A 265 -25.33 -4.69 7.40
C THR A 265 -24.78 -4.27 8.78
N ASP A 266 -23.74 -4.95 9.28
CA ASP A 266 -23.39 -4.75 10.70
C ASP A 266 -22.90 -3.33 10.98
N ILE A 267 -22.05 -2.79 10.09
CA ILE A 267 -21.60 -1.41 10.29
C ILE A 267 -22.72 -0.47 9.84
N LEU A 268 -23.16 -0.62 8.57
CA LEU A 268 -23.99 0.42 7.99
C LEU A 268 -25.38 0.49 8.63
N ARG A 269 -26.03 -0.67 8.81
N ARG A 269 -26.03 -0.67 8.81
CA ARG A 269 -27.37 -0.68 9.36
CA ARG A 269 -27.37 -0.69 9.36
C ARG A 269 -27.38 -0.76 10.88
C ARG A 269 -27.38 -0.76 10.88
N LYS A 270 -26.67 -1.75 11.44
CA LYS A 270 -26.72 -1.99 12.88
C LYS A 270 -26.00 -0.90 13.64
N ASP A 271 -24.72 -0.67 13.32
CA ASP A 271 -23.98 0.30 14.15
C ASP A 271 -24.43 1.72 13.84
N TRP A 272 -24.69 2.05 12.55
CA TRP A 272 -24.90 3.47 12.21
C TRP A 272 -26.36 3.82 12.06
N GLY A 273 -27.23 2.80 11.92
CA GLY A 273 -28.65 3.13 11.88
C GLY A 273 -29.15 3.53 10.49
N PHE A 274 -28.44 3.16 9.42
CA PHE A 274 -28.89 3.52 8.06
C PHE A 274 -30.25 2.84 7.78
N GLU A 275 -31.19 3.62 7.19
CA GLU A 275 -32.53 3.07 6.99
C GLU A 275 -32.92 3.01 5.51
N GLY A 276 -32.00 3.37 4.61
CA GLY A 276 -32.35 3.44 3.19
C GLY A 276 -32.06 2.14 2.46
N ILE A 277 -31.77 2.24 1.15
CA ILE A 277 -31.51 1.03 0.38
C ILE A 277 -30.03 0.95 0.00
N VAL A 278 -29.53 -0.29 0.00
CA VAL A 278 -28.22 -0.53 -0.59
C VAL A 278 -28.43 -1.06 -2.01
N VAL A 279 -27.82 -0.35 -2.95
CA VAL A 279 -27.88 -0.80 -4.35
C VAL A 279 -26.52 -1.37 -4.73
N SER A 280 -26.52 -2.39 -5.59
CA SER A 280 -25.23 -2.95 -5.99
C SER A 280 -24.54 -1.98 -6.94
N ASP A 281 -23.19 -1.96 -6.93
CA ASP A 281 -22.52 -1.43 -8.11
C ASP A 281 -22.88 -2.32 -9.32
N TYR A 282 -22.72 -1.77 -10.53
CA TYR A 282 -23.27 -2.45 -11.71
C TYR A 282 -22.60 -3.81 -11.90
N PHE A 283 -23.42 -4.89 -11.92
CA PHE A 283 -22.93 -6.25 -12.09
C PHE A 283 -22.13 -6.72 -10.87
N ALA A 284 -22.10 -5.95 -9.76
CA ALA A 284 -21.28 -6.37 -8.61
C ALA A 284 -21.75 -7.72 -8.04
N VAL A 285 -23.05 -8.05 -8.13
CA VAL A 285 -23.53 -9.35 -7.64
C VAL A 285 -23.01 -10.47 -8.56
N LYS A 286 -23.25 -10.33 -9.88
CA LYS A 286 -22.79 -11.35 -10.81
C LYS A 286 -21.29 -11.61 -10.71
N VAL A 287 -20.48 -10.57 -10.53
CA VAL A 287 -19.05 -10.83 -10.60
C VAL A 287 -18.50 -11.43 -9.30
N LEU A 288 -19.34 -11.64 -8.26
CA LEU A 288 -18.91 -12.51 -7.16
C LEU A 288 -18.54 -13.89 -7.70
N GLU A 289 -19.22 -14.30 -8.78
CA GLU A 289 -18.85 -15.53 -9.48
C GLU A 289 -17.72 -15.23 -10.49
N ASP A 290 -18.01 -14.36 -11.46
CA ASP A 290 -17.17 -14.31 -12.64
C ASP A 290 -15.77 -13.76 -12.35
N TYR A 291 -15.66 -12.83 -11.39
CA TYR A 291 -14.40 -12.14 -11.19
C TYR A 291 -13.74 -12.60 -9.88
N HIS A 292 -14.46 -12.54 -8.74
CA HIS A 292 -13.83 -12.90 -7.47
C HIS A 292 -13.78 -14.42 -7.26
N ARG A 293 -14.61 -15.19 -7.97
CA ARG A 293 -14.55 -16.67 -7.92
C ARG A 293 -14.90 -17.18 -6.53
N ILE A 294 -15.89 -16.54 -5.86
CA ILE A 294 -16.36 -17.08 -4.57
C ILE A 294 -17.81 -17.56 -4.63
N ALA A 295 -18.45 -17.43 -5.78
CA ALA A 295 -19.79 -17.97 -5.92
C ALA A 295 -19.78 -18.91 -7.11
N ARG A 296 -20.39 -20.09 -6.97
CA ARG A 296 -20.28 -21.14 -7.98
C ARG A 296 -21.29 -20.95 -9.10
N ASP A 297 -22.34 -20.17 -8.86
CA ASP A 297 -23.33 -19.92 -9.89
C ASP A 297 -24.09 -18.65 -9.51
N LYS A 298 -25.02 -18.23 -10.37
CA LYS A 298 -25.74 -16.98 -10.12
C LYS A 298 -26.61 -17.05 -8.87
N SER A 299 -27.12 -18.23 -8.51
CA SER A 299 -27.94 -18.30 -7.31
C SER A 299 -27.08 -18.13 -6.04
N GLU A 300 -25.85 -18.66 -6.05
CA GLU A 300 -25.02 -18.45 -4.87
C GLU A 300 -24.59 -16.98 -4.76
N ALA A 301 -24.31 -16.37 -5.93
CA ALA A 301 -23.98 -14.95 -5.92
C ALA A 301 -25.15 -14.15 -5.34
N ALA A 302 -26.39 -14.50 -5.75
CA ALA A 302 -27.55 -13.81 -5.23
C ALA A 302 -27.64 -13.98 -3.71
N ARG A 303 -27.44 -15.22 -3.23
N ARG A 303 -27.44 -15.22 -3.23
CA ARG A 303 -27.58 -15.45 -1.80
CA ARG A 303 -27.57 -15.46 -1.80
C ARG A 303 -26.54 -14.63 -1.04
C ARG A 303 -26.54 -14.63 -1.04
N LEU A 304 -25.28 -14.64 -1.50
CA LEU A 304 -24.23 -13.90 -0.78
C LEU A 304 -24.58 -12.41 -0.71
N ALA A 305 -25.06 -11.85 -1.84
CA ALA A 305 -25.36 -10.41 -1.87
C ALA A 305 -26.56 -10.04 -1.00
N LEU A 306 -27.61 -10.89 -1.01
CA LEU A 306 -28.79 -10.56 -0.21
C LEU A 306 -28.44 -10.69 1.29
N GLU A 307 -27.72 -11.77 1.64
CA GLU A 307 -27.32 -11.91 3.05
C GLU A 307 -26.41 -10.75 3.47
N ALA A 308 -25.60 -10.25 2.52
CA ALA A 308 -24.69 -9.16 2.89
C ALA A 308 -25.49 -7.90 3.17
N GLY A 309 -26.59 -7.70 2.45
CA GLY A 309 -27.44 -6.53 2.64
C GLY A 309 -27.65 -5.69 1.38
N ILE A 310 -27.37 -6.24 0.18
CA ILE A 310 -27.74 -5.52 -1.03
C ILE A 310 -29.25 -5.70 -1.25
N ASP A 311 -29.97 -4.58 -1.38
CA ASP A 311 -31.42 -4.60 -1.59
C ASP A 311 -31.79 -4.62 -3.07
N VAL A 312 -31.02 -3.95 -3.94
CA VAL A 312 -31.39 -3.89 -5.34
C VAL A 312 -30.19 -4.25 -6.21
N GLU A 313 -30.38 -5.23 -7.08
CA GLU A 313 -29.35 -5.63 -8.03
C GLU A 313 -29.44 -4.70 -9.25
N LEU A 314 -28.33 -4.00 -9.53
CA LEU A 314 -28.24 -3.11 -10.68
C LEU A 314 -27.16 -3.61 -11.63
N PRO A 315 -27.18 -3.25 -12.94
CA PRO A 315 -28.20 -2.37 -13.54
C PRO A 315 -29.38 -3.10 -14.18
N LYS A 316 -29.34 -4.45 -14.14
CA LYS A 316 -30.44 -5.28 -14.61
C LYS A 316 -30.49 -6.52 -13.75
N THR A 317 -31.72 -7.00 -13.51
CA THR A 317 -31.85 -8.27 -12.81
C THR A 317 -31.09 -9.37 -13.56
N GLU A 318 -30.28 -10.10 -12.81
CA GLU A 318 -29.49 -11.16 -13.41
C GLU A 318 -29.42 -12.29 -12.38
N CYS A 319 -28.80 -12.03 -11.23
CA CYS A 319 -28.75 -13.09 -10.24
C CYS A 319 -30.00 -13.08 -9.36
N TYR A 320 -30.57 -11.89 -9.08
CA TYR A 320 -31.62 -11.79 -8.07
C TYR A 320 -32.92 -12.47 -8.49
N GLN A 321 -33.05 -12.81 -9.77
CA GLN A 321 -34.23 -13.61 -10.14
C GLN A 321 -34.20 -14.98 -9.48
N TYR A 322 -33.00 -15.50 -9.18
CA TYR A 322 -32.87 -16.81 -8.53
C TYR A 322 -33.22 -16.80 -7.04
N LEU A 323 -33.49 -15.61 -6.46
CA LEU A 323 -33.92 -15.60 -5.07
C LEU A 323 -35.26 -16.34 -4.96
N LYS A 324 -36.09 -16.28 -6.01
CA LYS A 324 -37.37 -16.99 -5.92
C LYS A 324 -37.10 -18.48 -5.76
N ASP A 325 -36.26 -19.02 -6.61
CA ASP A 325 -35.88 -20.43 -6.57
C ASP A 325 -35.23 -20.78 -5.22
N LEU A 326 -34.38 -19.89 -4.70
CA LEU A 326 -33.73 -20.18 -3.43
C LEU A 326 -34.75 -20.32 -2.29
N VAL A 327 -35.80 -19.50 -2.31
CA VAL A 327 -36.83 -19.63 -1.31
C VAL A 327 -37.61 -20.92 -1.53
N GLU A 328 -38.04 -21.14 -2.79
CA GLU A 328 -38.88 -22.30 -3.08
C GLU A 328 -38.14 -23.61 -2.77
N LYS A 329 -36.81 -23.61 -2.88
CA LYS A 329 -36.00 -24.77 -2.61
C LYS A 329 -35.57 -24.84 -1.14
N GLY A 330 -36.05 -23.89 -0.32
CA GLY A 330 -35.72 -23.92 1.10
C GLY A 330 -34.25 -23.71 1.43
N ILE A 331 -33.57 -22.87 0.63
CA ILE A 331 -32.18 -22.52 0.86
C ILE A 331 -32.07 -21.23 1.66
N ILE A 332 -32.94 -20.26 1.40
CA ILE A 332 -33.02 -19.04 2.20
C ILE A 332 -34.47 -18.84 2.62
N SER A 333 -34.67 -18.07 3.68
CA SER A 333 -36.00 -17.84 4.23
C SER A 333 -36.61 -16.65 3.48
N GLU A 334 -37.90 -16.73 3.18
CA GLU A 334 -38.62 -15.60 2.59
C GLU A 334 -38.56 -14.39 3.51
N ALA A 335 -38.34 -14.57 4.85
CA ALA A 335 -38.29 -13.43 5.76
C ALA A 335 -37.14 -12.49 5.34
N LEU A 336 -36.06 -13.05 4.81
CA LEU A 336 -34.90 -12.24 4.45
C LEU A 336 -35.21 -11.42 3.20
N ILE A 337 -35.98 -12.00 2.27
CA ILE A 337 -36.47 -11.27 1.11
C ILE A 337 -37.41 -10.16 1.60
N ASP A 338 -38.31 -10.47 2.57
CA ASP A 338 -39.24 -9.47 3.06
C ASP A 338 -38.50 -8.27 3.61
N GLU A 339 -37.37 -8.51 4.28
CA GLU A 339 -36.65 -7.42 4.93
C GLU A 339 -36.15 -6.44 3.84
N ALA A 340 -35.65 -6.99 2.72
CA ALA A 340 -35.14 -6.15 1.63
C ALA A 340 -36.31 -5.43 0.94
N VAL A 341 -37.37 -6.19 0.68
CA VAL A 341 -38.52 -5.57 0.00
C VAL A 341 -39.08 -4.42 0.84
N THR A 342 -39.17 -4.59 2.17
CA THR A 342 -39.66 -3.57 3.07
C THR A 342 -38.86 -2.28 2.86
N ARG A 343 -37.52 -2.39 2.78
CA ARG A 343 -36.71 -1.18 2.61
C ARG A 343 -37.02 -0.45 1.29
N VAL A 344 -37.17 -1.21 0.21
CA VAL A 344 -37.44 -0.63 -1.10
C VAL A 344 -38.86 0.00 -1.10
N LEU A 345 -39.86 -0.71 -0.59
CA LEU A 345 -41.22 -0.16 -0.62
C LEU A 345 -41.30 1.09 0.24
N ARG A 346 -40.65 1.09 1.42
N ARG A 346 -40.65 1.08 1.43
CA ARG A 346 -40.71 2.25 2.30
CA ARG A 346 -40.67 2.23 2.32
C ARG A 346 -40.25 3.48 1.52
C ARG A 346 -40.24 3.47 1.53
N LEU A 347 -39.10 3.35 0.84
CA LEU A 347 -38.54 4.50 0.13
C LEU A 347 -39.45 4.93 -1.02
N LYS A 348 -40.08 3.97 -1.70
CA LYS A 348 -41.02 4.35 -2.74
C LYS A 348 -42.20 5.11 -2.18
N PHE A 349 -42.72 4.70 -1.02
CA PHE A 349 -43.78 5.49 -0.40
C PHE A 349 -43.28 6.89 -0.02
N MET A 350 -42.10 6.95 0.61
CA MET A 350 -41.55 8.24 1.00
C MET A 350 -41.36 9.20 -0.19
N LEU A 351 -41.00 8.66 -1.36
CA LEU A 351 -40.81 9.49 -2.55
C LEU A 351 -42.14 9.99 -3.14
N GLY A 352 -43.28 9.54 -2.58
CA GLY A 352 -44.58 10.01 -3.03
C GLY A 352 -45.10 9.27 -4.27
N LEU A 353 -44.49 8.13 -4.58
CA LEU A 353 -44.74 7.55 -5.90
C LEU A 353 -46.13 6.91 -5.97
N PHE A 354 -46.68 6.49 -4.81
CA PHE A 354 -47.97 5.83 -4.88
C PHE A 354 -49.07 6.91 -4.96
N GLU A 355 -48.72 8.17 -4.66
CA GLU A 355 -49.68 9.27 -4.79
C GLU A 355 -49.55 9.89 -6.17
N ASN A 356 -48.31 10.07 -6.65
CA ASN A 356 -48.19 10.64 -7.98
C ASN A 356 -46.85 10.25 -8.60
N PRO A 357 -46.83 9.25 -9.49
CA PRO A 357 -45.58 8.84 -10.11
C PRO A 357 -45.28 9.55 -11.42
N TYR A 358 -46.15 10.48 -11.83
CA TYR A 358 -45.95 11.11 -13.14
C TYR A 358 -45.34 12.52 -13.03
N VAL A 359 -44.78 12.97 -14.16
CA VAL A 359 -44.31 14.36 -14.26
C VAL A 359 -45.01 15.05 -15.43
N GLU A 360 -45.06 16.38 -15.39
CA GLU A 360 -45.56 17.16 -16.52
C GLU A 360 -44.48 17.30 -17.58
N VAL A 361 -44.74 16.64 -18.71
CA VAL A 361 -43.77 16.62 -19.79
C VAL A 361 -43.53 18.04 -20.29
N GLU A 362 -44.58 18.89 -20.26
CA GLU A 362 -44.44 20.26 -20.74
C GLU A 362 -43.43 21.02 -19.89
N LYS A 363 -43.18 20.56 -18.65
CA LYS A 363 -42.22 21.25 -17.79
C LYS A 363 -40.86 20.53 -17.76
N ALA A 364 -40.69 19.50 -18.57
CA ALA A 364 -39.50 18.67 -18.43
C ALA A 364 -38.27 19.28 -19.11
N LYS A 365 -38.29 20.58 -19.44
CA LYS A 365 -37.15 21.19 -20.08
C LYS A 365 -36.14 21.59 -19.01
N ILE A 366 -34.96 20.99 -19.11
CA ILE A 366 -33.93 21.26 -18.12
C ILE A 366 -33.26 22.58 -18.40
N GLU A 367 -33.13 23.43 -17.36
CA GLU A 367 -32.51 24.74 -17.50
C GLU A 367 -31.00 24.59 -17.42
N SER A 368 -30.29 25.50 -18.10
CA SER A 368 -28.85 25.60 -17.99
C SER A 368 -28.46 26.10 -16.60
N HIS A 369 -27.45 25.46 -15.97
CA HIS A 369 -26.86 26.00 -14.76
C HIS A 369 -25.41 26.40 -15.00
N ARG A 370 -25.15 26.97 -16.19
N ARG A 370 -25.14 26.97 -16.19
CA ARG A 370 -23.81 27.46 -16.50
CA ARG A 370 -23.81 27.47 -16.51
C ARG A 370 -23.32 28.45 -15.45
C ARG A 370 -23.32 28.45 -15.44
N ASP A 371 -24.24 29.25 -14.89
CA ASP A 371 -23.88 30.19 -13.83
C ASP A 371 -23.21 29.50 -12.63
N ILE A 372 -23.83 28.44 -12.12
CA ILE A 372 -23.26 27.72 -10.98
C ILE A 372 -21.97 27.02 -11.44
N ALA A 373 -22.00 26.44 -12.63
CA ALA A 373 -20.80 25.75 -13.14
C ALA A 373 -19.60 26.72 -13.22
N LEU A 374 -19.86 27.96 -13.68
CA LEU A 374 -18.78 28.94 -13.80
C LEU A 374 -18.27 29.34 -12.42
N GLU A 375 -19.16 29.44 -11.42
CA GLU A 375 -18.73 29.84 -10.08
C GLU A 375 -17.80 28.74 -9.53
N ILE A 376 -18.19 27.48 -9.74
CA ILE A 376 -17.36 26.38 -9.25
C ILE A 376 -16.02 26.38 -10.01
N ALA A 377 -16.07 26.55 -11.34
CA ALA A 377 -14.83 26.55 -12.13
C ALA A 377 -13.91 27.69 -11.68
N ARG A 378 -14.49 28.88 -11.46
CA ARG A 378 -13.67 30.01 -11.05
C ARG A 378 -13.04 29.84 -9.67
N LYS A 379 -13.74 29.12 -8.76
CA LYS A 379 -13.22 28.92 -7.42
C LYS A 379 -12.36 27.65 -7.31
N SER A 380 -12.39 26.77 -8.32
CA SER A 380 -11.70 25.48 -8.18
C SER A 380 -10.27 25.49 -8.76
N ILE A 381 -9.98 26.40 -9.71
CA ILE A 381 -8.66 26.39 -10.34
C ILE A 381 -7.62 26.77 -9.30
N ILE A 382 -6.49 26.02 -9.30
CA ILE A 382 -5.49 26.27 -8.26
C ILE A 382 -4.23 26.86 -8.90
N LEU A 383 -3.75 27.95 -8.30
CA LEU A 383 -2.47 28.52 -8.71
C LEU A 383 -1.39 27.78 -7.93
N LEU A 384 -0.68 26.85 -8.61
CA LEU A 384 0.31 26.06 -7.90
C LEU A 384 1.62 26.80 -7.79
N LYS A 385 1.96 27.56 -8.85
CA LYS A 385 3.23 28.30 -8.85
C LYS A 385 3.00 29.60 -9.60
N ASN A 386 3.64 30.67 -9.11
CA ASN A 386 3.60 31.90 -9.88
C ASN A 386 4.82 32.75 -9.49
N ASP A 387 5.76 32.93 -10.40
CA ASP A 387 6.91 33.78 -10.10
C ASP A 387 6.57 35.25 -10.33
N GLY A 388 5.34 35.58 -10.72
CA GLY A 388 4.93 36.97 -10.94
C GLY A 388 4.45 37.20 -12.36
N ILE A 389 4.63 36.21 -13.25
CA ILE A 389 4.14 36.33 -14.61
C ILE A 389 2.63 36.51 -14.66
N LEU A 390 1.90 35.86 -13.71
CA LEU A 390 0.46 36.01 -13.73
C LEU A 390 0.04 37.04 -12.67
N PRO A 391 -1.02 37.84 -12.90
CA PRO A 391 -1.81 37.77 -14.13
C PRO A 391 -1.12 38.47 -15.33
N LEU A 392 -1.45 37.99 -16.53
CA LEU A 392 -0.89 38.55 -17.77
C LEU A 392 -1.59 39.86 -18.10
N GLN A 393 -0.88 40.74 -18.82
CA GLN A 393 -1.53 41.90 -19.41
C GLN A 393 -2.17 41.52 -20.75
N LYS A 394 -3.25 42.21 -21.09
CA LYS A 394 -4.02 41.86 -22.28
C LYS A 394 -3.29 42.23 -23.58
N ASN A 395 -2.25 43.07 -23.51
CA ASN A 395 -1.55 43.53 -24.71
C ASN A 395 -0.39 42.59 -25.08
N LYS A 396 -0.18 41.49 -24.34
CA LYS A 396 0.94 40.58 -24.65
C LYS A 396 0.49 39.61 -25.74
N LYS A 397 1.39 39.36 -26.70
CA LYS A 397 1.08 38.41 -27.75
C LYS A 397 1.29 36.99 -27.20
N VAL A 398 0.29 36.12 -27.39
CA VAL A 398 0.32 34.81 -26.73
C VAL A 398 0.56 33.74 -27.80
N ALA A 399 1.46 32.79 -27.51
CA ALA A 399 1.54 31.52 -28.23
C ALA A 399 0.76 30.50 -27.39
N LEU A 400 -0.42 30.09 -27.87
CA LEU A 400 -1.29 29.17 -27.17
C LEU A 400 -1.02 27.80 -27.76
N ILE A 401 -0.55 26.88 -26.91
CA ILE A 401 0.07 25.65 -27.41
C ILE A 401 -0.53 24.50 -26.60
N GLY A 402 -0.84 23.40 -27.29
CA GLY A 402 -1.00 22.14 -26.56
C GLY A 402 -2.35 21.51 -26.88
N PRO A 403 -2.49 20.17 -26.70
CA PRO A 403 -3.72 19.49 -27.11
C PRO A 403 -4.94 19.95 -26.33
N ASN A 404 -4.74 20.38 -25.07
CA ASN A 404 -5.91 20.68 -24.26
C ASN A 404 -6.34 22.15 -24.43
N ALA A 405 -5.62 22.91 -25.26
CA ALA A 405 -6.01 24.30 -25.56
C ALA A 405 -7.06 24.31 -26.64
N GLY A 406 -7.02 23.29 -27.51
CA GLY A 406 -7.85 23.23 -28.69
C GLY A 406 -9.08 22.32 -28.59
N GLU A 407 -9.05 21.29 -27.73
CA GLU A 407 -10.02 20.20 -27.85
C GLU A 407 -10.99 20.22 -26.67
N VAL A 408 -12.25 20.58 -26.93
CA VAL A 408 -13.27 20.80 -25.91
C VAL A 408 -13.60 19.47 -25.23
N ARG A 409 -13.45 18.34 -25.97
CA ARG A 409 -13.79 17.01 -25.46
C ARG A 409 -12.95 16.72 -24.21
N ASN A 410 -11.76 17.29 -24.18
CA ASN A 410 -10.81 16.99 -23.11
C ASN A 410 -11.07 17.83 -21.86
N LEU A 411 -12.06 18.73 -21.92
CA LEU A 411 -12.45 19.45 -20.71
C LEU A 411 -13.41 18.57 -19.88
N LEU A 412 -13.87 17.44 -20.44
CA LEU A 412 -14.98 16.72 -19.84
C LEU A 412 -14.42 15.61 -18.93
N GLY A 413 -15.18 15.31 -17.86
CA GLY A 413 -14.83 14.25 -16.92
C GLY A 413 -15.58 12.97 -17.25
N ASP A 414 -15.22 11.88 -16.55
CA ASP A 414 -15.63 10.53 -16.95
C ASP A 414 -17.13 10.26 -16.75
N TYR A 415 -17.83 11.09 -15.93
CA TYR A 415 -19.27 10.96 -15.73
C TYR A 415 -20.04 12.16 -16.31
N MET A 416 -19.37 12.91 -17.19
CA MET A 416 -20.08 13.91 -17.97
C MET A 416 -20.58 13.22 -19.24
N TYR A 417 -21.87 13.37 -19.54
CA TYR A 417 -22.54 12.49 -20.50
C TYR A 417 -21.81 12.38 -21.84
N LEU A 418 -21.38 13.52 -22.41
CA LEU A 418 -20.76 13.48 -23.73
C LEU A 418 -19.34 12.90 -23.75
N ALA A 419 -18.71 12.72 -22.58
CA ALA A 419 -17.51 11.88 -22.51
C ALA A 419 -17.89 10.43 -22.20
N HIS A 420 -18.82 10.25 -21.22
CA HIS A 420 -19.05 8.91 -20.65
C HIS A 420 -19.59 7.97 -21.73
N ILE A 421 -20.49 8.50 -22.55
CA ILE A 421 -21.30 7.61 -23.39
C ILE A 421 -20.46 7.11 -24.57
N ARG A 422 -19.30 7.72 -24.80
CA ARG A 422 -18.38 7.31 -25.86
C ARG A 422 -17.90 5.87 -25.66
N ALA A 423 -17.91 5.38 -24.39
CA ALA A 423 -17.57 4.00 -24.06
C ALA A 423 -18.37 3.01 -24.90
N LEU A 424 -19.59 3.39 -25.34
CA LEU A 424 -20.38 2.55 -26.23
C LEU A 424 -19.79 2.55 -27.65
N LEU A 425 -19.06 3.61 -28.04
CA LEU A 425 -18.38 3.64 -29.32
C LEU A 425 -17.01 2.95 -29.19
N GLU A 443 -23.97 4.31 -35.31
CA GLU A 443 -23.55 5.53 -36.06
C GLU A 443 -24.48 6.70 -35.68
N ARG A 444 -25.72 6.40 -35.30
CA ARG A 444 -26.69 7.45 -34.95
C ARG A 444 -26.25 8.14 -33.66
N LEU A 445 -25.61 7.37 -32.77
CA LEU A 445 -25.12 7.87 -31.48
C LEU A 445 -23.88 8.75 -31.66
N LYS A 446 -22.96 8.31 -32.55
CA LYS A 446 -21.75 9.07 -32.88
C LYS A 446 -22.10 10.48 -33.36
N LYS A 447 -23.07 10.58 -34.28
CA LYS A 447 -23.53 11.84 -34.84
C LYS A 447 -24.20 12.73 -33.79
N SER A 448 -24.98 12.13 -32.86
CA SER A 448 -25.68 12.90 -31.84
C SER A 448 -24.71 13.54 -30.86
N ILE A 449 -23.66 12.78 -30.47
CA ILE A 449 -22.61 13.27 -29.55
C ILE A 449 -21.89 14.46 -30.19
N GLU A 450 -21.44 14.27 -31.45
CA GLU A 450 -20.69 15.26 -32.22
C GLU A 450 -21.50 16.57 -32.29
N GLU A 451 -22.83 16.45 -32.55
CA GLU A 451 -23.70 17.63 -32.62
C GLU A 451 -23.70 18.39 -31.29
N HIS A 452 -23.89 17.62 -30.20
CA HIS A 452 -24.06 18.21 -28.89
C HIS A 452 -22.75 18.83 -28.40
N MET A 453 -21.64 18.22 -28.79
CA MET A 453 -20.31 18.73 -28.44
C MET A 453 -20.16 20.17 -28.89
N LYS A 454 -20.71 20.50 -30.08
CA LYS A 454 -20.63 21.80 -30.75
C LYS A 454 -21.01 22.95 -29.81
N SER A 455 -21.93 22.69 -28.87
CA SER A 455 -22.49 23.78 -28.08
C SER A 455 -21.61 24.15 -26.89
N ILE A 456 -20.55 23.37 -26.62
CA ILE A 456 -19.70 23.63 -25.46
C ILE A 456 -18.55 24.55 -25.85
N PRO A 457 -18.36 25.69 -25.17
CA PRO A 457 -17.23 26.59 -25.47
C PRO A 457 -15.86 26.01 -25.24
N SER A 458 -14.92 26.43 -26.10
CA SER A 458 -13.54 25.97 -26.14
C SER A 458 -12.67 26.93 -25.34
N VAL A 459 -11.46 26.51 -24.95
CA VAL A 459 -10.44 27.42 -24.44
C VAL A 459 -10.09 28.46 -25.50
N LEU A 460 -9.98 28.01 -26.76
CA LEU A 460 -9.74 28.91 -27.89
C LEU A 460 -10.79 30.01 -27.93
N ASP A 461 -12.06 29.60 -27.85
CA ASP A 461 -13.19 30.53 -27.86
C ASP A 461 -13.05 31.56 -26.76
N ALA A 462 -12.56 31.14 -25.58
CA ALA A 462 -12.50 32.08 -24.48
C ALA A 462 -11.42 33.14 -24.75
N PHE A 463 -10.29 32.72 -25.31
CA PHE A 463 -9.24 33.66 -25.65
C PHE A 463 -9.73 34.65 -26.71
N LYS A 464 -10.48 34.16 -27.70
CA LYS A 464 -10.95 35.01 -28.78
C LYS A 464 -11.96 36.01 -28.23
N GLU A 465 -12.87 35.52 -27.38
CA GLU A 465 -13.90 36.34 -26.77
C GLU A 465 -13.27 37.46 -25.93
N GLU A 466 -12.13 37.19 -25.29
CA GLU A 466 -11.49 38.17 -24.42
C GLU A 466 -10.72 39.19 -25.27
N GLY A 467 -10.57 38.91 -26.56
CA GLY A 467 -9.90 39.85 -27.46
C GLY A 467 -8.38 39.75 -27.45
N ILE A 468 -7.82 38.60 -27.05
CA ILE A 468 -6.38 38.46 -26.96
C ILE A 468 -5.80 38.23 -28.35
N GLU A 469 -4.62 38.81 -28.62
CA GLU A 469 -3.91 38.46 -29.83
C GLU A 469 -3.09 37.20 -29.59
N PHE A 470 -3.43 36.12 -30.31
CA PHE A 470 -2.69 34.89 -30.08
C PHE A 470 -2.60 34.11 -31.39
N GLU A 471 -1.60 33.22 -31.44
CA GLU A 471 -1.59 32.15 -32.42
C GLU A 471 -1.70 30.81 -31.68
N TYR A 472 -2.29 29.81 -32.33
CA TYR A 472 -2.48 28.52 -31.69
C TYR A 472 -1.66 27.47 -32.45
N ALA A 473 -0.93 26.62 -31.73
CA ALA A 473 -0.27 25.45 -32.30
C ALA A 473 -0.65 24.26 -31.40
N LYS A 474 -1.14 23.17 -32.00
CA LYS A 474 -1.55 22.03 -31.17
C LYS A 474 -0.37 21.45 -30.41
N GLY A 475 0.79 21.40 -31.05
CA GLY A 475 2.00 20.93 -30.42
C GLY A 475 2.13 19.39 -30.46
N CYS A 476 1.17 18.68 -29.84
CA CYS A 476 1.18 17.23 -29.85
C CYS A 476 -0.21 16.73 -29.49
N GLU A 477 -0.45 15.41 -29.63
CA GLU A 477 -1.71 14.85 -29.16
C GLU A 477 -1.59 14.54 -27.68
N VAL A 478 -2.72 14.18 -27.06
CA VAL A 478 -2.67 13.77 -25.67
C VAL A 478 -1.88 12.48 -25.54
N THR A 479 -2.08 11.53 -26.46
CA THR A 479 -1.33 10.27 -26.36
C THR A 479 -0.44 10.07 -27.59
N GLY A 480 0.41 9.03 -27.52
CA GLY A 480 1.27 8.69 -28.66
C GLY A 480 2.62 9.36 -28.52
N GLU A 481 3.49 9.22 -29.53
CA GLU A 481 4.85 9.71 -29.42
C GLU A 481 5.23 10.64 -30.56
N ASP A 482 4.24 11.07 -31.35
CA ASP A 482 4.49 11.92 -32.52
C ASP A 482 4.94 13.31 -32.07
N ARG A 483 6.16 13.71 -32.46
CA ARG A 483 6.71 15.03 -32.12
C ARG A 483 6.76 15.97 -33.32
N SER A 484 6.01 15.66 -34.39
CA SER A 484 6.10 16.42 -35.64
C SER A 484 5.48 17.81 -35.53
N GLY A 485 4.62 18.02 -34.52
CA GLY A 485 3.99 19.32 -34.28
C GLY A 485 4.84 20.25 -33.43
N PHE A 486 5.99 19.77 -32.93
CA PHE A 486 6.78 20.55 -31.99
C PHE A 486 7.34 21.80 -32.68
N GLU A 487 7.80 21.66 -33.94
CA GLU A 487 8.49 22.76 -34.62
C GLU A 487 7.58 23.98 -34.71
N GLU A 488 6.33 23.74 -35.15
CA GLU A 488 5.36 24.82 -35.29
C GLU A 488 5.14 25.52 -33.95
N ALA A 489 4.95 24.74 -32.87
CA ALA A 489 4.78 25.31 -31.54
C ALA A 489 5.98 26.15 -31.09
N ILE A 490 7.20 25.64 -31.29
CA ILE A 490 8.40 26.36 -30.88
C ILE A 490 8.50 27.65 -31.70
N GLU A 491 8.11 27.59 -32.99
CA GLU A 491 8.23 28.75 -33.85
C GLU A 491 7.28 29.87 -33.43
N ILE A 492 6.02 29.53 -33.07
CA ILE A 492 5.10 30.56 -32.59
C ILE A 492 5.54 31.06 -31.22
N ALA A 493 6.11 30.19 -30.38
CA ALA A 493 6.61 30.65 -29.08
C ALA A 493 7.68 31.75 -29.27
N LYS A 494 8.62 31.49 -30.18
CA LYS A 494 9.73 32.40 -30.40
C LYS A 494 9.26 33.79 -30.80
N LYS A 495 8.10 33.89 -31.49
CA LYS A 495 7.65 35.21 -31.91
C LYS A 495 6.59 35.80 -30.99
N SER A 496 6.41 35.22 -29.79
CA SER A 496 5.36 35.72 -28.91
C SER A 496 5.99 36.38 -27.69
N ASP A 497 5.18 37.00 -26.84
CA ASP A 497 5.64 37.52 -25.56
C ASP A 497 5.62 36.43 -24.47
N VAL A 498 4.66 35.51 -24.59
CA VAL A 498 4.47 34.50 -23.54
C VAL A 498 3.86 33.26 -24.19
N ALA A 499 4.31 32.09 -23.72
CA ALA A 499 3.74 30.83 -24.21
C ALA A 499 2.83 30.29 -23.08
N ILE A 500 1.60 29.95 -23.46
CA ILE A 500 0.66 29.33 -22.53
C ILE A 500 0.44 27.91 -23.04
N VAL A 501 0.96 26.92 -22.30
CA VAL A 501 0.98 25.56 -22.80
C VAL A 501 -0.06 24.79 -22.00
N VAL A 502 -1.03 24.22 -22.71
CA VAL A 502 -2.20 23.64 -22.06
C VAL A 502 -2.20 22.16 -22.36
N VAL A 503 -1.92 21.34 -21.33
CA VAL A 503 -1.64 19.92 -21.52
C VAL A 503 -2.50 19.16 -20.50
N GLY A 504 -2.57 17.84 -20.66
CA GLY A 504 -3.26 17.06 -19.63
C GLY A 504 -3.95 15.82 -20.18
N ASP A 505 -5.16 15.55 -19.65
CA ASP A 505 -5.79 14.27 -19.86
C ASP A 505 -6.86 14.31 -20.93
N LYS A 506 -7.20 13.10 -21.39
CA LYS A 506 -8.51 12.83 -21.97
C LYS A 506 -9.20 11.80 -21.06
N SER A 507 -10.34 12.19 -20.47
CA SER A 507 -10.99 11.35 -19.45
C SER A 507 -12.15 10.56 -20.04
N GLY A 508 -12.29 9.30 -19.58
CA GLY A 508 -13.39 8.43 -19.98
C GLY A 508 -13.05 6.98 -19.65
N LEU A 509 -13.75 6.04 -20.29
CA LEU A 509 -13.69 4.66 -19.86
C LEU A 509 -13.00 3.80 -20.91
N THR A 510 -12.51 4.39 -22.00
CA THR A 510 -11.98 3.56 -23.10
C THR A 510 -10.46 3.68 -23.18
N LEU A 511 -9.85 2.83 -24.03
CA LEU A 511 -8.40 2.71 -24.08
C LEU A 511 -7.70 4.03 -24.45
N ASP A 512 -8.35 4.84 -25.31
CA ASP A 512 -7.77 6.10 -25.75
C ASP A 512 -7.76 7.15 -24.64
N CYS A 513 -8.40 6.85 -23.48
CA CYS A 513 -8.45 7.81 -22.40
C CYS A 513 -7.28 7.56 -21.43
N THR A 514 -6.82 8.65 -20.80
CA THR A 514 -5.63 8.58 -19.94
C THR A 514 -5.99 8.65 -18.46
N THR A 515 -7.23 9.03 -18.16
CA THR A 515 -7.74 9.03 -16.79
C THR A 515 -9.23 8.69 -16.88
N GLY A 516 -9.85 8.45 -15.73
CA GLY A 516 -11.22 7.97 -15.66
C GLY A 516 -11.27 6.52 -15.17
N GLU A 517 -12.49 6.09 -14.83
CA GLU A 517 -12.71 4.71 -14.44
C GLU A 517 -12.08 3.75 -15.44
N SER A 518 -11.20 2.87 -14.94
CA SER A 518 -10.51 1.82 -15.70
C SER A 518 -9.22 2.29 -16.35
N ARG A 519 -8.86 3.58 -16.16
CA ARG A 519 -7.67 4.12 -16.82
C ARG A 519 -6.70 4.58 -15.73
N ASP A 520 -5.93 3.61 -15.24
CA ASP A 520 -5.04 3.86 -14.12
C ASP A 520 -3.63 4.12 -14.66
N MET A 521 -2.87 5.03 -14.03
CA MET A 521 -1.61 5.47 -14.63
C MET A 521 -0.50 5.17 -13.61
N ALA A 522 0.38 4.21 -13.92
CA ALA A 522 1.35 3.75 -12.94
C ALA A 522 2.38 4.83 -12.60
N ASN A 523 2.89 5.55 -13.63
CA ASN A 523 4.11 6.28 -13.40
C ASN A 523 3.89 7.79 -13.34
N LEU A 524 2.65 8.23 -13.47
CA LEU A 524 2.28 9.64 -13.25
C LEU A 524 3.01 10.61 -14.19
N LYS A 525 3.43 10.16 -15.37
CA LYS A 525 3.97 11.15 -16.33
C LYS A 525 2.81 11.74 -17.11
N LEU A 526 2.88 13.05 -17.41
CA LEU A 526 1.89 13.61 -18.32
C LEU A 526 1.79 12.72 -19.55
N PRO A 527 0.58 12.50 -20.08
CA PRO A 527 0.42 11.54 -21.19
C PRO A 527 1.16 11.94 -22.46
N GLY A 528 1.53 10.94 -23.25
CA GLY A 528 2.14 11.19 -24.53
C GLY A 528 3.52 11.83 -24.41
N VAL A 529 3.79 12.76 -25.32
CA VAL A 529 5.01 13.52 -25.24
C VAL A 529 4.72 14.95 -24.75
N GLN A 530 3.65 15.13 -23.96
CA GLN A 530 3.31 16.46 -23.47
C GLN A 530 4.41 17.05 -22.59
N GLU A 531 5.08 16.19 -21.79
CA GLU A 531 6.12 16.73 -20.94
C GLU A 531 7.25 17.32 -21.81
N GLU A 532 7.64 16.56 -22.85
CA GLU A 532 8.70 16.99 -23.74
C GLU A 532 8.27 18.26 -24.47
N LEU A 533 6.97 18.40 -24.80
CA LEU A 533 6.50 19.61 -25.45
C LEU A 533 6.73 20.82 -24.53
N VAL A 534 6.35 20.70 -23.25
CA VAL A 534 6.56 21.80 -22.32
C VAL A 534 8.04 22.14 -22.27
N LEU A 535 8.91 21.12 -22.21
CA LEU A 535 10.30 21.41 -22.00
C LEU A 535 10.90 22.05 -23.28
N GLU A 536 10.41 21.65 -24.46
CA GLU A 536 10.96 22.23 -25.70
C GLU A 536 10.53 23.69 -25.79
N VAL A 537 9.30 23.99 -25.41
CA VAL A 537 8.83 25.37 -25.43
C VAL A 537 9.66 26.19 -24.44
N ALA A 538 9.90 25.66 -23.24
CA ALA A 538 10.66 26.42 -22.23
C ALA A 538 12.07 26.76 -22.75
N LYS A 539 12.63 25.90 -23.59
CA LYS A 539 13.98 26.08 -24.10
C LYS A 539 14.09 27.33 -24.98
N THR A 540 12.98 27.89 -25.42
CA THR A 540 12.98 29.12 -26.22
C THR A 540 13.44 30.29 -25.37
N GLY A 541 13.30 30.16 -24.05
CA GLY A 541 13.61 31.25 -23.14
C GLY A 541 12.43 32.19 -22.94
N LYS A 542 11.30 31.97 -23.64
CA LYS A 542 10.12 32.80 -23.45
C LYS A 542 9.42 32.45 -22.14
N PRO A 543 8.74 33.38 -21.44
CA PRO A 543 8.03 33.02 -20.20
C PRO A 543 6.96 31.97 -20.57
N VAL A 544 6.72 31.03 -19.63
CA VAL A 544 5.82 29.92 -19.90
C VAL A 544 4.83 29.83 -18.73
N VAL A 545 3.55 29.87 -19.10
CA VAL A 545 2.44 29.55 -18.19
C VAL A 545 1.99 28.13 -18.55
N LEU A 546 2.07 27.20 -17.59
CA LEU A 546 1.65 25.82 -17.84
C LEU A 546 0.26 25.67 -17.23
N VAL A 547 -0.69 25.19 -18.03
CA VAL A 547 -2.05 24.98 -17.58
C VAL A 547 -2.32 23.48 -17.69
N LEU A 548 -2.59 22.84 -16.53
CA LEU A 548 -2.85 21.40 -16.50
C LEU A 548 -4.35 21.20 -16.49
N ILE A 549 -4.87 20.59 -17.57
CA ILE A 549 -6.27 20.25 -17.56
C ILE A 549 -6.32 18.73 -17.40
N THR A 550 -6.48 18.31 -16.15
CA THR A 550 -6.23 16.90 -15.83
C THR A 550 -7.21 16.40 -14.78
N GLY A 551 -7.28 15.08 -14.68
CA GLY A 551 -8.16 14.44 -13.68
C GLY A 551 -7.40 13.91 -12.46
N ARG A 552 -6.04 13.95 -12.52
CA ARG A 552 -5.26 13.45 -11.37
C ARG A 552 -4.02 14.32 -11.20
N PRO A 553 -3.36 14.30 -10.02
CA PRO A 553 -2.00 14.85 -9.89
C PRO A 553 -1.10 14.11 -10.89
N TYR A 554 -0.24 14.86 -11.62
CA TYR A 554 0.87 14.30 -12.38
C TYR A 554 2.17 14.73 -11.73
N SER A 555 3.22 13.94 -11.95
CA SER A 555 4.56 14.30 -11.51
C SER A 555 5.05 15.52 -12.30
N LEU A 556 5.28 16.64 -11.62
CA LEU A 556 5.74 17.83 -12.33
C LEU A 556 7.21 18.08 -12.04
N LYS A 557 7.90 17.07 -11.48
CA LYS A 557 9.27 17.21 -11.03
C LYS A 557 10.16 17.78 -12.14
N ASN A 558 9.90 17.38 -13.39
CA ASN A 558 10.80 17.70 -14.48
C ASN A 558 10.44 19.03 -15.16
N VAL A 559 9.28 19.61 -14.84
CA VAL A 559 8.89 20.86 -15.50
C VAL A 559 8.80 22.01 -14.52
N VAL A 560 8.58 21.72 -13.23
CA VAL A 560 8.18 22.79 -12.33
C VAL A 560 9.21 23.92 -12.35
N ASP A 561 10.50 23.55 -12.37
CA ASP A 561 11.52 24.59 -12.21
C ASP A 561 11.83 25.24 -13.55
N LYS A 562 11.21 24.76 -14.63
CA LYS A 562 11.45 25.31 -15.95
C LYS A 562 10.34 26.23 -16.46
N VAL A 563 9.24 26.38 -15.69
CA VAL A 563 8.12 27.21 -16.14
C VAL A 563 7.85 28.33 -15.13
N ASN A 564 7.16 29.40 -15.55
CA ASN A 564 7.07 30.57 -14.68
C ASN A 564 5.84 30.50 -13.76
N ALA A 565 4.76 29.91 -14.28
CA ALA A 565 3.56 29.74 -13.48
C ALA A 565 2.89 28.44 -13.88
N ILE A 566 2.10 27.90 -12.94
CA ILE A 566 1.39 26.64 -13.19
C ILE A 566 -0.02 26.78 -12.60
N LEU A 567 -1.02 26.55 -13.47
CA LEU A 567 -2.41 26.45 -13.04
C LEU A 567 -2.87 24.99 -13.12
N GLN A 568 -3.43 24.50 -12.00
CA GLN A 568 -4.12 23.21 -12.05
C GLN A 568 -5.61 23.48 -12.30
N VAL A 569 -6.12 22.90 -13.38
CA VAL A 569 -7.52 23.04 -13.74
C VAL A 569 -8.07 21.61 -13.75
N TRP A 570 -8.64 21.17 -12.63
CA TRP A 570 -9.29 19.87 -12.69
C TRP A 570 -10.42 19.93 -13.71
N LEU A 571 -10.56 18.87 -14.54
CA LEU A 571 -11.56 18.74 -15.60
C LEU A 571 -12.78 19.60 -15.32
N PRO A 572 -12.87 20.76 -15.99
CA PRO A 572 -13.81 21.80 -15.59
C PRO A 572 -15.20 21.76 -16.24
N GLY A 573 -15.41 20.84 -17.20
CA GLY A 573 -16.66 20.79 -17.92
C GLY A 573 -16.91 22.09 -18.69
N GLU A 574 -18.19 22.45 -18.89
CA GLU A 574 -18.53 23.42 -19.93
C GLU A 574 -18.06 24.85 -19.60
N ALA A 575 -17.82 25.17 -18.31
CA ALA A 575 -17.40 26.51 -17.90
C ALA A 575 -15.88 26.72 -17.92
N GLY A 576 -15.13 25.70 -18.34
CA GLY A 576 -13.68 25.69 -18.16
C GLY A 576 -12.97 26.81 -18.91
N GLY A 577 -13.30 26.98 -20.19
CA GLY A 577 -12.53 27.97 -20.97
C GLY A 577 -12.62 29.36 -20.36
N ARG A 578 -13.83 29.79 -20.04
CA ARG A 578 -14.02 31.15 -19.55
C ARG A 578 -13.27 31.34 -18.22
N ALA A 579 -13.38 30.35 -17.31
CA ALA A 579 -12.74 30.50 -16.01
C ALA A 579 -11.22 30.60 -16.14
N ILE A 580 -10.63 29.77 -17.02
CA ILE A 580 -9.20 29.79 -17.23
C ILE A 580 -8.72 31.15 -17.71
N VAL A 581 -9.43 31.70 -18.71
CA VAL A 581 -9.00 32.98 -19.27
C VAL A 581 -9.24 34.08 -18.24
N ASP A 582 -10.34 34.00 -17.48
CA ASP A 582 -10.59 34.99 -16.43
C ASP A 582 -9.41 35.02 -15.44
N ILE A 583 -8.95 33.84 -15.04
CA ILE A 583 -7.85 33.73 -14.09
C ILE A 583 -6.54 34.23 -14.68
N ILE A 584 -6.25 33.80 -15.91
CA ILE A 584 -4.97 34.18 -16.49
C ILE A 584 -4.84 35.72 -16.55
N TYR A 585 -5.94 36.42 -16.84
CA TYR A 585 -5.91 37.89 -17.01
C TYR A 585 -6.25 38.61 -15.72
N GLY A 586 -6.52 37.87 -14.63
CA GLY A 586 -6.76 38.55 -13.35
C GLY A 586 -8.17 39.12 -13.19
N LYS A 587 -9.10 38.80 -14.09
CA LYS A 587 -10.48 39.19 -13.91
C LYS A 587 -11.04 38.41 -12.70
N VAL A 588 -10.50 37.20 -12.49
CA VAL A 588 -10.80 36.42 -11.28
C VAL A 588 -9.47 36.16 -10.60
N ASN A 589 -9.45 36.31 -9.27
CA ASN A 589 -8.23 36.03 -8.52
C ASN A 589 -8.34 34.56 -8.13
N PRO A 590 -7.37 33.71 -8.53
CA PRO A 590 -7.48 32.26 -8.20
C PRO A 590 -7.55 32.07 -6.70
N SER A 591 -8.33 31.05 -6.29
CA SER A 591 -8.56 30.83 -4.87
C SER A 591 -8.71 29.34 -4.51
N GLY A 592 -8.61 28.46 -5.52
CA GLY A 592 -8.68 27.02 -5.22
C GLY A 592 -7.49 26.56 -4.38
N LYS A 593 -7.72 25.47 -3.60
CA LYS A 593 -6.65 24.90 -2.78
C LYS A 593 -6.65 23.38 -3.04
N LEU A 594 -5.45 22.78 -3.11
CA LEU A 594 -5.38 21.36 -3.42
C LEU A 594 -6.15 20.54 -2.37
N PRO A 595 -7.00 19.60 -2.83
CA PRO A 595 -7.65 18.66 -1.90
C PRO A 595 -6.93 17.32 -1.88
N ILE A 596 -5.82 17.21 -2.61
CA ILE A 596 -4.99 16.01 -2.63
C ILE A 596 -3.54 16.46 -2.86
N SER A 597 -2.61 15.77 -2.22
CA SER A 597 -1.18 16.06 -2.37
C SER A 597 -0.70 15.75 -3.79
N PHE A 598 0.25 16.56 -4.30
CA PHE A 598 0.85 16.22 -5.61
C PHE A 598 2.21 15.56 -5.38
N PRO A 599 2.37 14.25 -5.65
CA PRO A 599 3.65 13.61 -5.41
C PRO A 599 4.72 14.16 -6.36
N ARG A 600 5.98 14.07 -5.91
CA ARG A 600 7.11 14.34 -6.80
C ARG A 600 7.26 13.26 -7.86
N SER A 601 6.87 12.02 -7.51
CA SER A 601 6.99 10.89 -8.43
C SER A 601 6.10 9.76 -7.91
N ALA A 602 5.83 8.79 -8.79
CA ALA A 602 5.00 7.67 -8.42
C ALA A 602 5.60 6.87 -7.28
N GLY A 603 6.94 6.76 -7.28
CA GLY A 603 7.61 5.95 -6.28
C GLY A 603 7.48 6.49 -4.85
N GLN A 604 7.00 7.73 -4.73
CA GLN A 604 6.76 8.37 -3.44
C GLN A 604 5.40 8.00 -2.86
N ILE A 605 4.53 7.35 -3.67
CA ILE A 605 3.15 7.13 -3.25
C ILE A 605 3.13 6.16 -2.09
N PRO A 606 2.35 6.39 -1.01
CA PRO A 606 1.47 7.57 -0.88
C PRO A 606 2.14 8.72 -0.14
N VAL A 607 1.69 9.93 -0.49
CA VAL A 607 2.01 11.13 0.29
C VAL A 607 0.68 11.78 0.68
N PHE A 608 0.57 12.14 1.97
CA PHE A 608 -0.66 12.76 2.41
C PHE A 608 -0.35 13.55 3.69
N HIS A 609 -1.20 14.51 4.02
CA HIS A 609 -0.78 15.49 5.03
C HIS A 609 -0.87 14.95 6.46
N TYR A 610 -1.70 13.93 6.70
CA TYR A 610 -2.03 13.50 8.05
C TYR A 610 -1.27 12.24 8.45
N VAL A 611 -0.03 12.11 7.93
CA VAL A 611 0.84 11.04 8.37
C VAL A 611 1.03 11.07 9.88
N LYS A 612 1.31 9.87 10.42
CA LYS A 612 1.71 9.74 11.81
C LYS A 612 3.15 10.25 11.94
N PRO A 613 3.71 10.37 13.17
CA PRO A 613 5.08 10.87 13.33
C PRO A 613 6.11 10.06 12.53
N SER A 614 5.83 8.76 12.37
CA SER A 614 6.72 7.89 11.60
C SER A 614 6.39 7.85 10.10
N GLY A 615 5.27 8.48 9.72
CA GLY A 615 4.92 8.55 8.30
C GLY A 615 5.55 9.78 7.62
N GLY A 616 5.51 9.76 6.28
CA GLY A 616 5.96 10.90 5.47
C GLY A 616 7.47 11.15 5.58
N ARG A 617 8.23 10.14 6.07
CA ARG A 617 9.67 10.21 6.16
C ARG A 617 10.22 8.79 6.19
N SER A 618 11.49 8.65 5.81
CA SER A 618 12.26 7.42 5.99
C SER A 618 13.22 7.68 7.14
N HIS A 619 13.23 6.79 8.16
CA HIS A 619 14.16 7.04 9.26
C HIS A 619 15.48 6.31 8.99
N TRP A 620 16.64 6.93 9.27
CA TRP A 620 16.86 8.16 10.01
C TRP A 620 17.46 9.26 9.11
N HIS A 621 17.50 9.06 7.79
CA HIS A 621 18.05 10.11 6.90
C HIS A 621 16.97 11.06 6.40
N GLY A 622 15.69 10.74 6.64
CA GLY A 622 14.59 11.64 6.29
C GLY A 622 14.00 11.34 4.89
N ASP A 623 14.88 11.45 3.87
CA ASP A 623 14.47 11.33 2.50
C ASP A 623 14.77 9.92 1.98
N TYR A 624 14.23 9.61 0.81
CA TYR A 624 14.71 8.45 0.06
C TYR A 624 16.09 8.80 -0.50
N VAL A 625 16.83 7.78 -0.93
CA VAL A 625 18.15 7.99 -1.56
C VAL A 625 18.00 8.97 -2.73
N ASP A 626 16.91 8.85 -3.48
CA ASP A 626 16.77 9.47 -4.82
C ASP A 626 15.68 10.54 -4.85
N GLU A 627 15.03 10.84 -3.71
CA GLU A 627 13.82 11.65 -3.77
C GLU A 627 13.50 12.16 -2.37
N SER A 628 12.98 13.39 -2.28
CA SER A 628 12.41 13.85 -1.01
C SER A 628 11.21 12.99 -0.62
N THR A 629 10.91 12.88 0.68
CA THR A 629 9.69 12.21 1.11
C THR A 629 8.49 13.18 1.14
N LYS A 630 8.73 14.46 0.86
CA LYS A 630 7.66 15.46 0.90
C LYS A 630 7.03 15.59 -0.48
N PRO A 631 5.69 15.76 -0.59
CA PRO A 631 5.06 15.96 -1.90
C PRO A 631 5.64 17.24 -2.54
N LEU A 632 5.46 17.35 -3.85
CA LEU A 632 5.91 18.56 -4.54
C LEU A 632 4.99 19.74 -4.16
N PHE A 633 3.67 19.49 -4.12
CA PHE A 633 2.76 20.51 -3.60
C PHE A 633 1.93 19.83 -2.50
N PRO A 634 1.82 20.43 -1.31
CA PRO A 634 1.08 19.78 -0.22
C PRO A 634 -0.44 20.01 -0.28
N PHE A 635 -1.16 19.16 0.47
CA PHE A 635 -2.59 19.35 0.69
C PHE A 635 -2.86 20.78 1.14
N GLY A 636 -3.93 21.38 0.58
CA GLY A 636 -4.33 22.73 1.00
C GLY A 636 -3.57 23.83 0.25
N HIS A 637 -2.63 23.47 -0.61
CA HIS A 637 -1.83 24.48 -1.31
C HIS A 637 -2.62 25.20 -2.38
N GLY A 638 -2.44 26.54 -2.43
CA GLY A 638 -3.01 27.27 -3.55
C GLY A 638 -2.69 28.76 -3.37
N LEU A 639 -2.02 29.38 -4.37
CA LEU A 639 -1.59 30.76 -4.21
C LEU A 639 -2.69 31.72 -4.69
N SER A 640 -2.41 33.02 -4.58
CA SER A 640 -3.36 34.07 -4.90
C SER A 640 -2.58 35.18 -5.62
N TYR A 641 -3.32 36.08 -6.27
CA TYR A 641 -2.68 37.29 -6.80
C TYR A 641 -2.60 38.38 -5.71
N THR A 642 -3.11 38.08 -4.50
CA THR A 642 -2.94 38.98 -3.37
C THR A 642 -2.24 38.22 -2.24
N LYS A 643 -2.00 38.90 -1.11
CA LYS A 643 -1.36 38.28 0.05
C LYS A 643 -2.28 38.44 1.25
N PHE A 644 -2.32 37.40 2.08
CA PHE A 644 -3.16 37.40 3.25
C PHE A 644 -2.27 37.33 4.49
N GLU A 645 -2.62 38.14 5.51
CA GLU A 645 -1.81 38.19 6.72
C GLU A 645 -2.71 37.73 7.85
N TYR A 646 -2.20 36.72 8.59
CA TYR A 646 -2.94 36.12 9.70
C TYR A 646 -2.35 36.68 11.00
N SER A 647 -3.22 37.00 11.97
CA SER A 647 -2.75 37.55 13.24
C SER A 647 -3.74 37.15 14.34
N ASN A 648 -3.33 37.35 15.58
CA ASN A 648 -4.25 37.38 16.72
C ASN A 648 -4.99 36.03 16.88
N LEU A 649 -4.23 34.94 16.99
CA LEU A 649 -4.80 33.63 17.30
C LEU A 649 -5.32 33.64 18.73
N ARG A 650 -6.61 33.30 18.92
CA ARG A 650 -7.19 33.12 20.24
C ARG A 650 -7.72 31.69 20.34
N ILE A 651 -7.55 31.08 21.50
CA ILE A 651 -8.01 29.71 21.73
C ILE A 651 -8.64 29.72 23.12
N GLU A 652 -9.97 29.59 23.19
CA GLU A 652 -10.60 29.73 24.51
C GLU A 652 -11.72 28.69 24.63
N PRO A 653 -11.83 28.01 25.78
CA PRO A 653 -10.89 28.15 26.89
C PRO A 653 -9.63 27.34 26.67
N LYS A 654 -8.64 27.50 27.56
CA LYS A 654 -7.37 26.80 27.41
C LYS A 654 -7.42 25.37 27.93
N GLU A 655 -8.41 25.09 28.80
CA GLU A 655 -8.63 23.75 29.33
C GLU A 655 -10.11 23.45 29.18
N VAL A 656 -10.40 22.29 28.60
CA VAL A 656 -11.77 21.88 28.40
C VAL A 656 -11.91 20.43 28.81
N PRO A 657 -13.12 20.02 29.26
CA PRO A 657 -13.34 18.61 29.57
C PRO A 657 -13.60 17.83 28.28
N PRO A 658 -13.69 16.50 28.36
CA PRO A 658 -13.64 15.66 27.16
C PRO A 658 -14.87 15.69 26.26
N ALA A 659 -15.93 16.39 26.68
CA ALA A 659 -17.04 16.65 25.76
C ALA A 659 -17.33 18.16 25.72
N GLY A 660 -16.29 18.97 25.99
CA GLY A 660 -16.44 20.41 25.94
C GLY A 660 -16.22 20.94 24.51
N GLU A 661 -16.05 22.24 24.42
CA GLU A 661 -15.89 22.89 23.12
C GLU A 661 -14.85 24.00 23.26
N VAL A 662 -13.98 24.14 22.27
CA VAL A 662 -13.07 25.29 22.24
C VAL A 662 -13.47 26.18 21.08
N VAL A 663 -13.19 27.49 21.22
CA VAL A 663 -13.46 28.42 20.13
C VAL A 663 -12.11 29.03 19.74
N ILE A 664 -11.78 28.90 18.46
CA ILE A 664 -10.50 29.29 17.91
C ILE A 664 -10.81 30.43 16.96
N LYS A 665 -10.11 31.55 17.16
CA LYS A 665 -10.34 32.69 16.27
C LYS A 665 -9.00 33.16 15.71
N VAL A 666 -9.04 33.63 14.46
CA VAL A 666 -7.85 34.24 13.85
C VAL A 666 -8.34 35.43 13.02
N ASP A 667 -7.51 36.48 12.97
CA ASP A 667 -7.81 37.59 12.06
C ASP A 667 -7.01 37.40 10.78
N VAL A 668 -7.65 37.67 9.65
CA VAL A 668 -6.99 37.57 8.35
C VAL A 668 -7.28 38.88 7.62
N GLU A 669 -6.21 39.44 7.07
CA GLU A 669 -6.28 40.71 6.37
C GLU A 669 -5.68 40.53 4.99
N ASN A 670 -6.40 41.07 3.99
CA ASN A 670 -5.88 41.11 2.64
C ASN A 670 -4.96 42.35 2.56
N ILE A 671 -3.67 42.12 2.61
CA ILE A 671 -2.73 43.23 2.67
C ILE A 671 -2.22 43.58 1.27
N GLY A 672 -2.69 42.87 0.23
CA GLY A 672 -2.21 43.13 -1.12
C GLY A 672 -3.11 44.12 -1.85
N ASP A 673 -3.12 44.05 -3.20
CA ASP A 673 -3.74 45.08 -4.01
C ASP A 673 -4.95 44.58 -4.79
N ARG A 674 -5.30 43.29 -4.66
CA ARG A 674 -6.44 42.75 -5.39
C ARG A 674 -7.38 42.09 -4.39
N ASP A 675 -8.68 42.25 -4.58
CA ASP A 675 -9.67 41.48 -3.82
C ASP A 675 -9.39 39.98 -4.04
N GLY A 676 -9.74 39.13 -3.06
CA GLY A 676 -9.48 37.72 -3.27
C GLY A 676 -10.10 36.91 -2.13
N ASP A 677 -10.40 35.62 -2.40
CA ASP A 677 -10.84 34.71 -1.35
C ASP A 677 -9.62 33.95 -0.82
N GLU A 678 -9.62 33.76 0.49
CA GLU A 678 -8.60 32.91 1.14
C GLU A 678 -9.35 31.72 1.72
N VAL A 679 -8.74 30.52 1.67
CA VAL A 679 -9.36 29.40 2.39
C VAL A 679 -8.51 29.18 3.64
N VAL A 680 -9.03 29.64 4.77
CA VAL A 680 -8.34 29.49 6.05
C VAL A 680 -8.54 28.04 6.53
N GLN A 681 -7.43 27.37 6.89
CA GLN A 681 -7.47 25.95 7.23
C GLN A 681 -7.04 25.73 8.68
N LEU A 682 -7.82 24.86 9.38
CA LEU A 682 -7.51 24.48 10.76
C LEU A 682 -7.00 23.03 10.80
N TYR A 683 -5.79 22.85 11.33
CA TYR A 683 -5.20 21.52 11.47
C TYR A 683 -5.04 21.25 12.95
N ILE A 684 -5.28 19.99 13.34
CA ILE A 684 -5.15 19.66 14.74
C ILE A 684 -4.13 18.54 14.86
N GLY A 685 -3.27 18.64 15.85
CA GLY A 685 -2.29 17.58 16.08
C GLY A 685 -2.42 17.04 17.51
N ARG A 686 -2.00 15.79 17.71
CA ARG A 686 -2.08 15.20 19.04
C ARG A 686 -0.87 14.31 19.18
N GLU A 687 -0.22 14.44 20.34
CA GLU A 687 0.81 13.47 20.76
C GLU A 687 0.41 12.90 22.12
N PHE A 688 1.07 11.82 22.54
CA PHE A 688 0.81 11.24 23.86
C PHE A 688 -0.66 10.88 24.03
N ALA A 689 -1.26 10.34 22.94
CA ALA A 689 -2.47 9.56 23.07
C ALA A 689 -2.03 8.11 23.32
N SER A 690 -3.00 7.22 23.51
CA SER A 690 -2.67 5.83 23.76
C SER A 690 -2.36 5.10 22.43
N VAL A 691 -2.65 5.76 21.29
CA VAL A 691 -2.28 5.25 19.98
C VAL A 691 -1.54 6.39 19.28
N THR A 692 -0.81 6.08 18.19
CA THR A 692 -0.21 7.22 17.48
C THR A 692 -1.30 8.00 16.74
N ARG A 693 -1.05 9.31 16.57
CA ARG A 693 -2.02 10.16 15.92
C ARG A 693 -1.28 10.98 14.84
N PRO A 694 -2.02 11.54 13.85
CA PRO A 694 -1.39 12.43 12.86
C PRO A 694 -0.73 13.62 13.55
N VAL A 695 0.45 13.96 13.03
CA VAL A 695 1.13 15.16 13.47
C VAL A 695 0.21 16.37 13.20
N LYS A 696 -0.49 16.35 12.06
CA LYS A 696 -1.50 17.37 11.81
C LYS A 696 -2.56 16.78 10.88
N GLU A 697 -3.80 17.15 11.13
N GLU A 697 -3.80 17.15 11.13
CA GLU A 697 -4.88 16.66 10.28
CA GLU A 697 -4.90 16.65 10.30
C GLU A 697 -5.93 17.75 10.15
C GLU A 697 -5.94 17.75 10.16
N LEU A 698 -6.48 17.92 8.95
CA LEU A 698 -7.48 18.94 8.73
C LEU A 698 -8.74 18.63 9.56
N LYS A 699 -9.20 19.63 10.34
CA LYS A 699 -10.40 19.49 11.15
C LYS A 699 -11.32 20.70 11.02
N GLY A 700 -10.98 21.68 10.17
CA GLY A 700 -11.97 22.74 9.92
C GLY A 700 -11.42 23.66 8.84
N PHE A 701 -12.30 24.46 8.22
CA PHE A 701 -11.82 25.38 7.19
C PHE A 701 -12.91 26.40 6.91
N LYS A 702 -12.53 27.54 6.34
CA LYS A 702 -13.52 28.49 5.91
C LYS A 702 -12.98 29.33 4.74
N ARG A 703 -13.72 29.33 3.62
CA ARG A 703 -13.48 30.26 2.53
C ARG A 703 -13.97 31.63 2.98
N VAL A 704 -13.08 32.65 2.94
CA VAL A 704 -13.44 34.01 3.36
C VAL A 704 -13.10 34.97 2.21
N SER A 705 -14.06 35.84 1.86
CA SER A 705 -13.80 36.88 0.85
C SER A 705 -13.25 38.13 1.52
N LEU A 706 -12.17 38.68 0.95
CA LEU A 706 -11.56 39.87 1.55
C LEU A 706 -11.27 40.85 0.42
N LYS A 707 -11.89 42.05 0.51
CA LYS A 707 -11.43 43.08 -0.41
C LYS A 707 -10.00 43.46 -0.09
N ALA A 708 -9.30 44.08 -1.06
CA ALA A 708 -7.97 44.60 -0.75
C ALA A 708 -8.10 45.51 0.48
N LYS A 709 -7.18 45.34 1.45
CA LYS A 709 -7.08 46.06 2.72
C LYS A 709 -8.20 45.72 3.72
N GLU A 710 -9.07 44.75 3.40
CA GLU A 710 -10.09 44.33 4.37
C GLU A 710 -9.52 43.29 5.36
N LYS A 711 -9.95 43.39 6.64
CA LYS A 711 -9.65 42.38 7.65
C LYS A 711 -10.95 41.82 8.21
N LYS A 712 -10.98 40.50 8.45
CA LYS A 712 -12.11 39.83 9.08
C LYS A 712 -11.55 38.86 10.11
N THR A 713 -12.43 38.38 11.01
CA THR A 713 -12.09 37.32 11.96
C THR A 713 -12.77 36.04 11.49
N VAL A 714 -12.01 34.95 11.47
CA VAL A 714 -12.56 33.64 11.18
C VAL A 714 -12.66 32.90 12.51
N VAL A 715 -13.79 32.25 12.73
CA VAL A 715 -14.07 31.62 14.03
C VAL A 715 -14.34 30.14 13.76
N PHE A 716 -13.64 29.28 14.50
CA PHE A 716 -13.91 27.84 14.43
C PHE A 716 -14.42 27.39 15.80
N ARG A 717 -15.62 26.78 15.83
CA ARG A 717 -16.15 26.24 17.08
C ARG A 717 -15.94 24.71 17.03
N LEU A 718 -15.02 24.24 17.84
CA LEU A 718 -14.52 22.86 17.78
C LEU A 718 -14.96 22.10 19.03
N HIS A 719 -15.99 21.23 18.84
CA HIS A 719 -16.42 20.34 19.90
C HIS A 719 -15.44 19.17 20.03
N MET A 720 -15.19 18.67 21.24
CA MET A 720 -14.23 17.59 21.38
C MET A 720 -14.70 16.31 20.67
N ASP A 721 -16.03 16.17 20.47
CA ASP A 721 -16.50 15.03 19.68
C ASP A 721 -15.78 14.92 18.33
N VAL A 722 -15.47 16.07 17.71
CA VAL A 722 -14.87 16.13 16.37
C VAL A 722 -13.46 15.50 16.39
N LEU A 723 -12.83 15.48 17.56
CA LEU A 723 -11.44 15.01 17.69
C LEU A 723 -11.36 13.54 18.07
N ALA A 724 -12.49 12.84 18.22
CA ALA A 724 -12.44 11.48 18.75
C ALA A 724 -11.66 10.56 17.82
N TYR A 725 -10.96 9.56 18.41
CA TYR A 725 -10.23 8.59 17.58
C TYR A 725 -10.33 7.21 18.25
N TYR A 726 -9.93 6.14 17.54
CA TYR A 726 -10.05 4.80 18.10
C TYR A 726 -8.79 4.40 18.88
N ASN A 727 -9.00 3.85 20.09
CA ASN A 727 -7.92 3.50 20.99
C ASN A 727 -7.43 2.07 20.75
N ARG A 728 -6.59 1.54 21.67
CA ARG A 728 -6.03 0.20 21.50
C ARG A 728 -7.10 -0.88 21.46
N ASP A 729 -8.23 -0.63 22.14
CA ASP A 729 -9.31 -1.61 22.24
C ASP A 729 -10.43 -1.31 21.23
N MET A 730 -10.15 -0.46 20.24
CA MET A 730 -11.10 -0.12 19.20
C MET A 730 -12.32 0.62 19.74
N LYS A 731 -12.13 1.37 20.84
N LYS A 731 -12.13 1.37 20.84
CA LYS A 731 -13.17 2.24 21.35
CA LYS A 731 -13.17 2.24 21.35
C LYS A 731 -12.90 3.66 20.86
C LYS A 731 -12.90 3.66 20.86
N LEU A 732 -13.98 4.37 20.51
CA LEU A 732 -13.85 5.76 20.09
C LEU A 732 -13.73 6.62 21.34
N VAL A 733 -12.63 7.41 21.45
CA VAL A 733 -12.31 8.07 22.71
C VAL A 733 -11.87 9.52 22.50
N VAL A 734 -11.98 10.31 23.57
CA VAL A 734 -11.23 11.55 23.73
C VAL A 734 -10.46 11.38 25.04
N GLU A 735 -9.13 11.44 24.95
CA GLU A 735 -8.29 11.21 26.13
C GLU A 735 -7.75 12.55 26.59
N PRO A 736 -7.52 12.72 27.89
CA PRO A 736 -6.96 13.98 28.37
C PRO A 736 -5.53 14.14 27.81
N GLY A 737 -5.11 15.40 27.69
CA GLY A 737 -3.79 15.67 27.09
C GLY A 737 -3.89 16.94 26.25
N GLU A 738 -2.85 17.24 25.49
CA GLU A 738 -2.81 18.52 24.76
C GLU A 738 -3.14 18.29 23.29
N PHE A 739 -3.93 19.19 22.70
CA PHE A 739 -4.13 19.20 21.27
C PHE A 739 -3.49 20.44 20.69
N LYS A 740 -2.75 20.24 19.60
CA LYS A 740 -2.08 21.37 18.92
C LYS A 740 -3.03 21.95 17.88
N VAL A 741 -3.11 23.29 17.87
CA VAL A 741 -3.92 24.03 16.92
C VAL A 741 -2.97 24.71 15.92
N MET A 742 -3.21 24.48 14.62
CA MET A 742 -2.35 25.10 13.59
C MET A 742 -3.28 25.67 12.53
N VAL A 743 -3.19 26.98 12.32
CA VAL A 743 -4.09 27.64 11.38
C VAL A 743 -3.24 28.21 10.24
N GLY A 744 -3.65 27.99 8.99
CA GLY A 744 -2.81 28.54 7.92
C GLY A 744 -3.43 28.43 6.53
N SER A 745 -2.60 28.72 5.52
CA SER A 745 -3.10 28.91 4.16
C SER A 745 -2.91 27.62 3.35
N SER A 746 -2.13 26.67 3.89
CA SER A 746 -2.06 25.30 3.39
C SER A 746 -1.65 24.39 4.56
N SER A 747 -1.51 23.08 4.32
CA SER A 747 -1.07 22.20 5.39
C SER A 747 0.41 22.41 5.72
N GLU A 748 1.15 23.07 4.80
CA GLU A 748 2.53 23.45 5.08
C GLU A 748 2.67 24.92 5.47
N ASP A 749 1.84 25.77 4.86
CA ASP A 749 1.90 27.21 5.08
C ASP A 749 1.11 27.55 6.34
N ILE A 750 1.55 27.02 7.48
CA ILE A 750 0.91 27.27 8.76
C ILE A 750 1.36 28.66 9.22
N ARG A 751 0.38 29.46 9.63
CA ARG A 751 0.71 30.83 10.00
C ARG A 751 0.78 31.01 11.51
N LEU A 752 -0.15 30.40 12.27
CA LEU A 752 -0.18 30.61 13.72
C LEU A 752 -0.47 29.28 14.41
N THR A 753 0.23 28.98 15.50
CA THR A 753 0.06 27.74 16.22
C THR A 753 -0.18 28.04 17.70
N GLY A 754 -0.91 27.15 18.37
CA GLY A 754 -1.08 27.25 19.80
C GLY A 754 -1.64 25.93 20.27
N SER A 755 -2.12 25.87 21.51
CA SER A 755 -2.61 24.56 21.97
C SER A 755 -3.64 24.77 23.06
N PHE A 756 -4.42 23.72 23.30
CA PHE A 756 -5.31 23.68 24.46
C PHE A 756 -5.22 22.26 25.04
N SER A 757 -5.73 22.10 26.28
CA SER A 757 -5.69 20.80 26.93
C SER A 757 -7.09 20.29 27.22
N VAL A 758 -7.25 18.98 27.02
CA VAL A 758 -8.43 18.29 27.55
C VAL A 758 -8.04 17.81 28.94
N VAL A 759 -8.94 18.10 29.92
CA VAL A 759 -8.69 17.75 31.29
C VAL A 759 -9.87 16.88 31.77
N GLY A 760 -9.56 15.77 32.41
CA GLY A 760 -10.55 14.91 33.06
C GLY A 760 -10.34 13.47 32.62
N GLU A 761 -11.23 12.56 33.03
CA GLU A 761 -11.00 11.15 32.77
C GLU A 761 -11.30 10.87 31.31
N LYS A 762 -10.56 9.91 30.71
CA LYS A 762 -10.79 9.52 29.33
C LYS A 762 -12.28 9.25 29.15
N ARG A 763 -12.78 9.69 28.02
CA ARG A 763 -14.18 9.58 27.65
C ARG A 763 -14.32 8.59 26.51
N GLU A 764 -15.21 7.58 26.69
CA GLU A 764 -15.67 6.83 25.52
C GLU A 764 -16.83 7.60 24.86
N VAL A 765 -16.70 7.89 23.57
CA VAL A 765 -17.66 8.69 22.84
C VAL A 765 -18.71 7.71 22.31
N VAL A 766 -19.89 7.70 22.93
CA VAL A 766 -20.88 6.71 22.53
C VAL A 766 -22.08 7.42 21.89
N GLY A 767 -22.76 6.70 21.02
CA GLY A 767 -23.97 7.20 20.35
C GLY A 767 -23.65 8.36 19.40
N MET A 768 -24.63 9.25 19.21
CA MET A 768 -24.45 10.33 18.27
C MET A 768 -23.39 11.29 18.82
N ARG A 769 -22.62 11.88 17.89
CA ARG A 769 -21.60 12.83 18.29
C ARG A 769 -21.45 13.82 17.15
N LYS A 770 -20.86 15.00 17.40
CA LYS A 770 -20.59 15.94 16.32
C LYS A 770 -19.43 15.47 15.45
N PHE A 771 -19.56 15.68 14.13
CA PHE A 771 -18.52 15.35 13.17
C PHE A 771 -17.70 16.56 12.74
N PHE A 772 -18.31 17.76 12.76
CA PHE A 772 -17.71 18.90 12.07
C PHE A 772 -17.46 20.07 13.02
N THR A 773 -16.40 20.84 12.73
CA THR A 773 -16.16 22.14 13.35
C THR A 773 -17.13 23.13 12.68
N GLU A 774 -17.72 24.06 13.46
CA GLU A 774 -18.54 25.06 12.81
C GLU A 774 -17.62 26.21 12.47
N ALA A 775 -17.75 26.77 11.26
CA ALA A 775 -16.81 27.83 10.87
C ALA A 775 -17.65 29.04 10.46
N CYS A 776 -17.27 30.23 10.96
CA CYS A 776 -18.04 31.44 10.75
C CYS A 776 -17.05 32.57 10.48
N GLU A 777 -17.61 33.71 10.09
CA GLU A 777 -16.76 34.90 10.05
C GLU A 777 -17.47 35.94 10.91
N GLU A 778 -16.70 36.82 11.56
CA GLU A 778 -17.26 37.96 12.28
C GLU A 778 -16.35 39.18 12.11
N ALA A 779 -16.81 40.36 12.53
CA ALA A 779 -16.01 41.58 12.36
C ALA A 779 -14.80 41.54 13.28
N ALA A 780 -13.65 42.02 12.76
CA ALA A 780 -12.38 42.03 13.47
C ALA A 780 -12.31 43.17 14.51
N MET B 1 25.35 -26.30 48.50
CA MET B 1 25.29 -25.12 47.62
C MET B 1 23.80 -24.80 47.42
N GLU B 2 23.51 -23.53 47.15
CA GLU B 2 22.17 -23.08 46.78
C GLU B 2 21.64 -23.93 45.62
N LEU B 3 20.31 -24.14 45.60
CA LEU B 3 19.75 -24.96 44.53
C LEU B 3 20.12 -24.40 43.16
N TYR B 4 20.14 -23.06 43.00
CA TYR B 4 20.32 -22.55 41.64
C TYR B 4 21.69 -22.91 41.10
N ARG B 5 22.64 -23.19 42.02
CA ARG B 5 23.99 -23.49 41.58
C ARG B 5 24.15 -24.96 41.25
N ASP B 6 23.12 -25.78 41.52
CA ASP B 6 23.26 -27.23 41.48
C ASP B 6 22.78 -27.76 40.14
N PRO B 7 23.68 -28.26 39.25
CA PRO B 7 23.26 -28.79 37.94
C PRO B 7 22.45 -30.08 37.96
N SER B 8 22.33 -30.72 39.12
CA SER B 8 21.48 -31.91 39.21
C SER B 8 20.00 -31.54 39.38
N GLN B 9 19.72 -30.27 39.68
CA GLN B 9 18.33 -29.86 39.83
C GLN B 9 17.75 -29.46 38.48
N PRO B 10 16.43 -29.64 38.28
CA PRO B 10 15.79 -29.25 37.02
C PRO B 10 15.89 -27.74 36.85
N ILE B 11 15.91 -27.30 35.59
CA ILE B 11 16.06 -25.89 35.34
C ILE B 11 14.95 -25.09 36.01
N GLU B 12 13.69 -25.61 36.02
CA GLU B 12 12.63 -24.79 36.62
C GLU B 12 12.91 -24.56 38.11
N VAL B 13 13.51 -25.55 38.77
CA VAL B 13 13.84 -25.43 40.19
C VAL B 13 14.95 -24.39 40.39
N ARG B 14 15.98 -24.44 39.53
CA ARG B 14 17.10 -23.50 39.66
C ARG B 14 16.59 -22.06 39.41
N VAL B 15 15.72 -21.90 38.40
CA VAL B 15 15.16 -20.57 38.10
C VAL B 15 14.41 -20.01 39.31
N ARG B 16 13.52 -20.82 39.88
N ARG B 16 13.54 -20.84 39.89
CA ARG B 16 12.68 -20.40 40.99
CA ARG B 16 12.70 -20.35 40.98
C ARG B 16 13.57 -20.03 42.18
C ARG B 16 13.57 -20.02 42.18
N ASP B 17 14.60 -20.84 42.43
CA ASP B 17 15.47 -20.61 43.57
C ASP B 17 16.23 -19.30 43.36
N LEU B 18 16.80 -19.10 42.16
CA LEU B 18 17.55 -17.88 41.90
C LEU B 18 16.64 -16.66 42.01
N LEU B 19 15.45 -16.73 41.38
CA LEU B 19 14.56 -15.57 41.43
C LEU B 19 14.22 -15.20 42.88
N SER B 20 13.97 -16.24 43.73
CA SER B 20 13.63 -15.98 45.13
C SER B 20 14.75 -15.25 45.87
N ARG B 21 15.98 -15.29 45.37
CA ARG B 21 17.13 -14.75 46.09
C ARG B 21 17.47 -13.33 45.61
N MET B 22 16.83 -12.86 44.52
CA MET B 22 17.26 -11.62 43.89
C MET B 22 16.57 -10.39 44.49
N THR B 23 17.29 -9.28 44.59
CA THR B 23 16.65 -8.00 44.90
C THR B 23 15.98 -7.45 43.62
N LEU B 24 15.14 -6.44 43.80
CA LEU B 24 14.48 -5.79 42.66
C LEU B 24 15.54 -5.23 41.71
N GLU B 25 16.60 -4.59 42.23
CA GLU B 25 17.63 -4.01 41.40
C GLU B 25 18.32 -5.10 40.56
N GLU B 26 18.63 -6.26 41.18
CA GLU B 26 19.21 -7.38 40.44
C GLU B 26 18.27 -7.93 39.36
N LYS B 27 16.96 -7.98 39.67
CA LYS B 27 16.01 -8.46 38.66
C LYS B 27 16.02 -7.53 37.46
N VAL B 28 15.94 -6.23 37.72
CA VAL B 28 15.80 -5.28 36.61
C VAL B 28 17.09 -5.31 35.77
N ALA B 29 18.24 -5.52 36.42
CA ALA B 29 19.49 -5.59 35.67
C ALA B 29 19.53 -6.75 34.66
N GLN B 30 18.85 -7.87 34.95
CA GLN B 30 18.77 -8.98 34.01
C GLN B 30 17.96 -8.62 32.77
N LEU B 31 17.20 -7.52 32.82
CA LEU B 31 16.37 -7.15 31.67
C LEU B 31 17.08 -6.11 30.81
N GLY B 32 18.35 -5.81 31.11
CA GLY B 32 19.07 -4.80 30.37
C GLY B 32 20.37 -5.30 29.77
N SER B 33 21.17 -4.33 29.29
CA SER B 33 22.32 -4.68 28.47
C SER B 33 23.36 -3.57 28.57
N VAL B 34 24.56 -3.88 28.04
CA VAL B 34 25.65 -2.93 27.95
C VAL B 34 26.40 -3.24 26.64
N TRP B 35 26.91 -2.19 25.97
CA TRP B 35 27.74 -2.40 24.78
C TRP B 35 29.11 -2.99 25.15
N GLY B 36 29.59 -3.91 24.30
CA GLY B 36 30.96 -4.41 24.47
C GLY B 36 31.96 -3.24 24.56
N TYR B 37 31.79 -2.22 23.71
CA TYR B 37 32.81 -1.16 23.69
C TYR B 37 32.84 -0.36 24.99
N GLU B 38 31.78 -0.43 25.80
CA GLU B 38 31.75 0.31 27.05
C GLU B 38 32.59 -0.38 28.13
N LEU B 39 33.08 -1.60 27.87
CA LEU B 39 33.76 -2.36 28.89
C LEU B 39 35.25 -2.55 28.56
N ILE B 40 35.78 -1.76 27.60
CA ILE B 40 37.18 -1.94 27.20
C ILE B 40 37.95 -0.62 27.44
N ASP B 41 39.27 -0.77 27.66
CA ASP B 41 40.18 0.38 27.70
C ASP B 41 40.63 0.70 26.27
N GLU B 42 41.54 1.68 26.17
CA GLU B 42 42.10 2.16 24.91
C GLU B 42 42.91 1.06 24.21
N ARG B 43 43.31 0.00 24.92
CA ARG B 43 44.07 -1.07 24.29
C ARG B 43 43.18 -2.25 23.89
N GLY B 44 41.85 -2.10 24.02
CA GLY B 44 40.90 -3.15 23.66
C GLY B 44 40.86 -4.27 24.70
N LYS B 45 41.30 -3.99 25.93
CA LYS B 45 41.28 -4.99 26.99
C LYS B 45 40.15 -4.68 27.97
N PHE B 46 39.58 -5.73 28.58
CA PHE B 46 38.57 -5.55 29.63
C PHE B 46 39.04 -4.53 30.66
N SER B 47 38.16 -3.59 30.99
CA SER B 47 38.40 -2.56 31.99
C SER B 47 37.56 -2.82 33.24
N ARG B 48 38.23 -3.27 34.29
CA ARG B 48 37.58 -3.54 35.57
C ARG B 48 36.94 -2.25 36.11
N GLU B 49 37.57 -1.10 35.86
CA GLU B 49 37.03 0.17 36.35
C GLU B 49 35.66 0.46 35.72
N LYS B 50 35.51 0.15 34.42
CA LYS B 50 34.24 0.41 33.75
C LYS B 50 33.19 -0.60 34.18
N ALA B 51 33.60 -1.87 34.31
CA ALA B 51 32.72 -2.93 34.80
C ALA B 51 32.16 -2.65 36.20
N LYS B 52 32.98 -2.11 37.11
CA LYS B 52 32.50 -1.90 38.48
C LYS B 52 31.23 -1.05 38.45
N GLU B 53 31.12 -0.10 37.53
CA GLU B 53 29.96 0.77 37.47
C GLU B 53 28.82 0.07 36.71
N LEU B 54 29.12 -0.52 35.55
CA LEU B 54 28.06 -1.00 34.65
C LEU B 54 27.54 -2.39 35.05
N LEU B 55 28.40 -3.22 35.64
CA LEU B 55 28.05 -4.64 35.84
C LEU B 55 27.84 -4.97 37.32
N LYS B 56 27.84 -3.96 38.19
CA LYS B 56 27.90 -4.22 39.62
C LYS B 56 26.72 -5.07 40.11
N ASN B 57 25.54 -4.91 39.50
CA ASN B 57 24.40 -5.69 39.90
C ASN B 57 24.05 -6.77 38.89
N GLY B 58 25.02 -7.15 38.05
CA GLY B 58 24.77 -8.15 37.02
C GLY B 58 24.16 -7.49 35.78
N ILE B 59 23.92 -8.30 34.75
CA ILE B 59 23.45 -7.75 33.48
C ILE B 59 22.79 -8.86 32.68
N GLY B 60 21.75 -8.47 31.91
CA GLY B 60 21.14 -9.41 31.00
C GLY B 60 22.10 -9.80 29.88
N GLN B 61 22.41 -8.83 29.00
CA GLN B 61 23.24 -9.17 27.85
C GLN B 61 24.40 -8.19 27.66
N ILE B 62 25.45 -8.68 27.01
CA ILE B 62 26.46 -7.81 26.42
C ILE B 62 26.20 -7.71 24.93
N THR B 63 26.07 -6.47 24.43
CA THR B 63 25.79 -6.21 23.02
C THR B 63 27.10 -6.17 22.24
N ARG B 64 27.27 -7.14 21.33
CA ARG B 64 28.30 -7.10 20.29
C ARG B 64 29.70 -6.87 20.90
N PRO B 65 30.17 -7.73 21.81
CA PRO B 65 31.55 -7.60 22.31
C PRO B 65 32.60 -7.77 21.20
N GLY B 66 32.29 -8.54 20.14
CA GLY B 66 33.14 -8.55 18.96
C GLY B 66 32.78 -7.46 17.93
N GLY B 67 31.48 -7.39 17.60
CA GLY B 67 31.06 -6.47 16.55
C GLY B 67 31.22 -4.98 16.87
N SER B 68 31.30 -4.60 18.15
CA SER B 68 31.32 -3.18 18.45
C SER B 68 32.71 -2.69 18.91
N THR B 69 33.68 -3.59 18.96
CA THR B 69 34.99 -3.30 19.55
C THR B 69 36.12 -3.41 18.51
N ASN B 70 35.83 -3.92 17.31
CA ASN B 70 36.84 -4.16 16.28
C ASN B 70 37.96 -5.03 16.83
N LEU B 71 37.65 -5.98 17.73
CA LEU B 71 38.64 -6.94 18.19
C LEU B 71 38.66 -8.16 17.27
N GLU B 72 39.85 -8.73 17.10
CA GLU B 72 39.98 -10.01 16.42
C GLU B 72 39.38 -11.10 17.30
N PRO B 73 39.06 -12.28 16.74
CA PRO B 73 38.34 -13.31 17.49
C PRO B 73 38.95 -13.69 18.84
N GLN B 74 40.28 -13.84 18.90
CA GLN B 74 40.81 -14.32 20.17
C GLN B 74 40.78 -13.20 21.22
N GLU B 75 40.93 -11.95 20.80
N GLU B 75 40.94 -11.96 20.76
CA GLU B 75 40.84 -10.84 21.73
CA GLU B 75 40.86 -10.73 21.55
C GLU B 75 39.38 -10.68 22.17
C GLU B 75 39.42 -10.52 22.06
N ALA B 76 38.43 -10.92 21.25
CA ALA B 76 37.03 -10.82 21.63
C ALA B 76 36.71 -11.91 22.66
N ALA B 77 37.22 -13.13 22.44
CA ALA B 77 37.00 -14.21 23.38
C ALA B 77 37.59 -13.88 24.75
N GLU B 78 38.79 -13.25 24.75
CA GLU B 78 39.42 -12.89 26.01
C GLU B 78 38.58 -11.84 26.72
N LEU B 79 38.04 -10.86 25.96
CA LEU B 79 37.21 -9.84 26.57
C LEU B 79 35.96 -10.48 27.20
N VAL B 80 35.34 -11.38 26.45
CA VAL B 80 34.12 -11.98 26.97
C VAL B 80 34.41 -12.83 28.20
N ASN B 81 35.52 -13.59 28.20
CA ASN B 81 35.86 -14.36 29.38
C ASN B 81 36.08 -13.45 30.58
N GLU B 82 36.70 -12.28 30.39
CA GLU B 82 36.93 -11.40 31.53
C GLU B 82 35.63 -10.75 32.04
N ILE B 83 34.69 -10.45 31.12
CA ILE B 83 33.38 -9.97 31.51
C ILE B 83 32.70 -11.06 32.36
N GLN B 84 32.71 -12.30 31.85
CA GLN B 84 32.04 -13.37 32.56
C GLN B 84 32.71 -13.61 33.92
N ARG B 85 34.05 -13.52 33.97
CA ARG B 85 34.68 -13.76 35.25
C ARG B 85 34.25 -12.70 36.28
N PHE B 86 34.20 -11.43 35.86
CA PHE B 86 33.75 -10.37 36.73
C PHE B 86 32.32 -10.64 37.23
N LEU B 87 31.42 -11.05 36.31
CA LEU B 87 30.06 -11.36 36.74
C LEU B 87 30.00 -12.54 37.71
N VAL B 88 30.78 -13.59 37.39
CA VAL B 88 30.66 -14.83 38.14
C VAL B 88 31.30 -14.65 39.52
N GLU B 89 32.38 -13.85 39.58
CA GLU B 89 33.20 -13.86 40.79
C GLU B 89 33.00 -12.57 41.58
N GLU B 90 32.54 -11.47 40.96
CA GLU B 90 32.49 -10.21 41.69
C GLU B 90 31.08 -9.61 41.78
N THR B 91 30.04 -10.38 41.43
CA THR B 91 28.70 -9.89 41.78
C THR B 91 28.14 -10.82 42.85
N ARG B 92 27.16 -10.32 43.61
CA ARG B 92 26.59 -11.08 44.71
C ARG B 92 26.11 -12.47 44.28
N LEU B 93 25.33 -12.58 43.17
CA LEU B 93 24.75 -13.87 42.84
C LEU B 93 25.51 -14.61 41.74
N GLY B 94 26.40 -13.90 41.01
CA GLY B 94 27.26 -14.60 40.06
C GLY B 94 26.53 -15.05 38.80
N ILE B 95 25.51 -14.26 38.38
CA ILE B 95 24.80 -14.63 37.17
C ILE B 95 25.62 -14.21 35.96
N PRO B 96 25.94 -15.11 35.03
CA PRO B 96 26.69 -14.74 33.82
C PRO B 96 25.82 -13.96 32.83
N ALA B 97 26.48 -13.36 31.83
CA ALA B 97 25.80 -12.62 30.78
C ALA B 97 25.48 -13.54 29.63
N MET B 98 24.41 -13.24 28.88
CA MET B 98 24.30 -13.77 27.52
C MET B 98 24.94 -12.74 26.58
N ILE B 99 25.70 -13.19 25.59
CA ILE B 99 26.31 -12.31 24.60
C ILE B 99 25.56 -12.46 23.28
N HIS B 100 25.21 -11.32 22.67
CA HIS B 100 24.69 -11.37 21.31
C HIS B 100 25.64 -10.72 20.31
N GLU B 101 25.55 -11.18 19.06
CA GLU B 101 26.21 -10.47 17.95
C GLU B 101 25.24 -10.44 16.75
N GLU B 102 25.55 -9.60 15.76
CA GLU B 102 24.87 -9.78 14.47
C GLU B 102 25.48 -11.00 13.79
N CYS B 103 24.67 -11.77 13.03
CA CYS B 103 25.27 -12.87 12.29
C CYS B 103 24.49 -13.22 11.02
N LEU B 104 23.65 -12.30 10.52
CA LEU B 104 22.83 -12.64 9.36
C LEU B 104 23.63 -13.33 8.26
N THR B 105 24.73 -12.67 7.83
CA THR B 105 25.55 -13.19 6.73
C THR B 105 26.87 -13.70 7.32
N GLY B 106 26.77 -14.30 8.50
CA GLY B 106 27.96 -14.75 9.24
C GLY B 106 28.20 -13.79 10.39
N TYR B 107 28.89 -14.31 11.41
CA TYR B 107 29.30 -13.47 12.54
C TYR B 107 29.81 -12.13 12.03
N MET B 108 29.22 -11.03 12.52
CA MET B 108 29.57 -9.70 12.05
C MET B 108 30.65 -9.12 12.95
N GLY B 109 31.91 -9.53 12.67
CA GLY B 109 33.06 -9.05 13.42
C GLY B 109 34.31 -9.43 12.62
N LEU B 110 35.46 -8.87 13.03
CA LEU B 110 36.71 -9.22 12.35
C LEU B 110 36.92 -10.74 12.38
N GLY B 111 37.38 -11.31 11.26
CA GLY B 111 37.74 -12.72 11.21
C GLY B 111 36.65 -13.63 10.66
N GLY B 112 35.39 -13.15 10.60
CA GLY B 112 34.27 -14.01 10.17
C GLY B 112 34.06 -13.95 8.67
N THR B 113 33.76 -15.11 8.06
CA THR B 113 33.42 -15.20 6.65
C THR B 113 32.22 -14.29 6.34
N ASN B 114 32.30 -13.60 5.19
CA ASN B 114 31.19 -12.83 4.65
C ASN B 114 30.43 -13.71 3.66
N PHE B 115 29.30 -14.29 4.11
CA PHE B 115 28.49 -15.08 3.23
C PHE B 115 27.62 -14.18 2.35
N PRO B 116 27.08 -14.66 1.20
CA PRO B 116 26.12 -13.87 0.42
C PRO B 116 24.93 -13.42 1.27
N GLN B 117 24.29 -12.31 0.86
CA GLN B 117 23.18 -11.75 1.62
C GLN B 117 22.00 -12.72 1.66
N ALA B 118 21.07 -12.44 2.58
CA ALA B 118 19.89 -13.28 2.75
C ALA B 118 19.09 -13.46 1.47
N ILE B 119 18.95 -12.37 0.67
CA ILE B 119 18.15 -12.51 -0.54
C ILE B 119 18.86 -13.46 -1.52
N ALA B 120 20.19 -13.52 -1.46
CA ALA B 120 20.92 -14.52 -2.25
C ALA B 120 20.73 -15.92 -1.67
N MET B 121 20.79 -16.08 -0.32
CA MET B 121 20.46 -17.38 0.27
C MET B 121 19.11 -17.89 -0.25
N ALA B 122 18.09 -17.01 -0.25
CA ALA B 122 16.79 -17.47 -0.72
C ALA B 122 16.81 -17.88 -2.19
N SER B 123 17.60 -17.15 -3.00
CA SER B 123 17.67 -17.42 -4.43
C SER B 123 18.31 -18.78 -4.72
N THR B 124 18.98 -19.40 -3.75
CA THR B 124 19.41 -20.79 -3.91
C THR B 124 18.27 -21.78 -3.87
N TRP B 125 17.16 -21.44 -3.18
CA TRP B 125 16.10 -22.43 -2.96
C TRP B 125 16.65 -23.72 -2.39
N ASP B 126 17.66 -23.61 -1.53
CA ASP B 126 18.35 -24.79 -1.00
C ASP B 126 18.40 -24.65 0.51
N PRO B 127 17.31 -25.00 1.21
CA PRO B 127 17.26 -24.85 2.66
C PRO B 127 18.35 -25.63 3.38
N ASP B 128 18.65 -26.85 2.92
CA ASP B 128 19.72 -27.59 3.57
C ASP B 128 21.09 -26.89 3.51
N LEU B 129 21.40 -26.19 2.41
CA LEU B 129 22.67 -25.48 2.31
C LEU B 129 22.69 -24.32 3.31
N ILE B 130 21.52 -23.66 3.47
CA ILE B 130 21.46 -22.59 4.46
C ILE B 130 21.62 -23.13 5.89
N GLU B 131 21.05 -24.32 6.16
CA GLU B 131 21.26 -24.95 7.47
C GLU B 131 22.76 -25.24 7.68
N LYS B 132 23.43 -25.73 6.61
CA LYS B 132 24.87 -26.01 6.70
C LYS B 132 25.65 -24.71 7.01
N MET B 133 25.29 -23.64 6.31
CA MET B 133 25.87 -22.34 6.61
C MET B 133 25.71 -21.94 8.08
N THR B 134 24.48 -22.00 8.64
CA THR B 134 24.32 -21.49 10.00
C THR B 134 24.89 -22.46 11.05
N THR B 135 25.04 -23.74 10.71
CA THR B 135 25.74 -24.68 11.58
C THR B 135 27.21 -24.25 11.70
N ALA B 136 27.80 -23.73 10.60
CA ALA B 136 29.17 -23.21 10.66
C ALA B 136 29.20 -21.92 11.47
N VAL B 137 28.20 -21.03 11.22
CA VAL B 137 28.18 -19.79 11.99
C VAL B 137 28.09 -20.10 13.50
N ARG B 138 27.25 -21.08 13.84
CA ARG B 138 27.10 -21.47 15.23
C ARG B 138 28.46 -21.72 15.90
N GLU B 139 29.32 -22.48 15.21
N GLU B 139 29.30 -22.51 15.24
CA GLU B 139 30.64 -22.81 15.75
CA GLU B 139 30.61 -22.84 15.76
C GLU B 139 31.49 -21.56 15.89
C GLU B 139 31.48 -21.58 15.88
N ASP B 140 31.45 -20.67 14.88
CA ASP B 140 32.23 -19.43 14.94
C ASP B 140 31.82 -18.61 16.16
N MET B 141 30.49 -18.52 16.37
CA MET B 141 29.97 -17.68 17.43
C MET B 141 30.33 -18.27 18.81
N ARG B 142 30.12 -19.58 18.97
CA ARG B 142 30.40 -20.18 20.28
C ARG B 142 31.89 -20.05 20.60
N LYS B 143 32.75 -19.98 19.57
CA LYS B 143 34.19 -19.91 19.83
C LYS B 143 34.56 -18.64 20.55
N ILE B 144 33.82 -17.57 20.28
CA ILE B 144 34.16 -16.29 20.86
C ILE B 144 33.33 -16.00 22.10
N GLY B 145 32.48 -16.94 22.53
CA GLY B 145 31.65 -16.77 23.72
C GLY B 145 30.31 -16.07 23.43
N ALA B 146 29.88 -16.06 22.16
CA ALA B 146 28.58 -15.46 21.80
C ALA B 146 27.49 -16.53 21.84
N HIS B 147 26.31 -16.14 22.37
CA HIS B 147 25.26 -17.13 22.58
C HIS B 147 24.02 -16.89 21.72
N GLN B 148 23.93 -15.69 21.13
CA GLN B 148 22.68 -15.35 20.45
C GLN B 148 23.07 -14.54 19.22
N GLY B 149 22.47 -14.89 18.08
CA GLY B 149 22.71 -14.12 16.86
C GLY B 149 21.41 -13.45 16.42
N LEU B 150 21.49 -12.18 15.99
CA LEU B 150 20.26 -11.44 15.68
C LEU B 150 19.83 -11.73 14.23
N ALA B 151 19.45 -12.96 13.97
CA ALA B 151 19.06 -13.39 12.63
C ALA B 151 18.26 -14.68 12.78
N PRO B 152 17.43 -15.11 11.81
CA PRO B 152 17.29 -14.43 10.50
C PRO B 152 16.15 -13.39 10.44
N VAL B 153 16.13 -12.62 9.35
CA VAL B 153 15.03 -11.71 9.06
C VAL B 153 13.96 -12.56 8.38
N LEU B 154 12.71 -12.54 8.94
CA LEU B 154 11.58 -13.26 8.34
C LEU B 154 10.55 -12.28 7.81
N ASP B 155 10.93 -11.01 7.68
CA ASP B 155 10.05 -10.06 7.03
C ASP B 155 9.83 -10.43 5.56
N VAL B 156 8.56 -10.46 5.14
CA VAL B 156 8.23 -10.80 3.75
C VAL B 156 8.19 -9.53 2.92
N ALA B 157 9.02 -9.48 1.85
CA ALA B 157 9.24 -8.23 1.10
C ALA B 157 8.54 -8.28 -0.25
N ARG B 158 7.58 -7.32 -0.42
CA ARG B 158 6.94 -7.13 -1.71
C ARG B 158 7.12 -5.69 -2.16
N ASP B 159 8.00 -4.96 -1.48
CA ASP B 159 8.21 -3.55 -1.83
C ASP B 159 9.72 -3.28 -1.96
N PRO B 160 10.25 -3.39 -3.18
CA PRO B 160 11.68 -3.29 -3.37
C PRO B 160 12.24 -1.86 -3.22
N ARG B 161 11.38 -0.85 -3.02
CA ARG B 161 11.90 0.45 -2.61
C ARG B 161 12.63 0.32 -1.28
N TRP B 162 12.19 -0.60 -0.42
CA TRP B 162 12.71 -0.64 0.94
C TRP B 162 14.16 -1.11 0.94
N GLY B 163 15.01 -0.37 1.65
CA GLY B 163 16.45 -0.63 1.63
C GLY B 163 16.84 -1.94 2.33
N ARG B 164 15.93 -2.59 3.07
CA ARG B 164 16.31 -3.83 3.73
C ARG B 164 15.83 -5.05 2.97
N THR B 165 15.39 -4.83 1.72
CA THR B 165 15.00 -5.97 0.90
C THR B 165 16.10 -7.05 0.88
N GLU B 166 17.38 -6.61 0.81
CA GLU B 166 18.48 -7.56 0.65
C GLU B 166 18.58 -8.49 1.87
N GLU B 167 18.11 -8.05 3.05
CA GLU B 167 18.21 -8.86 4.25
C GLU B 167 17.05 -9.87 4.39
N THR B 168 16.11 -9.85 3.44
CA THR B 168 14.96 -10.75 3.51
C THR B 168 15.17 -11.97 2.63
N PHE B 169 14.23 -12.93 2.75
CA PHE B 169 14.18 -14.08 1.86
C PHE B 169 13.15 -13.88 0.76
N GLY B 170 12.72 -12.61 0.55
CA GLY B 170 11.89 -12.31 -0.61
C GLY B 170 10.38 -12.24 -0.30
N GLU B 171 9.56 -12.49 -1.34
CA GLU B 171 8.15 -12.13 -1.31
C GLU B 171 7.24 -13.26 -0.85
N SER B 172 7.73 -14.53 -0.80
CA SER B 172 6.81 -15.67 -0.66
C SER B 172 6.78 -16.12 0.79
N PRO B 173 5.63 -16.10 1.49
CA PRO B 173 5.62 -16.54 2.90
C PRO B 173 6.11 -18.00 3.01
N TYR B 174 5.81 -18.82 1.99
CA TYR B 174 6.25 -20.20 1.99
C TYR B 174 7.78 -20.30 1.93
N LEU B 175 8.39 -19.64 0.93
CA LEU B 175 9.85 -19.74 0.83
C LEU B 175 10.52 -19.10 2.03
N VAL B 176 10.05 -17.92 2.46
CA VAL B 176 10.66 -17.28 3.61
C VAL B 176 10.55 -18.22 4.81
N ALA B 177 9.38 -18.80 5.04
CA ALA B 177 9.24 -19.68 6.21
C ALA B 177 10.19 -20.87 6.11
N ARG B 178 10.30 -21.46 4.91
CA ARG B 178 11.09 -22.69 4.77
C ARG B 178 12.59 -22.39 4.93
N MET B 179 13.04 -21.30 4.32
CA MET B 179 14.45 -20.92 4.51
C MET B 179 14.69 -20.52 5.97
N GLY B 180 13.72 -19.84 6.59
CA GLY B 180 13.87 -19.39 7.98
C GLY B 180 14.03 -20.58 8.95
N VAL B 181 13.27 -21.66 8.74
CA VAL B 181 13.31 -22.77 9.69
C VAL B 181 14.67 -23.44 9.57
N SER B 182 15.19 -23.60 8.33
CA SER B 182 16.50 -24.21 8.17
C SER B 182 17.59 -23.32 8.78
N TYR B 183 17.46 -21.99 8.59
CA TYR B 183 18.41 -21.06 9.15
C TYR B 183 18.48 -21.24 10.68
N VAL B 184 17.29 -21.16 11.33
CA VAL B 184 17.21 -21.34 12.77
C VAL B 184 17.79 -22.69 13.23
N LYS B 185 17.42 -23.77 12.53
CA LYS B 185 17.83 -25.09 12.97
C LYS B 185 19.36 -25.18 12.95
N GLY B 186 20.00 -24.60 11.92
CA GLY B 186 21.46 -24.65 11.89
C GLY B 186 22.10 -23.87 13.03
N LEU B 187 21.57 -22.67 13.33
CA LEU B 187 22.18 -21.88 14.38
C LEU B 187 21.98 -22.58 15.74
N GLN B 188 20.76 -23.05 16.03
CA GLN B 188 20.45 -23.50 17.38
C GLN B 188 20.90 -24.94 17.62
N GLY B 189 20.77 -25.82 16.61
CA GLY B 189 20.99 -27.25 16.84
C GLY B 189 19.92 -27.83 17.77
N GLU B 190 20.12 -29.03 18.30
CA GLU B 190 19.08 -29.67 19.11
C GLU B 190 19.16 -29.23 20.57
N ASP B 191 20.37 -29.22 21.14
CA ASP B 191 20.55 -28.80 22.52
C ASP B 191 21.24 -27.45 22.53
N ILE B 192 20.54 -26.40 23.01
CA ILE B 192 21.05 -25.04 22.86
C ILE B 192 22.31 -24.79 23.69
N LYS B 193 22.60 -25.66 24.67
CA LYS B 193 23.85 -25.52 25.40
C LYS B 193 25.03 -25.65 24.44
N LYS B 194 24.83 -26.29 23.28
CA LYS B 194 25.90 -26.44 22.31
C LYS B 194 25.68 -25.56 21.08
N GLY B 195 24.64 -24.70 21.12
CA GLY B 195 24.28 -23.92 19.94
C GLY B 195 24.17 -22.41 20.21
N VAL B 196 23.53 -21.73 19.26
CA VAL B 196 23.37 -20.30 19.34
C VAL B 196 21.89 -20.00 19.20
N VAL B 197 21.37 -19.14 20.08
CA VAL B 197 19.96 -18.73 20.01
C VAL B 197 19.76 -17.91 18.76
N ALA B 198 18.78 -18.32 17.93
CA ALA B 198 18.44 -17.53 16.77
C ALA B 198 17.38 -16.46 17.17
N THR B 199 17.35 -15.35 16.43
CA THR B 199 16.47 -14.23 16.79
C THR B 199 15.72 -13.88 15.51
N VAL B 200 14.46 -14.33 15.43
CA VAL B 200 13.69 -13.98 14.24
C VAL B 200 13.25 -12.54 14.35
N LYS B 201 13.39 -11.79 13.23
CA LYS B 201 13.05 -10.37 13.28
C LYS B 201 12.44 -9.98 11.94
N HIS B 202 11.66 -8.88 11.88
CA HIS B 202 11.35 -7.91 12.93
C HIS B 202 9.85 -8.01 13.18
N PHE B 203 9.46 -8.57 14.31
CA PHE B 203 8.06 -9.03 14.50
C PHE B 203 7.11 -7.86 14.75
N ALA B 204 6.16 -7.59 13.83
CA ALA B 204 6.02 -8.22 12.50
C ALA B 204 5.41 -7.20 11.55
N GLY B 205 5.72 -7.30 10.26
CA GLY B 205 5.11 -6.38 9.29
C GLY B 205 6.10 -5.34 8.75
N TYR B 206 7.34 -5.32 9.26
CA TYR B 206 8.31 -4.24 9.12
C TYR B 206 8.71 -3.99 7.66
N SER B 207 8.53 -4.98 6.78
CA SER B 207 8.85 -4.89 5.36
C SER B 207 7.72 -4.31 4.53
N ALA B 208 6.61 -3.89 5.15
CA ALA B 208 5.46 -3.35 4.39
C ALA B 208 5.16 -1.92 4.84
N SER B 209 6.19 -1.12 5.08
CA SER B 209 6.00 0.28 5.47
C SER B 209 5.41 1.10 4.34
N GLU B 210 4.64 2.10 4.78
CA GLU B 210 4.09 3.11 3.87
C GLU B 210 5.21 3.62 2.95
N GLY B 211 4.95 3.51 1.63
CA GLY B 211 5.89 4.04 0.64
C GLY B 211 7.25 3.35 0.57
N GLY B 212 7.40 2.21 1.27
CA GLY B 212 8.69 1.53 1.38
C GLY B 212 9.69 2.26 2.27
N LYS B 213 9.18 3.10 3.18
CA LYS B 213 10.06 3.97 3.95
C LYS B 213 10.37 3.36 5.33
N ASN B 214 11.67 3.33 5.68
CA ASN B 214 12.11 2.68 6.91
C ASN B 214 11.42 3.28 8.15
N TRP B 215 10.85 2.39 8.98
CA TRP B 215 10.13 2.68 10.23
C TRP B 215 8.73 3.27 9.99
N ALA B 216 8.30 3.48 8.74
CA ALA B 216 6.97 4.08 8.53
C ALA B 216 5.87 3.02 8.77
N PRO B 217 4.60 3.46 8.95
CA PRO B 217 3.57 2.52 9.41
C PRO B 217 3.43 1.35 8.47
N THR B 218 3.12 0.19 9.07
CA THR B 218 2.87 -1.04 8.31
C THR B 218 1.42 -1.46 8.57
N ASN B 219 0.54 -0.96 7.67
CA ASN B 219 -0.89 -0.99 7.96
C ASN B 219 -1.51 -2.18 7.22
N ILE B 220 -1.56 -3.30 7.93
CA ILE B 220 -1.85 -4.58 7.27
C ILE B 220 -3.12 -5.14 7.93
N PRO B 221 -4.17 -5.54 7.17
CA PRO B 221 -5.38 -6.13 7.78
C PRO B 221 -5.08 -7.57 8.20
N GLU B 222 -6.05 -8.13 8.95
CA GLU B 222 -5.79 -9.34 9.73
C GLU B 222 -5.50 -10.60 8.91
N ARG B 223 -6.28 -10.95 7.87
CA ARG B 223 -6.02 -12.21 7.18
C ARG B 223 -4.66 -12.12 6.49
N GLU B 224 -4.36 -10.98 5.85
CA GLU B 224 -3.07 -10.82 5.19
C GLU B 224 -1.96 -10.88 6.24
N PHE B 225 -2.21 -10.26 7.39
CA PHE B 225 -1.19 -10.27 8.44
C PHE B 225 -0.87 -11.72 8.85
N LYS B 226 -1.92 -12.52 9.07
CA LYS B 226 -1.71 -13.89 9.54
C LYS B 226 -1.09 -14.77 8.45
N GLU B 227 -1.51 -14.61 7.20
CA GLU B 227 -1.12 -15.54 6.13
C GLU B 227 0.22 -15.14 5.52
N VAL B 228 0.52 -13.84 5.44
CA VAL B 228 1.76 -13.43 4.76
C VAL B 228 2.81 -13.14 5.82
N PHE B 229 2.53 -12.22 6.75
CA PHE B 229 3.59 -11.69 7.59
C PHE B 229 3.89 -12.58 8.79
N LEU B 230 2.85 -13.07 9.48
CA LEU B 230 3.08 -13.84 10.71
C LEU B 230 3.54 -15.27 10.39
N PHE B 231 3.05 -15.83 9.28
CA PHE B 231 3.27 -17.23 8.94
C PHE B 231 4.72 -17.66 9.11
N PRO B 232 5.74 -16.98 8.54
CA PRO B 232 7.11 -17.50 8.70
C PRO B 232 7.52 -17.50 10.17
N PHE B 233 7.11 -16.48 10.94
CA PHE B 233 7.46 -16.50 12.37
C PHE B 233 6.77 -17.66 13.07
N GLU B 234 5.49 -17.91 12.71
CA GLU B 234 4.74 -19.00 13.31
C GLU B 234 5.47 -20.34 13.11
N ALA B 235 5.96 -20.57 11.87
CA ALA B 235 6.72 -21.78 11.53
C ALA B 235 8.02 -21.83 12.33
N ALA B 236 8.70 -20.70 12.46
CA ALA B 236 9.96 -20.69 13.20
C ALA B 236 9.72 -21.03 14.67
N VAL B 237 8.62 -20.54 15.24
CA VAL B 237 8.33 -20.80 16.65
C VAL B 237 7.92 -22.27 16.80
N LYS B 238 7.01 -22.76 15.97
CA LYS B 238 6.37 -24.05 16.26
C LYS B 238 7.19 -25.20 15.69
N GLU B 239 7.79 -25.02 14.52
CA GLU B 239 8.53 -26.11 13.91
C GLU B 239 10.00 -26.03 14.28
N ALA B 240 10.57 -24.82 14.36
CA ALA B 240 12.02 -24.70 14.56
C ALA B 240 12.36 -24.35 16.01
N ASN B 241 11.36 -24.16 16.88
CA ASN B 241 11.59 -23.91 18.30
C ASN B 241 12.55 -22.74 18.51
N VAL B 242 12.37 -21.66 17.73
CA VAL B 242 13.27 -20.53 17.82
C VAL B 242 13.22 -19.95 19.23
N LEU B 243 14.38 -19.52 19.78
CA LEU B 243 14.40 -19.10 21.18
C LEU B 243 14.43 -17.59 21.42
N SER B 244 14.47 -16.78 20.34
CA SER B 244 14.30 -15.34 20.56
C SER B 244 13.57 -14.72 19.38
N VAL B 245 12.82 -13.66 19.68
CA VAL B 245 12.14 -12.83 18.69
C VAL B 245 12.50 -11.38 18.99
N MET B 246 12.72 -10.58 17.94
CA MET B 246 12.93 -9.14 18.07
C MET B 246 11.75 -8.42 17.43
N ASN B 247 11.29 -7.32 18.07
CA ASN B 247 10.12 -6.62 17.54
C ASN B 247 10.48 -5.67 16.38
N SER B 248 9.42 -5.23 15.68
CA SER B 248 9.50 -4.22 14.62
C SER B 248 9.47 -2.80 15.19
N TYR B 249 10.23 -1.91 14.53
CA TYR B 249 10.21 -0.49 14.87
C TYR B 249 8.91 0.20 14.45
N SER B 250 8.16 -0.43 13.54
CA SER B 250 6.99 0.26 13.00
C SER B 250 5.74 0.08 13.86
N GLU B 251 4.79 1.00 13.64
CA GLU B 251 3.43 0.80 14.14
C GLU B 251 2.63 -0.04 13.15
N ILE B 252 1.66 -0.79 13.69
CA ILE B 252 0.61 -1.38 12.83
C ILE B 252 -0.66 -0.64 13.18
N ASP B 253 -1.14 0.21 12.25
CA ASP B 253 -2.46 0.81 12.39
C ASP B 253 -2.62 1.55 13.73
N GLY B 254 -1.62 2.31 14.15
CA GLY B 254 -1.72 3.16 15.34
C GLY B 254 -1.00 2.60 16.58
N VAL B 255 -0.53 1.34 16.51
CA VAL B 255 0.10 0.71 17.67
C VAL B 255 1.54 0.31 17.32
N PRO B 256 2.57 0.98 17.89
CA PRO B 256 3.95 0.51 17.77
C PRO B 256 4.08 -0.94 18.25
N CYS B 257 4.78 -1.77 17.44
CA CYS B 257 4.98 -3.16 17.84
C CYS B 257 5.64 -3.32 19.20
N ALA B 258 6.55 -2.40 19.58
CA ALA B 258 7.21 -2.52 20.88
C ALA B 258 6.26 -2.23 22.05
N ALA B 259 5.08 -1.67 21.78
CA ALA B 259 4.10 -1.42 22.85
C ALA B 259 2.84 -2.28 22.67
N ASN B 260 2.92 -3.34 21.84
CA ASN B 260 1.70 -4.07 21.50
C ASN B 260 1.64 -5.43 22.18
N ARG B 261 0.93 -5.52 23.33
CA ARG B 261 0.81 -6.79 24.04
C ARG B 261 0.03 -7.79 23.20
N LYS B 262 -0.92 -7.28 22.36
CA LYS B 262 -1.68 -8.22 21.57
C LYS B 262 -0.78 -8.98 20.61
N LEU B 263 0.36 -8.37 20.21
CA LEU B 263 1.23 -9.00 19.25
C LEU B 263 2.34 -9.78 19.98
N LEU B 264 3.10 -9.11 20.86
CA LEU B 264 4.31 -9.74 21.41
C LEU B 264 3.97 -10.77 22.52
N THR B 265 2.74 -10.69 23.09
CA THR B 265 2.33 -11.67 24.08
C THR B 265 1.17 -12.53 23.55
N ASP B 266 0.05 -11.89 23.15
CA ASP B 266 -1.14 -12.71 22.90
C ASP B 266 -0.94 -13.64 21.71
N ILE B 267 -0.38 -13.15 20.62
CA ILE B 267 -0.09 -14.03 19.50
C ILE B 267 1.13 -14.90 19.82
N LEU B 268 2.25 -14.25 20.10
CA LEU B 268 3.52 -15.00 20.12
C LEU B 268 3.58 -16.02 21.27
N ARG B 269 3.22 -15.58 22.49
N ARG B 269 3.24 -15.59 22.50
CA ARG B 269 3.30 -16.46 23.64
CA ARG B 269 3.33 -16.46 23.67
C ARG B 269 2.03 -17.29 23.83
C ARG B 269 2.06 -17.27 23.91
N LYS B 270 0.88 -16.62 23.91
CA LYS B 270 -0.37 -17.31 24.24
C LYS B 270 -0.83 -18.21 23.11
N ASP B 271 -0.98 -17.65 21.90
CA ASP B 271 -1.51 -18.48 20.84
C ASP B 271 -0.49 -19.50 20.35
N TRP B 272 0.79 -19.09 20.21
CA TRP B 272 1.75 -19.96 19.53
C TRP B 272 2.62 -20.75 20.51
N GLY B 273 2.67 -20.34 21.77
CA GLY B 273 3.43 -21.12 22.75
C GLY B 273 4.94 -20.82 22.75
N PHE B 274 5.34 -19.62 22.30
CA PHE B 274 6.78 -19.27 22.33
C PHE B 274 7.26 -19.22 23.78
N GLU B 275 8.46 -19.79 24.06
CA GLU B 275 8.96 -19.89 25.43
C GLU B 275 10.28 -19.15 25.63
N GLY B 276 10.78 -18.50 24.59
CA GLY B 276 12.08 -17.85 24.66
C GLY B 276 12.01 -16.41 25.15
N ILE B 277 12.99 -15.58 24.75
CA ILE B 277 12.98 -14.19 25.13
C ILE B 277 12.66 -13.31 23.93
N VAL B 278 11.93 -12.23 24.21
CA VAL B 278 11.76 -11.16 23.23
C VAL B 278 12.79 -10.08 23.58
N VAL B 279 13.63 -9.75 22.58
CA VAL B 279 14.57 -8.65 22.75
C VAL B 279 14.09 -7.46 21.92
N SER B 280 14.33 -6.26 22.43
CA SER B 280 13.88 -5.09 21.68
C SER B 280 14.78 -4.95 20.46
N ASP B 281 14.23 -4.38 19.37
CA ASP B 281 15.13 -3.77 18.39
C ASP B 281 15.90 -2.65 19.09
N TYR B 282 17.03 -2.23 18.50
CA TYR B 282 17.90 -1.28 19.21
C TYR B 282 17.21 0.05 19.45
N PHE B 283 17.10 0.47 20.72
CA PHE B 283 16.44 1.73 21.11
C PHE B 283 14.93 1.69 20.86
N ALA B 284 14.36 0.53 20.48
CA ALA B 284 12.92 0.51 20.19
C ALA B 284 12.07 0.90 21.41
N VAL B 285 12.53 0.62 22.65
CA VAL B 285 11.77 1.05 23.81
C VAL B 285 11.82 2.58 23.95
N LYS B 286 13.03 3.15 23.90
CA LYS B 286 13.19 4.60 24.07
C LYS B 286 12.37 5.37 23.04
N VAL B 287 12.34 4.89 21.80
CA VAL B 287 11.70 5.70 20.78
C VAL B 287 10.17 5.58 20.80
N LEU B 288 9.59 4.75 21.70
CA LEU B 288 8.17 4.89 21.97
C LEU B 288 7.86 6.33 22.39
N GLU B 289 8.81 6.96 23.07
CA GLU B 289 8.68 8.37 23.40
C GLU B 289 9.15 9.23 22.23
N ASP B 290 10.42 9.06 21.84
CA ASP B 290 11.06 10.06 20.98
C ASP B 290 10.50 10.10 19.58
N TYR B 291 10.07 8.95 19.06
CA TYR B 291 9.69 8.87 17.66
C TYR B 291 8.16 8.74 17.54
N HIS B 292 7.56 7.74 18.23
CA HIS B 292 6.14 7.48 18.05
C HIS B 292 5.28 8.42 18.89
N ARG B 293 5.87 9.07 19.93
CA ARG B 293 5.17 10.05 20.75
C ARG B 293 3.95 9.42 21.47
N ILE B 294 4.10 8.18 21.95
CA ILE B 294 3.03 7.59 22.76
C ILE B 294 3.47 7.36 24.21
N ALA B 295 4.74 7.66 24.54
CA ALA B 295 5.16 7.53 25.94
C ALA B 295 5.70 8.88 26.38
N ARG B 296 5.27 9.35 27.55
CA ARG B 296 5.60 10.72 27.96
C ARG B 296 7.00 10.85 28.55
N ASP B 297 7.58 9.73 28.99
CA ASP B 297 8.94 9.75 29.50
C ASP B 297 9.49 8.34 29.43
N LYS B 298 10.76 8.16 29.82
CA LYS B 298 11.40 6.84 29.71
C LYS B 298 10.72 5.80 30.59
N SER B 299 10.15 6.20 31.74
CA SER B 299 9.53 5.19 32.58
C SER B 299 8.21 4.71 31.98
N GLU B 300 7.46 5.59 31.29
CA GLU B 300 6.28 5.11 30.57
C GLU B 300 6.65 4.19 29.41
N ALA B 301 7.72 4.56 28.66
CA ALA B 301 8.19 3.70 27.58
C ALA B 301 8.55 2.31 28.14
N ALA B 302 9.22 2.29 29.31
CA ALA B 302 9.59 1.02 29.91
C ALA B 302 8.32 0.22 30.24
N ARG B 303 7.31 0.90 30.85
CA ARG B 303 6.12 0.17 31.26
C ARG B 303 5.42 -0.40 30.02
N LEU B 304 5.28 0.42 28.95
CA LEU B 304 4.59 -0.07 27.76
C LEU B 304 5.29 -1.29 27.17
N ALA B 305 6.63 -1.25 27.12
CA ALA B 305 7.38 -2.34 26.48
C ALA B 305 7.34 -3.62 27.34
N LEU B 306 7.42 -3.45 28.68
CA LEU B 306 7.38 -4.63 29.53
C LEU B 306 5.98 -5.25 29.48
N GLU B 307 4.93 -4.40 29.57
CA GLU B 307 3.60 -4.99 29.45
C GLU B 307 3.39 -5.63 28.07
N ALA B 308 4.03 -5.10 27.04
CA ALA B 308 3.83 -5.70 25.72
C ALA B 308 4.48 -7.08 25.67
N GLY B 309 5.59 -7.26 26.40
CA GLY B 309 6.28 -8.54 26.43
C GLY B 309 7.74 -8.49 25.98
N ILE B 310 8.35 -7.30 25.95
CA ILE B 310 9.80 -7.23 25.69
C ILE B 310 10.49 -7.63 27.00
N ASP B 311 11.39 -8.62 26.91
CA ASP B 311 12.13 -9.09 28.09
C ASP B 311 13.46 -8.36 28.26
N VAL B 312 14.16 -8.02 27.15
CA VAL B 312 15.46 -7.39 27.27
C VAL B 312 15.52 -6.14 26.40
N GLU B 313 15.87 -5.03 27.04
CA GLU B 313 16.07 -3.76 26.35
C GLU B 313 17.48 -3.75 25.77
N LEU B 314 17.56 -3.63 24.43
CA LEU B 314 18.84 -3.54 23.72
C LEU B 314 18.93 -2.17 23.06
N PRO B 315 20.15 -1.67 22.71
CA PRO B 315 21.44 -2.34 22.95
C PRO B 315 22.10 -1.98 24.27
N LYS B 316 21.45 -1.09 25.04
CA LYS B 316 21.95 -0.69 26.35
C LYS B 316 20.74 -0.33 27.21
N THR B 317 20.84 -0.64 28.50
CA THR B 317 19.81 -0.23 29.43
C THR B 317 19.61 1.29 29.31
N GLU B 318 18.35 1.70 29.17
CA GLU B 318 18.09 3.12 29.11
C GLU B 318 16.75 3.35 29.81
N CYS B 319 15.68 2.76 29.29
CA CYS B 319 14.39 2.95 29.94
C CYS B 319 14.19 1.91 31.04
N TYR B 320 14.68 0.69 30.84
CA TYR B 320 14.32 -0.41 31.73
C TYR B 320 14.92 -0.22 33.13
N GLN B 321 15.90 0.68 33.32
CA GLN B 321 16.34 0.94 34.68
C GLN B 321 15.21 1.52 35.54
N TYR B 322 14.26 2.24 34.90
CA TYR B 322 13.14 2.83 35.63
C TYR B 322 12.06 1.82 36.03
N LEU B 323 12.18 0.56 35.61
CA LEU B 323 11.24 -0.45 36.13
C LEU B 323 11.39 -0.57 37.64
N LYS B 324 12.62 -0.35 38.18
CA LYS B 324 12.81 -0.42 39.62
C LYS B 324 11.94 0.66 40.29
N ASP B 325 12.01 1.90 39.77
CA ASP B 325 11.22 3.00 40.34
C ASP B 325 9.73 2.71 40.19
N LEU B 326 9.34 2.11 39.05
CA LEU B 326 7.92 1.89 38.83
C LEU B 326 7.36 0.91 39.85
N VAL B 327 8.14 -0.12 40.22
CA VAL B 327 7.69 -1.01 41.27
C VAL B 327 7.68 -0.30 42.63
N GLU B 328 8.77 0.40 42.94
CA GLU B 328 8.87 1.07 44.24
C GLU B 328 7.75 2.09 44.44
N LYS B 329 7.26 2.69 43.34
CA LYS B 329 6.23 3.70 43.43
C LYS B 329 4.82 3.08 43.29
N GLY B 330 4.77 1.73 43.19
CA GLY B 330 3.47 1.08 43.13
C GLY B 330 2.71 1.34 41.83
N ILE B 331 3.46 1.53 40.71
CA ILE B 331 2.83 1.75 39.41
C ILE B 331 2.68 0.43 38.67
N ILE B 332 3.68 -0.47 38.77
CA ILE B 332 3.58 -1.81 38.22
C ILE B 332 3.85 -2.81 39.32
N SER B 333 3.40 -4.07 39.09
CA SER B 333 3.61 -5.13 40.07
C SER B 333 4.96 -5.77 39.79
N GLU B 334 5.69 -6.08 40.88
CA GLU B 334 6.94 -6.83 40.73
C GLU B 334 6.70 -8.18 40.06
N ALA B 335 5.47 -8.75 40.14
CA ALA B 335 5.23 -10.04 39.51
C ALA B 335 5.49 -9.95 37.99
N LEU B 336 5.23 -8.80 37.40
CA LEU B 336 5.40 -8.65 35.95
C LEU B 336 6.89 -8.64 35.58
N ILE B 337 7.70 -8.01 36.42
CA ILE B 337 9.16 -8.10 36.30
C ILE B 337 9.62 -9.55 36.48
N ASP B 338 9.08 -10.24 37.48
CA ASP B 338 9.49 -11.61 37.74
C ASP B 338 9.25 -12.49 36.51
N GLU B 339 8.15 -12.23 35.80
CA GLU B 339 7.80 -13.07 34.67
C GLU B 339 8.88 -12.94 33.59
N ALA B 340 9.35 -11.71 33.35
CA ALA B 340 10.37 -11.46 32.32
C ALA B 340 11.71 -12.04 32.79
N VAL B 341 12.03 -11.81 34.07
CA VAL B 341 13.30 -12.31 34.57
C VAL B 341 13.36 -13.83 34.45
N THR B 342 12.25 -14.50 34.75
CA THR B 342 12.15 -15.95 34.63
C THR B 342 12.55 -16.41 33.23
N ARG B 343 12.07 -15.70 32.19
CA ARG B 343 12.35 -16.12 30.82
C ARG B 343 13.86 -15.99 30.51
N VAL B 344 14.48 -14.91 31.01
CA VAL B 344 15.89 -14.65 30.78
C VAL B 344 16.72 -15.71 31.52
N LEU B 345 16.41 -15.91 32.81
CA LEU B 345 17.22 -16.88 33.58
C LEU B 345 17.10 -18.29 33.02
N ARG B 346 15.87 -18.69 32.60
N ARG B 346 15.89 -18.69 32.60
CA ARG B 346 15.67 -20.03 32.06
CA ARG B 346 15.67 -20.03 32.07
C ARG B 346 16.65 -20.24 30.91
C ARG B 346 16.60 -20.26 30.88
N LEU B 347 16.69 -19.26 30.00
CA LEU B 347 17.52 -19.42 28.81
C LEU B 347 19.01 -19.44 29.16
N LYS B 348 19.41 -18.65 30.16
CA LYS B 348 20.80 -18.70 30.62
C LYS B 348 21.15 -20.06 31.18
N PHE B 349 20.22 -20.68 31.97
CA PHE B 349 20.49 -22.05 32.44
C PHE B 349 20.58 -22.99 31.24
N MET B 350 19.64 -22.89 30.31
CA MET B 350 19.64 -23.84 29.19
C MET B 350 20.91 -23.71 28.35
N LEU B 351 21.49 -22.52 28.27
CA LEU B 351 22.72 -22.32 27.48
C LEU B 351 23.94 -22.87 28.22
N GLY B 352 23.77 -23.37 29.45
CA GLY B 352 24.90 -24.00 30.17
C GLY B 352 25.78 -22.99 30.90
N LEU B 353 25.34 -21.73 30.98
CA LEU B 353 26.22 -20.66 31.42
C LEU B 353 26.52 -20.75 32.92
N PHE B 354 25.65 -21.38 33.72
CA PHE B 354 25.96 -21.46 35.14
C PHE B 354 26.93 -22.62 35.39
N GLU B 355 27.08 -23.52 34.41
CA GLU B 355 28.06 -24.61 34.53
C GLU B 355 29.39 -24.17 33.93
N ASN B 356 29.35 -23.48 32.78
CA ASN B 356 30.59 -23.06 32.19
C ASN B 356 30.36 -21.87 31.27
N PRO B 357 30.69 -20.66 31.73
CA PRO B 357 30.50 -19.48 30.89
C PRO B 357 31.75 -19.08 30.13
N TYR B 358 32.83 -19.86 30.24
CA TYR B 358 34.09 -19.44 29.61
C TYR B 358 34.36 -20.21 28.33
N VAL B 359 35.23 -19.63 27.47
CA VAL B 359 35.70 -20.35 26.29
C VAL B 359 37.23 -20.46 26.36
N GLU B 360 37.77 -21.41 25.59
CA GLU B 360 39.23 -21.54 25.51
C GLU B 360 39.76 -20.57 24.46
N VAL B 361 40.45 -19.54 24.91
CA VAL B 361 40.96 -18.51 24.04
C VAL B 361 41.85 -19.09 22.94
N GLU B 362 42.59 -20.16 23.26
CA GLU B 362 43.51 -20.78 22.31
C GLU B 362 42.72 -21.41 21.17
N LYS B 363 41.41 -21.66 21.37
CA LYS B 363 40.62 -22.26 20.29
C LYS B 363 39.74 -21.22 19.60
N ALA B 364 39.89 -19.94 19.97
CA ALA B 364 38.95 -18.94 19.48
C ALA B 364 39.24 -18.47 18.04
N LYS B 365 40.05 -19.22 17.28
CA LYS B 365 40.37 -18.80 15.92
C LYS B 365 39.29 -19.27 14.95
N ILE B 366 38.65 -18.28 14.33
CA ILE B 366 37.53 -18.57 13.44
C ILE B 366 38.05 -19.08 12.11
N GLU B 367 37.51 -20.21 11.65
CA GLU B 367 37.91 -20.82 10.41
C GLU B 367 37.19 -20.14 9.25
N SER B 368 37.86 -20.09 8.08
CA SER B 368 37.22 -19.57 6.89
C SER B 368 36.15 -20.55 6.41
N HIS B 369 34.95 -20.04 6.05
CA HIS B 369 33.95 -20.87 5.39
C HIS B 369 33.73 -20.39 3.95
N ARG B 370 34.84 -20.00 3.29
CA ARG B 370 34.76 -19.58 1.90
C ARG B 370 34.13 -20.69 1.05
N ASP B 371 34.39 -21.96 1.37
CA ASP B 371 33.79 -23.06 0.62
C ASP B 371 32.26 -23.00 0.61
N ILE B 372 31.65 -22.84 1.79
CA ILE B 372 30.19 -22.77 1.85
C ILE B 372 29.73 -21.48 1.17
N ALA B 373 30.43 -20.37 1.42
CA ALA B 373 30.08 -19.08 0.80
C ALA B 373 30.07 -19.22 -0.73
N LEU B 374 31.08 -19.91 -1.27
CA LEU B 374 31.17 -20.04 -2.73
C LEU B 374 30.05 -20.95 -3.24
N GLU B 375 29.63 -21.97 -2.45
CA GLU B 375 28.53 -22.80 -2.93
C GLU B 375 27.24 -21.96 -2.99
N ILE B 376 27.01 -21.15 -1.95
CA ILE B 376 25.84 -20.26 -1.96
C ILE B 376 25.93 -19.28 -3.10
N ALA B 377 27.11 -18.63 -3.27
CA ALA B 377 27.20 -17.66 -4.36
C ALA B 377 26.93 -18.33 -5.70
N ARG B 378 27.52 -19.52 -5.92
CA ARG B 378 27.35 -20.18 -7.22
C ARG B 378 25.90 -20.61 -7.48
N LYS B 379 25.15 -20.94 -6.40
CA LYS B 379 23.76 -21.35 -6.57
C LYS B 379 22.78 -20.17 -6.51
N SER B 380 23.24 -18.98 -6.11
CA SER B 380 22.30 -17.87 -5.90
C SER B 380 22.22 -16.93 -7.10
N ILE B 381 23.25 -16.92 -7.97
CA ILE B 381 23.23 -15.99 -9.07
C ILE B 381 22.15 -16.38 -10.04
N ILE B 382 21.38 -15.40 -10.49
CA ILE B 382 20.24 -15.70 -11.35
C ILE B 382 20.53 -15.19 -12.77
N LEU B 383 20.33 -16.09 -13.75
CA LEU B 383 20.38 -15.68 -15.14
C LEU B 383 18.99 -15.19 -15.54
N LEU B 384 18.82 -13.86 -15.62
CA LEU B 384 17.49 -13.31 -15.90
C LEU B 384 17.21 -13.33 -17.40
N LYS B 385 18.26 -13.07 -18.21
CA LYS B 385 18.05 -13.02 -19.65
C LYS B 385 19.32 -13.57 -20.32
N ASN B 386 19.14 -14.31 -21.41
CA ASN B 386 20.30 -14.74 -22.16
C ASN B 386 19.85 -15.02 -23.60
N ASP B 387 20.27 -14.17 -24.55
CA ASP B 387 19.93 -14.42 -25.95
C ASP B 387 20.86 -15.47 -26.57
N GLY B 388 21.80 -16.02 -25.81
CA GLY B 388 22.71 -17.06 -26.32
C GLY B 388 24.17 -16.63 -26.21
N ILE B 389 24.42 -15.36 -25.88
CA ILE B 389 25.78 -14.87 -25.69
C ILE B 389 26.48 -15.69 -24.59
N LEU B 390 25.74 -16.08 -23.52
CA LEU B 390 26.37 -16.80 -22.44
C LEU B 390 26.11 -18.30 -22.60
N PRO B 391 27.06 -19.19 -22.23
CA PRO B 391 28.35 -18.78 -21.64
C PRO B 391 29.33 -18.27 -22.71
N LEU B 392 30.19 -17.33 -22.29
CA LEU B 392 31.17 -16.70 -23.18
C LEU B 392 32.30 -17.67 -23.47
N GLN B 393 32.93 -17.47 -24.64
CA GLN B 393 34.16 -18.20 -24.93
C GLN B 393 35.33 -17.45 -24.27
N LYS B 394 36.32 -18.22 -23.81
CA LYS B 394 37.42 -17.62 -23.05
C LYS B 394 38.37 -16.81 -23.95
N ASN B 395 38.27 -16.99 -25.27
CA ASN B 395 39.15 -16.27 -26.21
C ASN B 395 38.62 -14.86 -26.55
N LYS B 396 37.40 -14.48 -26.11
CA LYS B 396 36.85 -13.18 -26.46
C LYS B 396 37.50 -12.10 -25.59
N LYS B 397 37.87 -10.98 -26.23
CA LYS B 397 38.48 -9.86 -25.49
C LYS B 397 37.35 -9.13 -24.76
N VAL B 398 37.55 -8.88 -23.46
CA VAL B 398 36.48 -8.30 -22.67
C VAL B 398 36.79 -6.87 -22.31
N ALA B 399 35.75 -6.00 -22.41
CA ALA B 399 35.81 -4.66 -21.86
C ALA B 399 34.99 -4.74 -20.57
N LEU B 400 35.68 -4.66 -19.44
CA LEU B 400 35.06 -4.84 -18.14
C LEU B 400 34.81 -3.42 -17.63
N ILE B 401 33.52 -3.07 -17.46
CA ILE B 401 33.18 -1.68 -17.26
C ILE B 401 32.23 -1.60 -16.08
N GLY B 402 32.44 -0.56 -15.25
CA GLY B 402 31.38 -0.21 -14.29
C GLY B 402 31.93 -0.16 -12.88
N PRO B 403 31.26 0.58 -11.98
CA PRO B 403 31.78 0.76 -10.63
C PRO B 403 31.86 -0.53 -9.84
N ASN B 404 30.97 -1.48 -10.14
CA ASN B 404 30.93 -2.67 -9.29
C ASN B 404 31.88 -3.76 -9.82
N ALA B 405 32.58 -3.47 -10.94
CA ALA B 405 33.56 -4.43 -11.45
C ALA B 405 34.86 -4.28 -10.68
N GLY B 406 35.11 -3.05 -10.23
CA GLY B 406 36.42 -2.75 -9.68
C GLY B 406 36.46 -2.60 -8.16
N GLU B 407 35.31 -2.37 -7.50
CA GLU B 407 35.32 -1.98 -6.08
C GLU B 407 34.77 -3.11 -5.24
N VAL B 408 35.66 -3.74 -4.46
CA VAL B 408 35.40 -4.89 -3.61
C VAL B 408 34.38 -4.51 -2.54
N ARG B 409 34.40 -3.25 -2.08
CA ARG B 409 33.52 -2.78 -1.00
C ARG B 409 32.06 -2.98 -1.39
N ASN B 410 31.79 -2.89 -2.70
CA ASN B 410 30.42 -2.90 -3.18
C ASN B 410 29.87 -4.33 -3.35
N LEU B 411 30.72 -5.34 -3.10
CA LEU B 411 30.25 -6.71 -3.03
C LEU B 411 29.58 -6.99 -1.69
N LEU B 412 29.74 -6.08 -0.72
CA LEU B 412 29.38 -6.37 0.68
C LEU B 412 27.98 -5.88 0.97
N GLY B 413 27.26 -6.64 1.81
CA GLY B 413 25.91 -6.30 2.24
C GLY B 413 25.92 -5.51 3.55
N ASP B 414 24.73 -5.05 3.97
CA ASP B 414 24.63 -4.05 5.03
C ASP B 414 24.96 -4.60 6.43
N TYR B 415 25.01 -5.93 6.59
CA TYR B 415 25.36 -6.58 7.86
C TYR B 415 26.65 -7.41 7.70
N MET B 416 27.40 -7.12 6.62
CA MET B 416 28.77 -7.62 6.53
C MET B 416 29.70 -6.61 7.20
N TYR B 417 30.55 -7.12 8.12
CA TYR B 417 31.25 -6.28 9.07
C TYR B 417 31.99 -5.11 8.41
N LEU B 418 32.75 -5.39 7.35
CA LEU B 418 33.55 -4.34 6.72
C LEU B 418 32.74 -3.29 5.94
N ALA B 419 31.46 -3.57 5.63
CA ALA B 419 30.54 -2.53 5.17
C ALA B 419 29.85 -1.82 6.34
N HIS B 420 29.34 -2.61 7.30
CA HIS B 420 28.46 -2.11 8.35
C HIS B 420 29.20 -1.08 9.21
N ILE B 421 30.49 -1.36 9.44
CA ILE B 421 31.21 -0.59 10.46
C ILE B 421 31.54 0.82 9.98
N ARG B 422 31.40 1.04 8.66
CA ARG B 422 31.65 2.33 8.01
C ARG B 422 30.73 3.42 8.57
N ALA B 423 29.54 3.03 9.07
CA ALA B 423 28.66 3.93 9.83
C ALA B 423 29.45 4.52 11.01
N LEU B 445 42.54 1.92 13.50
CA LEU B 445 41.20 1.36 13.17
C LEU B 445 40.90 1.54 11.69
N LYS B 446 41.21 2.74 11.15
CA LYS B 446 41.17 3.00 9.71
C LYS B 446 42.07 2.00 8.97
N LYS B 447 43.30 1.78 9.48
CA LYS B 447 44.27 0.85 8.92
C LYS B 447 43.77 -0.60 9.00
N SER B 448 43.12 -0.97 10.12
CA SER B 448 42.61 -2.33 10.30
C SER B 448 41.55 -2.67 9.26
N ILE B 449 40.60 -1.73 9.03
CA ILE B 449 39.53 -1.92 8.05
C ILE B 449 40.13 -2.07 6.65
N GLU B 450 40.97 -1.09 6.26
CA GLU B 450 41.60 -1.04 4.94
C GLU B 450 42.39 -2.32 4.68
N GLU B 451 43.11 -2.81 5.70
CA GLU B 451 43.92 -4.01 5.57
C GLU B 451 43.01 -5.22 5.32
N HIS B 452 41.93 -5.34 6.11
CA HIS B 452 41.05 -6.50 6.01
C HIS B 452 40.30 -6.47 4.68
N MET B 453 39.93 -5.28 4.21
CA MET B 453 39.25 -5.16 2.91
C MET B 453 40.10 -5.81 1.81
N LYS B 454 41.41 -5.53 1.87
CA LYS B 454 42.42 -5.92 0.89
C LYS B 454 42.41 -7.43 0.66
N SER B 455 42.00 -8.22 1.66
CA SER B 455 42.11 -9.66 1.54
C SER B 455 40.94 -10.30 0.77
N ILE B 456 39.91 -9.51 0.42
CA ILE B 456 38.75 -10.06 -0.26
C ILE B 456 38.98 -9.94 -1.78
N PRO B 457 38.85 -11.04 -2.55
CA PRO B 457 39.00 -10.98 -4.01
C PRO B 457 37.95 -10.13 -4.72
N SER B 458 38.40 -9.43 -5.77
CA SER B 458 37.64 -8.50 -6.58
C SER B 458 37.07 -9.27 -7.77
N VAL B 459 36.08 -8.70 -8.45
CA VAL B 459 35.63 -9.19 -9.75
C VAL B 459 36.80 -9.14 -10.74
N LEU B 460 37.57 -8.05 -10.71
CA LEU B 460 38.78 -7.90 -11.53
C LEU B 460 39.70 -9.08 -11.32
N ASP B 461 39.99 -9.41 -10.05
CA ASP B 461 40.88 -10.48 -9.67
C ASP B 461 40.40 -11.81 -10.25
N ALA B 462 39.08 -12.04 -10.23
CA ALA B 462 38.58 -13.32 -10.69
C ALA B 462 38.74 -13.41 -12.21
N PHE B 463 38.53 -12.31 -12.93
CA PHE B 463 38.78 -12.32 -14.37
C PHE B 463 40.26 -12.61 -14.67
N LYS B 464 41.16 -12.04 -13.89
CA LYS B 464 42.59 -12.26 -14.12
C LYS B 464 42.95 -13.71 -13.85
N GLU B 465 42.42 -14.25 -12.74
CA GLU B 465 42.72 -15.62 -12.39
C GLU B 465 42.20 -16.58 -13.45
N GLU B 466 41.05 -16.27 -14.08
CA GLU B 466 40.47 -17.17 -15.06
C GLU B 466 41.24 -17.05 -16.40
N GLY B 467 42.15 -16.08 -16.49
CA GLY B 467 43.04 -16.01 -17.64
C GLY B 467 42.41 -15.23 -18.79
N ILE B 468 41.41 -14.38 -18.49
CA ILE B 468 40.72 -13.68 -19.56
C ILE B 468 41.57 -12.48 -19.95
N GLU B 469 41.62 -12.18 -21.25
CA GLU B 469 42.20 -10.91 -21.67
C GLU B 469 41.14 -9.82 -21.59
N PHE B 470 41.42 -8.80 -20.78
CA PHE B 470 40.44 -7.73 -20.65
C PHE B 470 41.12 -6.39 -20.38
N GLU B 471 40.38 -5.30 -20.64
CA GLU B 471 40.73 -3.99 -20.12
C GLU B 471 39.60 -3.53 -19.19
N TYR B 472 39.92 -2.67 -18.21
CA TYR B 472 38.91 -2.24 -17.25
C TYR B 472 38.72 -0.73 -17.37
N ALA B 473 37.46 -0.27 -17.38
CA ALA B 473 37.15 1.16 -17.30
C ALA B 473 36.06 1.30 -16.23
N LYS B 474 36.25 2.17 -15.24
CA LYS B 474 35.27 2.28 -14.16
C LYS B 474 33.95 2.78 -14.73
N GLY B 475 33.99 3.72 -15.70
CA GLY B 475 32.80 4.17 -16.38
C GLY B 475 32.08 5.29 -15.63
N CYS B 476 31.64 5.00 -14.38
CA CYS B 476 31.06 6.07 -13.54
C CYS B 476 31.11 5.61 -12.08
N GLU B 477 30.72 6.50 -11.16
CA GLU B 477 30.60 6.09 -9.76
C GLU B 477 29.24 5.46 -9.56
N VAL B 478 29.03 4.87 -8.38
CA VAL B 478 27.70 4.36 -8.08
C VAL B 478 26.71 5.50 -7.95
N THR B 479 27.12 6.62 -7.34
CA THR B 479 26.21 7.75 -7.18
C THR B 479 26.74 8.99 -7.89
N GLY B 480 25.89 10.01 -7.98
CA GLY B 480 26.25 11.28 -8.60
C GLY B 480 25.94 11.27 -10.08
N GLU B 481 26.32 12.32 -10.81
CA GLU B 481 25.90 12.47 -12.19
C GLU B 481 27.10 12.71 -13.12
N ASP B 482 28.30 12.40 -12.63
CA ASP B 482 29.52 12.63 -13.42
C ASP B 482 29.59 11.61 -14.55
N ARG B 483 29.62 12.09 -15.81
CA ARG B 483 29.71 11.22 -16.98
C ARG B 483 31.08 11.31 -17.65
N SER B 484 32.09 11.85 -16.97
CA SER B 484 33.37 12.11 -17.60
C SER B 484 34.16 10.81 -17.82
N GLY B 485 33.73 9.70 -17.21
CA GLY B 485 34.40 8.43 -17.42
C GLY B 485 33.77 7.63 -18.56
N PHE B 486 32.70 8.15 -19.15
CA PHE B 486 31.99 7.42 -20.20
C PHE B 486 32.88 7.19 -21.43
N GLU B 487 33.63 8.23 -21.83
CA GLU B 487 34.40 8.14 -23.08
C GLU B 487 35.38 6.96 -23.02
N GLU B 488 36.11 6.85 -21.90
CA GLU B 488 37.09 5.78 -21.75
C GLU B 488 36.40 4.41 -21.82
N ALA B 489 35.25 4.26 -21.13
CA ALA B 489 34.51 3.00 -21.22
C ALA B 489 34.06 2.68 -22.65
N ILE B 490 33.52 3.66 -23.37
CA ILE B 490 33.05 3.48 -24.73
C ILE B 490 34.25 3.06 -25.62
N GLU B 491 35.40 3.70 -25.38
CA GLU B 491 36.59 3.42 -26.20
C GLU B 491 37.07 1.99 -26.01
N ILE B 492 37.12 1.50 -24.75
CA ILE B 492 37.54 0.11 -24.55
C ILE B 492 36.47 -0.85 -25.06
N ALA B 493 35.18 -0.47 -24.97
CA ALA B 493 34.17 -1.35 -25.56
C ALA B 493 34.38 -1.53 -27.07
N LYS B 494 34.66 -0.41 -27.77
CA LYS B 494 34.81 -0.46 -29.22
C LYS B 494 35.96 -1.37 -29.64
N LYS B 495 36.97 -1.53 -28.78
CA LYS B 495 38.15 -2.32 -29.06
C LYS B 495 38.03 -3.76 -28.56
N SER B 496 36.87 -4.13 -27.99
CA SER B 496 36.74 -5.46 -27.40
C SER B 496 35.76 -6.28 -28.23
N ASP B 497 35.57 -7.53 -27.82
CA ASP B 497 34.57 -8.38 -28.44
C ASP B 497 33.25 -8.31 -27.69
N VAL B 498 33.32 -8.10 -26.39
CA VAL B 498 32.11 -8.11 -25.55
C VAL B 498 32.35 -7.18 -24.36
N ALA B 499 31.30 -6.42 -24.01
CA ALA B 499 31.35 -5.53 -22.88
C ALA B 499 30.60 -6.20 -21.74
N ILE B 500 31.27 -6.30 -20.60
CA ILE B 500 30.65 -6.85 -19.40
C ILE B 500 30.53 -5.70 -18.43
N VAL B 501 29.29 -5.23 -18.26
CA VAL B 501 29.04 -3.97 -17.56
C VAL B 501 28.53 -4.37 -16.18
N VAL B 502 29.22 -3.93 -15.13
CA VAL B 502 28.93 -4.42 -13.79
C VAL B 502 28.52 -3.23 -12.95
N VAL B 503 27.20 -3.17 -12.63
CA VAL B 503 26.64 -1.94 -12.07
C VAL B 503 25.86 -2.36 -10.83
N GLY B 504 25.45 -1.38 -10.02
CA GLY B 504 24.56 -1.77 -8.93
C GLY B 504 24.75 -0.88 -7.71
N ASP B 505 24.69 -1.53 -6.54
CA ASP B 505 24.58 -0.76 -5.32
C ASP B 505 25.89 -0.65 -4.59
N LYS B 506 25.90 0.34 -3.66
CA LYS B 506 26.75 0.28 -2.49
C LYS B 506 25.84 0.14 -1.27
N SER B 507 26.01 -0.97 -0.53
CA SER B 507 25.08 -1.27 0.57
C SER B 507 25.66 -0.87 1.92
N GLY B 508 24.81 -0.25 2.77
CA GLY B 508 25.19 0.11 4.12
C GLY B 508 24.20 1.09 4.73
N LEU B 509 24.63 1.79 5.80
CA LEU B 509 23.68 2.54 6.61
C LEU B 509 23.89 4.04 6.45
N THR B 510 24.81 4.46 5.57
CA THR B 510 25.17 5.87 5.52
C THR B 510 24.70 6.50 4.21
N LEU B 511 24.78 7.84 4.14
CA LEU B 511 24.18 8.57 3.01
C LEU B 511 24.76 8.18 1.66
N ASP B 512 26.06 7.81 1.61
CA ASP B 512 26.72 7.43 0.36
C ASP B 512 26.25 6.07 -0.15
N CYS B 513 25.43 5.35 0.66
CA CYS B 513 24.96 4.03 0.24
C CYS B 513 23.62 4.17 -0.48
N THR B 514 23.36 3.22 -1.40
CA THR B 514 22.17 3.25 -2.24
C THR B 514 21.11 2.23 -1.80
N THR B 515 21.54 1.24 -1.02
CA THR B 515 20.63 0.25 -0.48
C THR B 515 21.15 -0.10 0.91
N GLY B 516 20.35 -0.88 1.66
CA GLY B 516 20.68 -1.18 3.05
C GLY B 516 19.70 -0.46 3.98
N GLU B 517 19.70 -0.87 5.25
CA GLU B 517 18.87 -0.23 6.26
C GLU B 517 19.04 1.27 6.19
N SER B 518 17.91 1.98 6.02
CA SER B 518 17.80 3.44 6.02
C SER B 518 18.02 4.03 4.63
N ARG B 519 18.28 3.17 3.62
CA ARG B 519 18.56 3.68 2.29
C ARG B 519 17.45 3.15 1.36
N ASP B 520 16.33 3.90 1.34
CA ASP B 520 15.16 3.46 0.59
C ASP B 520 15.13 4.20 -0.76
N MET B 521 14.72 3.50 -1.84
CA MET B 521 14.86 4.08 -3.17
C MET B 521 13.47 4.17 -3.80
N ALA B 522 12.95 5.39 -3.98
CA ALA B 522 11.56 5.57 -4.42
C ALA B 522 11.35 5.10 -5.85
N ASN B 523 12.30 5.41 -6.77
CA ASN B 523 11.98 5.32 -8.17
C ASN B 523 12.65 4.11 -8.84
N LEU B 524 13.44 3.34 -8.10
CA LEU B 524 13.95 2.05 -8.58
C LEU B 524 14.79 2.16 -9.85
N LYS B 525 15.41 3.30 -10.05
CA LYS B 525 16.38 3.40 -11.15
C LYS B 525 17.74 2.97 -10.60
N LEU B 526 18.54 2.32 -11.44
CA LEU B 526 19.91 2.03 -11.03
C LEU B 526 20.55 3.33 -10.57
N PRO B 527 21.37 3.28 -9.49
CA PRO B 527 21.89 4.51 -8.91
C PRO B 527 22.77 5.31 -9.85
N GLY B 528 22.77 6.64 -9.65
CA GLY B 528 23.67 7.52 -10.40
C GLY B 528 23.33 7.52 -11.88
N VAL B 529 24.39 7.53 -12.71
CA VAL B 529 24.17 7.50 -14.14
C VAL B 529 24.52 6.11 -14.67
N GLN B 530 24.39 5.07 -13.82
CA GLN B 530 24.75 3.72 -14.29
C GLN B 530 23.85 3.25 -15.42
N GLU B 531 22.57 3.63 -15.41
CA GLU B 531 21.70 3.16 -16.50
C GLU B 531 22.19 3.80 -17.81
N GLU B 532 22.53 5.09 -17.77
CA GLU B 532 23.04 5.78 -18.96
C GLU B 532 24.35 5.16 -19.40
N LEU B 533 25.19 4.72 -18.46
CA LEU B 533 26.42 4.02 -18.80
C LEU B 533 26.12 2.76 -19.63
N VAL B 534 25.17 1.95 -19.14
CA VAL B 534 24.81 0.76 -19.88
C VAL B 534 24.37 1.15 -21.28
N LEU B 535 23.47 2.16 -21.38
CA LEU B 535 22.90 2.45 -22.69
C LEU B 535 23.99 2.99 -23.63
N GLU B 536 24.96 3.75 -23.10
CA GLU B 536 25.99 4.32 -23.97
C GLU B 536 26.87 3.20 -24.49
N VAL B 537 27.19 2.24 -23.63
CA VAL B 537 28.03 1.12 -24.04
C VAL B 537 27.27 0.33 -25.12
N ALA B 538 25.97 0.09 -24.91
CA ALA B 538 25.20 -0.70 -25.87
C ALA B 538 25.14 -0.01 -27.25
N LYS B 539 25.20 1.32 -27.28
CA LYS B 539 25.14 2.05 -28.55
C LYS B 539 26.36 1.76 -29.44
N THR B 540 27.42 1.15 -28.88
CA THR B 540 28.59 0.82 -29.68
C THR B 540 28.25 -0.32 -30.64
N GLY B 541 27.17 -1.07 -30.36
CA GLY B 541 26.85 -2.24 -31.16
C GLY B 541 27.55 -3.51 -30.71
N LYS B 542 28.44 -3.44 -29.70
CA LYS B 542 29.11 -4.64 -29.21
C LYS B 542 28.15 -5.45 -28.31
N PRO B 543 28.27 -6.79 -28.21
CA PRO B 543 27.43 -7.54 -27.27
C PRO B 543 27.67 -7.06 -25.84
N VAL B 544 26.59 -7.03 -25.04
CA VAL B 544 26.68 -6.55 -23.67
C VAL B 544 26.11 -7.62 -22.74
N VAL B 545 26.91 -8.02 -21.78
CA VAL B 545 26.50 -8.78 -20.60
C VAL B 545 26.38 -7.81 -19.45
N LEU B 546 25.15 -7.68 -18.90
CA LEU B 546 24.93 -6.75 -17.79
C LEU B 546 24.90 -7.60 -16.53
N VAL B 547 25.73 -7.21 -15.56
CA VAL B 547 25.86 -7.91 -14.31
C VAL B 547 25.40 -6.95 -13.22
N LEU B 548 24.29 -7.30 -12.53
CA LEU B 548 23.76 -6.40 -11.50
C LEU B 548 24.27 -6.89 -10.16
N ILE B 549 25.08 -6.09 -9.48
CA ILE B 549 25.49 -6.46 -8.13
C ILE B 549 24.75 -5.52 -7.20
N THR B 550 23.58 -6.00 -6.72
CA THR B 550 22.64 -5.09 -6.10
C THR B 550 21.98 -5.79 -4.91
N GLY B 551 21.32 -4.95 -4.10
CA GLY B 551 20.62 -5.44 -2.92
C GLY B 551 19.09 -5.49 -3.14
N ARG B 552 18.59 -4.95 -4.26
CA ARG B 552 17.14 -4.91 -4.49
C ARG B 552 16.88 -5.06 -5.98
N PRO B 553 15.66 -5.46 -6.40
CA PRO B 553 15.24 -5.37 -7.79
C PRO B 553 15.33 -3.90 -8.20
N TYR B 554 15.83 -3.66 -9.42
CA TYR B 554 15.81 -2.37 -10.06
C TYR B 554 14.93 -2.50 -11.28
N SER B 555 14.38 -1.37 -11.73
CA SER B 555 13.64 -1.32 -12.97
C SER B 555 14.61 -1.51 -14.14
N LEU B 556 14.41 -2.57 -14.92
CA LEU B 556 15.33 -2.78 -16.04
C LEU B 556 14.64 -2.51 -17.36
N LYS B 557 13.43 -1.91 -17.34
CA LYS B 557 12.59 -1.70 -18.50
C LYS B 557 13.39 -1.06 -19.65
N ASN B 558 14.26 -0.12 -19.30
CA ASN B 558 14.94 0.72 -20.30
C ASN B 558 16.21 0.07 -20.84
N VAL B 559 16.67 -1.04 -20.23
CA VAL B 559 17.92 -1.63 -20.71
C VAL B 559 17.68 -3.06 -21.20
N VAL B 560 16.59 -3.72 -20.76
CA VAL B 560 16.45 -5.14 -21.01
C VAL B 560 16.59 -5.46 -22.51
N ASP B 561 16.00 -4.62 -23.36
CA ASP B 561 15.99 -5.01 -24.77
C ASP B 561 17.26 -4.52 -25.45
N LYS B 562 18.15 -3.87 -24.68
CA LYS B 562 19.34 -3.28 -25.30
C LYS B 562 20.60 -4.08 -24.96
N VAL B 563 20.47 -5.12 -24.14
CA VAL B 563 21.61 -5.92 -23.73
C VAL B 563 21.33 -7.39 -24.04
N ASN B 564 22.39 -8.20 -24.10
CA ASN B 564 22.25 -9.55 -24.64
C ASN B 564 21.96 -10.55 -23.51
N ALA B 565 22.55 -10.30 -22.35
CA ALA B 565 22.32 -11.16 -21.20
C ALA B 565 22.29 -10.30 -19.96
N ILE B 566 21.62 -10.83 -18.91
CA ILE B 566 21.56 -10.12 -17.64
C ILE B 566 21.72 -11.16 -16.54
N LEU B 567 22.70 -10.92 -15.64
CA LEU B 567 22.89 -11.71 -14.44
C LEU B 567 22.54 -10.86 -13.23
N GLN B 568 21.67 -11.41 -12.35
CA GLN B 568 21.43 -10.77 -11.08
C GLN B 568 22.33 -11.45 -10.03
N VAL B 569 23.17 -10.62 -9.40
CA VAL B 569 24.09 -11.11 -8.40
C VAL B 569 23.74 -10.37 -7.11
N TRP B 570 22.84 -10.95 -6.32
CA TRP B 570 22.56 -10.32 -5.04
C TRP B 570 23.87 -10.24 -4.27
N LEU B 571 24.12 -9.10 -3.62
CA LEU B 571 25.33 -8.83 -2.86
C LEU B 571 26.00 -10.07 -2.29
N PRO B 572 27.08 -10.53 -2.96
CA PRO B 572 27.54 -11.91 -2.78
C PRO B 572 28.63 -12.10 -1.74
N GLY B 573 29.12 -11.00 -1.15
CA GLY B 573 30.17 -11.14 -0.16
C GLY B 573 31.46 -11.65 -0.83
N GLU B 574 32.31 -12.34 -0.05
CA GLU B 574 33.69 -12.58 -0.47
C GLU B 574 33.81 -13.55 -1.66
N ALA B 575 32.82 -14.42 -1.87
CA ALA B 575 32.89 -15.43 -2.93
C ALA B 575 32.33 -14.92 -4.25
N GLY B 576 31.89 -13.65 -4.28
CA GLY B 576 31.21 -13.09 -5.45
C GLY B 576 32.03 -13.14 -6.74
N GLY B 577 33.28 -12.68 -6.69
CA GLY B 577 34.00 -12.56 -7.97
C GLY B 577 34.14 -13.90 -8.66
N ARG B 578 34.59 -14.92 -7.93
CA ARG B 578 34.81 -16.24 -8.49
C ARG B 578 33.51 -16.81 -9.06
N ALA B 579 32.41 -16.70 -8.29
CA ALA B 579 31.16 -17.26 -8.76
C ALA B 579 30.68 -16.60 -10.04
N ILE B 580 30.79 -15.26 -10.14
CA ILE B 580 30.34 -14.55 -11.34
C ILE B 580 31.14 -15.04 -12.55
N VAL B 581 32.47 -15.12 -12.40
CA VAL B 581 33.29 -15.47 -13.56
C VAL B 581 33.09 -16.94 -13.91
N ASP B 582 32.93 -17.80 -12.90
CA ASP B 582 32.60 -19.21 -13.19
C ASP B 582 31.31 -19.32 -14.01
N ILE B 583 30.28 -18.53 -13.64
CA ILE B 583 29.03 -18.59 -14.37
C ILE B 583 29.18 -18.01 -15.79
N ILE B 584 29.87 -16.87 -15.90
CA ILE B 584 29.98 -16.26 -17.22
C ILE B 584 30.60 -17.24 -18.23
N TYR B 585 31.59 -18.01 -17.78
CA TYR B 585 32.32 -18.90 -18.69
C TYR B 585 31.77 -20.31 -18.67
N GLY B 586 30.69 -20.54 -17.90
CA GLY B 586 30.07 -21.86 -17.96
C GLY B 586 30.77 -22.94 -17.13
N LYS B 587 31.74 -22.59 -16.28
CA LYS B 587 32.33 -23.55 -15.36
C LYS B 587 31.27 -23.94 -14.32
N VAL B 588 30.34 -23.00 -14.05
CA VAL B 588 29.14 -23.32 -13.25
C VAL B 588 27.92 -22.97 -14.11
N ASN B 589 26.91 -23.83 -14.09
CA ASN B 589 25.70 -23.60 -14.84
C ASN B 589 24.78 -22.82 -13.88
N PRO B 590 24.36 -21.59 -14.21
CA PRO B 590 23.55 -20.81 -13.27
C PRO B 590 22.27 -21.57 -12.91
N SER B 591 21.85 -21.43 -11.64
CA SER B 591 20.68 -22.19 -11.20
C SER B 591 19.84 -21.42 -10.20
N GLY B 592 20.21 -20.17 -9.91
CA GLY B 592 19.39 -19.37 -8.99
C GLY B 592 18.02 -19.07 -9.58
N LYS B 593 17.02 -18.85 -8.69
CA LYS B 593 15.68 -18.45 -9.14
C LYS B 593 15.23 -17.25 -8.31
N LEU B 594 14.53 -16.29 -8.95
CA LEU B 594 14.10 -15.10 -8.20
C LEU B 594 13.22 -15.48 -7.01
N PRO B 595 13.53 -14.96 -5.81
CA PRO B 595 12.65 -15.11 -4.65
C PRO B 595 11.76 -13.87 -4.47
N ILE B 596 11.87 -12.91 -5.40
CA ILE B 596 11.07 -11.68 -5.36
C ILE B 596 10.86 -11.21 -6.79
N SER B 597 9.65 -10.72 -7.10
CA SER B 597 9.33 -10.25 -8.44
C SER B 597 10.15 -8.99 -8.78
N PHE B 598 10.53 -8.85 -10.07
CA PHE B 598 11.17 -7.60 -10.51
C PHE B 598 10.17 -6.69 -11.20
N PRO B 599 9.80 -5.53 -10.60
CA PRO B 599 8.81 -4.66 -11.24
C PRO B 599 9.38 -4.05 -12.52
N ARG B 600 8.49 -3.74 -13.46
N ARG B 600 8.50 -3.73 -13.46
CA ARG B 600 8.86 -2.96 -14.63
CA ARG B 600 8.87 -2.94 -14.64
C ARG B 600 9.22 -1.53 -14.24
C ARG B 600 9.22 -1.50 -14.24
N SER B 601 8.58 -1.00 -13.18
CA SER B 601 8.78 0.38 -12.74
C SER B 601 8.21 0.52 -11.33
N ALA B 602 8.65 1.58 -10.63
CA ALA B 602 8.20 1.75 -9.26
C ALA B 602 6.68 1.90 -9.17
N GLY B 603 6.08 2.51 -10.20
CA GLY B 603 4.65 2.78 -10.20
C GLY B 603 3.81 1.52 -10.26
N GLN B 604 4.42 0.37 -10.60
CA GLN B 604 3.72 -0.89 -10.62
C GLN B 604 3.70 -1.54 -9.23
N ILE B 605 4.37 -0.96 -8.22
CA ILE B 605 4.50 -1.66 -6.95
C ILE B 605 3.14 -1.67 -6.26
N PRO B 606 2.68 -2.80 -5.67
CA PRO B 606 3.43 -4.06 -5.62
C PRO B 606 3.06 -5.03 -6.73
N VAL B 607 4.02 -5.88 -7.10
CA VAL B 607 3.79 -7.01 -7.98
C VAL B 607 4.30 -8.25 -7.23
N PHE B 608 3.47 -9.30 -7.22
CA PHE B 608 3.83 -10.52 -6.51
C PHE B 608 3.03 -11.67 -7.10
N HIS B 609 3.53 -12.91 -6.93
CA HIS B 609 2.96 -13.98 -7.76
C HIS B 609 1.60 -14.48 -7.24
N TYR B 610 1.31 -14.24 -5.96
CA TYR B 610 0.16 -14.87 -5.30
C TYR B 610 -1.02 -13.89 -5.16
N VAL B 611 -1.14 -12.96 -6.11
CA VAL B 611 -2.34 -12.11 -6.19
C VAL B 611 -3.63 -12.94 -6.24
N LYS B 612 -4.68 -12.31 -5.70
CA LYS B 612 -6.05 -12.80 -5.79
C LYS B 612 -6.51 -12.62 -7.24
N PRO B 613 -7.71 -13.13 -7.62
CA PRO B 613 -8.18 -13.01 -9.01
C PRO B 613 -8.26 -11.55 -9.47
N SER B 614 -8.55 -10.65 -8.52
CA SER B 614 -8.65 -9.20 -8.78
C SER B 614 -7.31 -8.48 -8.61
N GLY B 615 -6.29 -9.20 -8.12
CA GLY B 615 -4.96 -8.60 -8.02
C GLY B 615 -4.15 -8.79 -9.31
N GLY B 616 -3.08 -8.01 -9.42
CA GLY B 616 -2.14 -8.17 -10.53
C GLY B 616 -2.71 -7.69 -11.87
N ARG B 617 -3.84 -6.94 -11.83
CA ARG B 617 -4.44 -6.41 -13.05
C ARG B 617 -5.31 -5.22 -12.67
N SER B 618 -5.56 -4.35 -13.66
CA SER B 618 -6.52 -3.26 -13.55
C SER B 618 -7.73 -3.66 -14.37
N HIS B 619 -8.92 -3.64 -13.77
CA HIS B 619 -10.09 -4.06 -14.52
C HIS B 619 -10.72 -2.85 -15.20
N TRP B 620 -11.19 -2.95 -16.47
CA TRP B 620 -11.31 -4.16 -17.26
C TRP B 620 -10.38 -4.16 -18.47
N HIS B 621 -9.43 -3.21 -18.54
CA HIS B 621 -8.48 -3.21 -19.66
C HIS B 621 -7.22 -4.03 -19.37
N GLY B 622 -7.02 -4.47 -18.12
CA GLY B 622 -5.92 -5.36 -17.76
C GLY B 622 -4.67 -4.61 -17.30
N ASP B 623 -4.16 -3.76 -18.18
CA ASP B 623 -2.95 -3.02 -17.89
C ASP B 623 -3.28 -1.62 -17.37
N TYR B 624 -2.25 -0.95 -16.86
CA TYR B 624 -2.30 0.49 -16.69
C TYR B 624 -2.29 1.15 -18.07
N VAL B 625 -2.65 2.44 -18.10
CA VAL B 625 -2.55 3.25 -19.32
C VAL B 625 -1.15 3.15 -19.91
N ASP B 626 -0.14 3.20 -19.04
CA ASP B 626 1.24 3.49 -19.40
C ASP B 626 2.18 2.31 -19.11
N GLU B 627 1.64 1.18 -18.64
CA GLU B 627 2.51 0.14 -18.07
C GLU B 627 1.76 -1.18 -18.01
N SER B 628 2.46 -2.28 -18.31
CA SER B 628 1.88 -3.59 -18.07
C SER B 628 1.68 -3.81 -16.56
N THR B 629 0.69 -4.64 -16.19
CA THR B 629 0.53 -5.01 -14.79
C THR B 629 1.37 -6.23 -14.42
N LYS B 630 2.08 -6.82 -15.40
CA LYS B 630 2.93 -7.97 -15.10
C LYS B 630 4.33 -7.50 -14.73
N PRO B 631 5.02 -8.14 -13.74
CA PRO B 631 6.42 -7.81 -13.46
C PRO B 631 7.28 -8.10 -14.69
N LEU B 632 8.44 -7.45 -14.74
CA LEU B 632 9.35 -7.70 -15.87
C LEU B 632 9.92 -9.12 -15.77
N PHE B 633 10.33 -9.54 -14.54
CA PHE B 633 10.70 -10.92 -14.34
C PHE B 633 9.88 -11.45 -13.16
N PRO B 634 9.21 -12.61 -13.33
CA PRO B 634 8.31 -13.08 -12.27
C PRO B 634 9.05 -13.86 -11.18
N PHE B 635 8.34 -14.08 -10.06
CA PHE B 635 8.86 -14.91 -8.98
C PHE B 635 9.20 -16.29 -9.52
N GLY B 636 10.32 -16.83 -9.04
CA GLY B 636 10.74 -18.18 -9.44
C GLY B 636 11.53 -18.18 -10.76
N HIS B 637 11.69 -17.01 -11.38
CA HIS B 637 12.37 -16.98 -12.70
C HIS B 637 13.88 -17.19 -12.56
N GLY B 638 14.42 -18.00 -13.49
CA GLY B 638 15.87 -18.15 -13.51
C GLY B 638 16.23 -19.11 -14.66
N LEU B 639 17.09 -18.65 -15.58
CA LEU B 639 17.40 -19.48 -16.74
C LEU B 639 18.61 -20.37 -16.44
N SER B 640 18.92 -21.26 -17.40
CA SER B 640 20.00 -22.21 -17.28
C SER B 640 20.73 -22.26 -18.64
N TYR B 641 21.94 -22.84 -18.61
CA TYR B 641 22.62 -23.13 -19.88
C TYR B 641 22.20 -24.49 -20.44
N THR B 642 21.28 -25.19 -19.76
CA THR B 642 20.73 -26.44 -20.29
C THR B 642 19.21 -26.30 -20.30
N LYS B 643 18.50 -27.35 -20.76
CA LYS B 643 17.05 -27.33 -20.87
C LYS B 643 16.51 -28.50 -20.03
N PHE B 644 15.41 -28.24 -19.31
CA PHE B 644 14.81 -29.29 -18.48
C PHE B 644 13.43 -29.59 -19.00
N GLU B 645 13.14 -30.87 -19.16
CA GLU B 645 11.86 -31.28 -19.73
C GLU B 645 11.08 -31.99 -18.63
N TYR B 646 9.85 -31.51 -18.39
CA TYR B 646 9.00 -32.03 -17.32
C TYR B 646 7.96 -32.93 -17.96
N SER B 647 7.66 -34.07 -17.32
CA SER B 647 6.72 -35.03 -17.88
C SER B 647 6.07 -35.81 -16.74
N ASN B 648 5.01 -36.56 -17.09
CA ASN B 648 4.50 -37.62 -16.23
C ASN B 648 4.03 -37.08 -14.88
N LEU B 649 3.11 -36.12 -14.92
CA LEU B 649 2.51 -35.61 -13.69
C LEU B 649 1.59 -36.69 -13.09
N ARG B 650 1.81 -37.03 -11.82
CA ARG B 650 0.92 -37.92 -11.08
C ARG B 650 0.43 -37.20 -9.84
N ILE B 651 -0.88 -37.37 -9.56
CA ILE B 651 -1.43 -36.74 -8.35
C ILE B 651 -2.29 -37.81 -7.68
N GLU B 652 -1.88 -38.27 -6.51
CA GLU B 652 -2.61 -39.39 -5.90
C GLU B 652 -2.74 -39.17 -4.40
N PRO B 653 -3.94 -39.43 -3.83
CA PRO B 653 -5.14 -39.78 -4.59
C PRO B 653 -5.82 -38.53 -5.14
N LYS B 654 -6.84 -38.73 -6.00
CA LYS B 654 -7.48 -37.59 -6.65
C LYS B 654 -8.52 -36.92 -5.75
N GLU B 655 -8.98 -37.63 -4.71
CA GLU B 655 -9.93 -37.10 -3.73
C GLU B 655 -9.34 -37.42 -2.36
N VAL B 656 -9.20 -36.37 -1.56
CA VAL B 656 -8.65 -36.55 -0.23
C VAL B 656 -9.55 -35.85 0.77
N PRO B 657 -9.61 -36.37 2.00
CA PRO B 657 -10.39 -35.71 3.04
C PRO B 657 -9.61 -34.52 3.59
N PRO B 658 -10.27 -33.68 4.41
CA PRO B 658 -9.70 -32.40 4.78
C PRO B 658 -8.48 -32.40 5.67
N ALA B 659 -8.09 -33.58 6.21
CA ALA B 659 -6.80 -33.67 6.88
C ALA B 659 -5.97 -34.79 6.23
N GLY B 660 -6.23 -35.05 4.96
CA GLY B 660 -5.51 -36.11 4.24
C GLY B 660 -4.24 -35.54 3.61
N GLU B 661 -3.66 -36.31 2.69
CA GLU B 661 -2.39 -35.93 2.11
C GLU B 661 -2.43 -36.35 0.65
N VAL B 662 -1.90 -35.50 -0.26
CA VAL B 662 -1.79 -35.91 -1.65
C VAL B 662 -0.30 -35.99 -1.98
N VAL B 663 0.03 -36.89 -2.90
CA VAL B 663 1.42 -37.06 -3.31
C VAL B 663 1.46 -36.70 -4.77
N ILE B 664 2.31 -35.70 -5.09
CA ILE B 664 2.40 -35.19 -6.45
C ILE B 664 3.81 -35.54 -6.92
N LYS B 665 3.87 -36.22 -8.08
CA LYS B 665 5.19 -36.54 -8.63
C LYS B 665 5.28 -36.01 -10.05
N VAL B 666 6.51 -35.59 -10.42
CA VAL B 666 6.81 -35.20 -11.80
C VAL B 666 8.19 -35.77 -12.15
N ASP B 667 8.38 -36.10 -13.45
CA ASP B 667 9.71 -36.47 -13.93
C ASP B 667 10.32 -35.22 -14.57
N VAL B 668 11.61 -35.03 -14.31
CA VAL B 668 12.35 -33.93 -14.92
C VAL B 668 13.62 -34.55 -15.50
N GLU B 669 13.84 -34.18 -16.77
CA GLU B 669 15.00 -34.71 -17.48
C GLU B 669 15.82 -33.52 -17.98
N ASN B 670 17.14 -33.62 -17.82
CA ASN B 670 18.05 -32.65 -18.42
C ASN B 670 18.27 -33.06 -19.88
N ILE B 671 17.58 -32.39 -20.82
CA ILE B 671 17.66 -32.82 -22.20
C ILE B 671 18.76 -32.07 -22.96
N GLY B 672 19.48 -31.18 -22.27
CA GLY B 672 20.53 -30.42 -22.94
C GLY B 672 21.88 -31.11 -22.79
N ASP B 673 22.95 -30.31 -22.97
CA ASP B 673 24.28 -30.87 -23.11
C ASP B 673 25.17 -30.51 -21.93
N ARG B 674 24.64 -29.80 -20.94
CA ARG B 674 25.46 -29.46 -19.79
C ARG B 674 24.71 -29.89 -18.52
N ASP B 675 25.46 -30.43 -17.56
CA ASP B 675 24.90 -30.74 -16.25
C ASP B 675 24.34 -29.43 -15.65
N GLY B 676 23.31 -29.55 -14.79
CA GLY B 676 22.83 -28.34 -14.14
C GLY B 676 21.76 -28.68 -13.10
N ASP B 677 21.55 -27.76 -12.16
CA ASP B 677 20.47 -27.90 -11.19
C ASP B 677 19.22 -27.18 -11.70
N GLU B 678 18.06 -27.80 -11.47
CA GLU B 678 16.77 -27.18 -11.75
C GLU B 678 16.07 -26.98 -10.40
N VAL B 679 15.33 -25.89 -10.23
CA VAL B 679 14.54 -25.76 -9.02
C VAL B 679 13.09 -25.95 -9.44
N VAL B 680 12.57 -27.15 -9.18
CA VAL B 680 11.20 -27.49 -9.55
C VAL B 680 10.26 -26.87 -8.50
N GLN B 681 9.24 -26.14 -8.98
CA GLN B 681 8.36 -25.36 -8.09
C GLN B 681 6.93 -25.86 -8.18
N LEU B 682 6.28 -25.98 -6.99
CA LEU B 682 4.86 -26.39 -6.91
C LEU B 682 3.99 -25.18 -6.51
N TYR B 683 3.03 -24.86 -7.36
CA TYR B 683 2.09 -23.76 -7.06
C TYR B 683 0.72 -24.41 -6.90
N ILE B 684 -0.07 -23.85 -5.96
CA ILE B 684 -1.40 -24.38 -5.74
C ILE B 684 -2.38 -23.23 -5.93
N GLY B 685 -3.46 -23.48 -6.66
CA GLY B 685 -4.49 -22.48 -6.82
C GLY B 685 -5.83 -23.00 -6.25
N ARG B 686 -6.71 -22.08 -5.87
CA ARG B 686 -8.00 -22.47 -5.32
C ARG B 686 -8.97 -21.37 -5.75
N GLU B 687 -10.15 -21.81 -6.23
CA GLU B 687 -11.28 -20.91 -6.41
C GLU B 687 -12.48 -21.51 -5.68
N PHE B 688 -13.57 -20.72 -5.52
CA PHE B 688 -14.79 -21.17 -4.88
C PHE B 688 -14.50 -21.66 -3.45
N ALA B 689 -13.63 -20.94 -2.76
CA ALA B 689 -13.55 -20.96 -1.31
C ALA B 689 -14.53 -19.90 -0.80
N SER B 690 -14.67 -19.84 0.53
CA SER B 690 -15.60 -18.88 1.10
C SER B 690 -14.96 -17.49 1.19
N VAL B 691 -13.65 -17.39 0.93
CA VAL B 691 -12.94 -16.12 0.79
C VAL B 691 -12.18 -16.19 -0.54
N THR B 692 -11.74 -15.04 -1.07
CA THR B 692 -10.92 -15.11 -2.28
C THR B 692 -9.54 -15.69 -1.92
N ARG B 693 -8.97 -16.40 -2.92
CA ARG B 693 -7.69 -17.05 -2.67
C ARG B 693 -6.73 -16.70 -3.83
N PRO B 694 -5.39 -16.83 -3.63
CA PRO B 694 -4.42 -16.63 -4.72
C PRO B 694 -4.73 -17.58 -5.86
N VAL B 695 -4.65 -17.05 -7.07
CA VAL B 695 -4.82 -17.85 -8.26
C VAL B 695 -3.71 -18.91 -8.26
N LYS B 696 -2.50 -18.54 -7.84
CA LYS B 696 -1.43 -19.52 -7.62
C LYS B 696 -0.53 -19.02 -6.51
N GLU B 697 -0.09 -19.96 -5.66
N GLU B 697 -0.05 -19.95 -5.68
CA GLU B 697 0.85 -19.59 -4.61
CA GLU B 697 0.84 -19.56 -4.60
C GLU B 697 1.83 -20.73 -4.40
C GLU B 697 1.83 -20.71 -4.36
N LEU B 698 3.11 -20.36 -4.15
CA LEU B 698 4.13 -21.39 -3.96
C LEU B 698 3.82 -22.18 -2.67
N LYS B 699 3.80 -23.51 -2.79
CA LYS B 699 3.54 -24.41 -1.66
C LYS B 699 4.56 -25.56 -1.59
N GLY B 700 5.55 -25.59 -2.50
CA GLY B 700 6.61 -26.57 -2.30
C GLY B 700 7.66 -26.34 -3.38
N PHE B 701 8.86 -26.95 -3.19
CA PHE B 701 9.89 -26.78 -4.21
C PHE B 701 11.00 -27.81 -3.93
N LYS B 702 11.80 -28.09 -4.97
CA LYS B 702 12.96 -28.95 -4.74
C LYS B 702 14.04 -28.60 -5.76
N ARG B 703 15.23 -28.25 -5.24
CA ARG B 703 16.43 -28.15 -6.09
C ARG B 703 16.89 -29.57 -6.43
N VAL B 704 16.98 -29.87 -7.74
CA VAL B 704 17.39 -31.20 -8.17
C VAL B 704 18.61 -31.07 -9.10
N SER B 705 19.68 -31.83 -8.80
CA SER B 705 20.83 -31.90 -9.72
C SER B 705 20.59 -32.94 -10.81
N LEU B 706 20.85 -32.57 -12.07
CA LEU B 706 20.66 -33.49 -13.17
C LEU B 706 21.88 -33.39 -14.09
N LYS B 707 22.60 -34.50 -14.24
CA LYS B 707 23.61 -34.53 -15.29
C LYS B 707 22.94 -34.43 -16.66
N ALA B 708 23.72 -34.03 -17.68
CA ALA B 708 23.18 -34.07 -19.04
C ALA B 708 22.56 -35.45 -19.29
N LYS B 709 21.32 -35.47 -19.84
CA LYS B 709 20.53 -36.65 -20.18
C LYS B 709 20.05 -37.43 -18.95
N GLU B 710 20.24 -36.91 -17.74
CA GLU B 710 19.72 -37.59 -16.55
C GLU B 710 18.25 -37.24 -16.33
N LYS B 711 17.47 -38.21 -15.87
CA LYS B 711 16.06 -38.02 -15.52
C LYS B 711 15.87 -38.49 -14.09
N LYS B 712 15.11 -37.71 -13.30
CA LYS B 712 14.78 -38.08 -11.94
C LYS B 712 13.30 -37.73 -11.72
N THR B 713 12.72 -38.32 -10.66
CA THR B 713 11.37 -37.98 -10.23
C THR B 713 11.47 -37.09 -9.00
N VAL B 714 10.68 -36.00 -9.00
CA VAL B 714 10.61 -35.17 -7.81
C VAL B 714 9.22 -35.43 -7.19
N VAL B 715 9.23 -35.61 -5.86
CA VAL B 715 8.01 -36.05 -5.17
C VAL B 715 7.67 -34.96 -4.15
N PHE B 716 6.43 -34.50 -4.19
CA PHE B 716 5.94 -33.56 -3.17
C PHE B 716 4.85 -34.25 -2.33
N ARG B 717 5.04 -34.29 -1.01
CA ARG B 717 3.98 -34.88 -0.16
C ARG B 717 3.31 -33.71 0.55
N LEU B 718 2.07 -33.43 0.13
CA LEU B 718 1.35 -32.21 0.50
C LEU B 718 0.19 -32.61 1.41
N HIS B 719 0.37 -32.34 2.70
CA HIS B 719 -0.71 -32.52 3.69
C HIS B 719 -1.69 -31.37 3.54
N MET B 720 -3.00 -31.62 3.74
CA MET B 720 -3.98 -30.54 3.56
C MET B 720 -3.77 -29.44 4.60
N ASP B 721 -3.14 -29.78 5.74
CA ASP B 721 -2.82 -28.73 6.72
C ASP B 721 -2.05 -27.56 6.06
N VAL B 722 -1.18 -27.89 5.09
CA VAL B 722 -0.30 -26.90 4.46
C VAL B 722 -1.13 -25.87 3.68
N LEU B 723 -2.34 -26.27 3.26
CA LEU B 723 -3.18 -25.42 2.43
C LEU B 723 -4.18 -24.60 3.24
N ALA B 724 -4.13 -24.68 4.58
CA ALA B 724 -5.16 -24.01 5.38
C ALA B 724 -5.10 -22.49 5.17
N TYR B 725 -6.29 -21.84 5.22
CA TYR B 725 -6.34 -20.37 5.16
C TYR B 725 -7.45 -19.87 6.08
N TYR B 726 -7.50 -18.56 6.31
CA TYR B 726 -8.49 -17.97 7.21
C TYR B 726 -9.78 -17.62 6.49
N ASN B 727 -10.90 -18.01 7.11
CA ASN B 727 -12.20 -17.83 6.49
C ASN B 727 -12.82 -16.49 6.92
N ARG B 728 -14.11 -16.32 6.61
CA ARG B 728 -14.78 -15.06 6.91
C ARG B 728 -14.81 -14.75 8.40
N ASP B 729 -14.83 -15.79 9.23
CA ASP B 729 -14.87 -15.64 10.68
C ASP B 729 -13.50 -15.72 11.33
N MET B 730 -12.42 -15.61 10.52
CA MET B 730 -11.06 -15.66 11.01
C MET B 730 -10.72 -17.01 11.62
N LYS B 731 -11.37 -18.08 11.14
CA LYS B 731 -10.98 -19.43 11.52
C LYS B 731 -10.06 -20.01 10.44
N LEU B 732 -9.03 -20.76 10.87
CA LEU B 732 -8.15 -21.44 9.92
C LEU B 732 -8.84 -22.72 9.45
N VAL B 733 -9.03 -22.86 8.13
CA VAL B 733 -9.88 -23.93 7.62
C VAL B 733 -9.23 -24.62 6.40
N VAL B 734 -9.75 -25.84 6.15
CA VAL B 734 -9.64 -26.49 4.85
C VAL B 734 -11.08 -26.76 4.41
N GLU B 735 -11.45 -26.23 3.25
CA GLU B 735 -12.82 -26.37 2.79
C GLU B 735 -12.85 -27.37 1.63
N PRO B 736 -13.92 -28.15 1.48
CA PRO B 736 -14.01 -29.05 0.35
C PRO B 736 -14.05 -28.24 -0.95
N GLY B 737 -13.58 -28.86 -2.03
CA GLY B 737 -13.51 -28.15 -3.31
C GLY B 737 -12.31 -28.65 -4.11
N GLU B 738 -12.00 -27.97 -5.22
CA GLU B 738 -10.92 -28.45 -6.08
C GLU B 738 -9.71 -27.53 -5.91
N PHE B 739 -8.52 -28.13 -5.88
CA PHE B 739 -7.27 -27.38 -5.86
C PHE B 739 -6.51 -27.64 -7.15
N LYS B 740 -6.00 -26.58 -7.75
CA LYS B 740 -5.23 -26.68 -8.97
C LYS B 740 -3.76 -26.82 -8.62
N VAL B 741 -3.12 -27.79 -9.31
CA VAL B 741 -1.71 -28.11 -9.14
C VAL B 741 -0.96 -27.64 -10.39
N MET B 742 0.09 -26.83 -10.17
CA MET B 742 0.85 -26.25 -11.27
C MET B 742 2.33 -26.42 -10.92
N VAL B 743 3.04 -27.19 -11.75
CA VAL B 743 4.43 -27.51 -11.47
C VAL B 743 5.27 -26.92 -12.62
N GLY B 744 6.36 -26.25 -12.26
CA GLY B 744 7.15 -25.69 -13.37
C GLY B 744 8.44 -25.03 -12.88
N SER B 745 9.05 -24.27 -13.82
CA SER B 745 10.44 -23.81 -13.68
C SER B 745 10.43 -22.37 -13.18
N SER B 746 9.23 -21.73 -13.20
CA SER B 746 9.03 -20.43 -12.49
C SER B 746 7.52 -20.32 -12.22
N SER B 747 7.08 -19.21 -11.62
CA SER B 747 5.66 -19.03 -11.36
C SER B 747 4.91 -18.78 -12.66
N GLU B 748 5.62 -18.36 -13.72
CA GLU B 748 5.00 -18.20 -15.04
C GLU B 748 5.27 -19.40 -15.95
N ASP B 749 6.46 -20.00 -15.82
CA ASP B 749 6.89 -21.11 -16.69
C ASP B 749 6.34 -22.42 -16.12
N ILE B 750 5.02 -22.55 -16.12
CA ILE B 750 4.36 -23.76 -15.63
C ILE B 750 4.44 -24.79 -16.73
N ARG B 751 4.84 -26.01 -16.35
CA ARG B 751 5.08 -27.04 -17.36
C ARG B 751 4.02 -28.13 -17.32
N LEU B 752 3.46 -28.45 -16.13
CA LEU B 752 2.43 -29.50 -16.04
C LEU B 752 1.35 -29.02 -15.07
N THR B 753 0.09 -29.31 -15.40
CA THR B 753 -1.02 -28.87 -14.53
C THR B 753 -1.99 -30.01 -14.32
N GLY B 754 -2.62 -30.02 -13.14
CA GLY B 754 -3.62 -31.04 -12.85
C GLY B 754 -4.44 -30.54 -11.65
N SER B 755 -5.23 -31.43 -11.04
CA SER B 755 -6.01 -30.96 -9.90
C SER B 755 -6.33 -32.17 -9.02
N PHE B 756 -6.72 -31.87 -7.78
CA PHE B 756 -7.30 -32.87 -6.91
C PHE B 756 -8.42 -32.18 -6.10
N SER B 757 -9.26 -33.00 -5.42
CA SER B 757 -10.41 -32.45 -4.71
C SER B 757 -10.31 -32.81 -3.23
N VAL B 758 -10.67 -31.85 -2.38
CA VAL B 758 -10.91 -32.17 -0.98
C VAL B 758 -12.39 -32.50 -0.88
N VAL B 759 -12.68 -33.64 -0.25
CA VAL B 759 -14.04 -34.15 -0.12
C VAL B 759 -14.33 -34.32 1.37
N GLY B 760 -15.52 -33.82 1.78
CA GLY B 760 -16.01 -34.01 3.15
C GLY B 760 -16.42 -32.67 3.74
N GLU B 761 -16.52 -32.60 5.07
CA GLU B 761 -17.10 -31.42 5.68
C GLU B 761 -15.97 -30.41 5.88
N LYS B 762 -16.29 -29.12 5.83
CA LYS B 762 -15.34 -28.08 6.15
C LYS B 762 -14.67 -28.39 7.49
N ARG B 763 -13.36 -28.21 7.54
CA ARG B 763 -12.56 -28.53 8.71
C ARG B 763 -11.96 -27.26 9.30
N GLU B 764 -12.14 -27.07 10.62
CA GLU B 764 -11.33 -26.09 11.32
C GLU B 764 -10.03 -26.75 11.77
N VAL B 765 -8.92 -26.13 11.39
CA VAL B 765 -7.61 -26.67 11.65
C VAL B 765 -7.19 -26.13 13.02
N VAL B 766 -7.20 -26.98 14.06
CA VAL B 766 -6.92 -26.47 15.40
C VAL B 766 -5.63 -27.10 15.93
N GLY B 767 -4.94 -26.33 16.75
CA GLY B 767 -3.71 -26.81 17.37
C GLY B 767 -2.57 -26.95 16.36
N MET B 768 -1.63 -27.84 16.65
CA MET B 768 -0.48 -28.02 15.78
C MET B 768 -0.93 -28.59 14.45
N ARG B 769 -0.26 -28.14 13.39
CA ARG B 769 -0.59 -28.59 12.05
C ARG B 769 0.73 -28.56 11.27
N LYS B 770 0.76 -29.26 10.14
CA LYS B 770 1.93 -29.20 9.24
C LYS B 770 1.98 -27.86 8.51
N PHE B 771 3.20 -27.34 8.33
CA PHE B 771 3.43 -26.08 7.60
C PHE B 771 3.98 -26.33 6.20
N PHE B 772 4.73 -27.44 6.01
CA PHE B 772 5.52 -27.57 4.79
C PHE B 772 5.17 -28.84 4.03
N THR B 773 5.33 -28.75 2.70
CA THR B 773 5.28 -29.89 1.80
C THR B 773 6.63 -30.59 1.96
N GLU B 774 6.64 -31.93 2.02
CA GLU B 774 7.93 -32.61 2.06
C GLU B 774 8.32 -32.82 0.61
N ALA B 775 9.59 -32.56 0.29
CA ALA B 775 10.01 -32.64 -1.11
C ALA B 775 11.20 -33.57 -1.17
N CYS B 776 11.16 -34.55 -2.08
CA CYS B 776 12.18 -35.59 -2.17
C CYS B 776 12.47 -35.86 -3.63
N GLU B 777 13.54 -36.64 -3.87
CA GLU B 777 13.73 -37.15 -5.22
C GLU B 777 13.70 -38.68 -5.14
N GLU B 778 13.29 -39.34 -6.22
CA GLU B 778 13.44 -40.78 -6.35
C GLU B 778 13.74 -41.13 -7.80
N ALA B 779 14.09 -42.40 -8.05
CA ALA B 779 14.46 -42.83 -9.38
C ALA B 779 13.26 -42.77 -10.30
N ALA B 780 13.46 -42.27 -11.53
CA ALA B 780 12.40 -42.30 -12.54
C ALA B 780 12.34 -43.69 -13.16
N ALA B 781 11.22 -44.07 -13.78
CA ALA B 781 11.08 -45.38 -14.39
C ALA B 781 12.04 -45.53 -15.58
N LEU B 782 12.72 -46.68 -15.62
CA LEU B 782 13.81 -47.03 -16.52
C LEU B 782 13.47 -46.67 -17.99
C1 MPD C . -14.29 -4.78 6.27
C2 MPD C . -14.62 -5.82 7.34
O2 MPD C . -14.58 -7.13 6.69
CM MPD C . -16.02 -5.55 7.88
C3 MPD C . -13.59 -5.85 8.47
C4 MPD C . -13.26 -4.41 8.87
O4 MPD C . -14.39 -3.80 9.54
C5 MPD C . -12.00 -4.15 9.62
C1 MPD D . 15.84 30.40 -16.48
C2 MPD D . 15.32 29.34 -15.51
O2 MPD D . 15.59 29.83 -14.18
CM MPD D . 16.08 28.03 -15.68
C3 MPD D . 13.81 29.11 -15.72
C4 MPD D . 12.90 29.69 -14.67
O4 MPD D . 13.23 31.07 -14.51
C5 MPD D . 11.43 29.55 -15.00
C01 6MJ E . -19.42 0.08 -14.42
O1 6MJ E . -19.00 1.03 -13.38
C1 6MJ E . -19.97 1.35 -12.39
C2 6MJ E . -19.37 2.45 -11.47
C3 6MJ E . -20.41 3.09 -10.57
C4 6MJ E . -21.51 3.64 -11.45
C5 6MJ E . -22.18 2.47 -12.20
O5 6MJ E . -21.16 1.85 -13.04
O4 6MJ E . -22.52 4.25 -10.63
O3 6MJ E . -19.72 4.22 -10.01
O2 6MJ E . -18.39 1.83 -10.57
C1 MPD F . -3.62 6.73 28.28
C2 MPD F . -2.95 8.00 27.79
O2 MPD F . -2.48 8.64 28.98
CM MPD F . -3.92 8.95 27.09
C3 MPD F . -1.78 7.73 26.86
C4 MPD F . -0.52 7.97 27.57
O4 MPD F . -0.20 6.64 27.95
C5 MPD F . 0.56 8.59 26.74
C1 MPD G . -1.28 -6.28 15.16
C2 MPD G . -2.47 -6.39 16.12
O2 MPD G . -2.59 -5.09 16.77
CM MPD G . -2.16 -7.44 17.17
C3 MPD G . -3.80 -6.63 15.41
C4 MPD G . -3.67 -7.64 14.29
O4 MPD G . -3.42 -8.88 14.90
C5 MPD G . -4.80 -7.84 13.35
C01 6MJ H . 19.68 0.13 14.33
O1 6MJ H . 19.07 -0.95 13.59
C1 6MJ H . 18.76 -2.13 14.39
C2 6MJ H . 18.24 -3.16 13.34
C3 6MJ H . 18.20 -4.59 13.79
C4 6MJ H . 19.62 -4.93 14.25
C5 6MJ H . 19.96 -4.00 15.43
O5 6MJ H . 20.05 -2.64 14.90
O4 6MJ H . 19.60 -6.26 14.71
O3 6MJ H . 18.00 -5.42 12.62
O2 6MJ H . 16.85 -2.81 12.94
#